data_1YIF
#
_entry.id   1YIF
#
_cell.length_a   104.230
_cell.length_b   104.610
_cell.length_c   114.600
_cell.angle_alpha   90.00
_cell.angle_beta   108.88
_cell.angle_gamma   90.00
#
_symmetry.space_group_name_H-M   'P 1 21 1'
#
loop_
_entity.id
_entity.type
_entity.pdbx_description
1 polymer BETA-1,4-XYLOSIDASE
2 water water
#
_entity_poly.entity_id   1
_entity_poly.type   'polypeptide(L)'
_entity_poly.pdbx_seq_one_letter_code
;MKITNPVLKGFNPDPSICRAGEDYYIAVSTFEWFPGVQIHHSKDLVNWHLVAHPLQRVSQLDMKGNPNSGGVWAPCLSYS
DGKFWLIYTDVKVVDGAWKDCHNYLVTCETINGDWSEPIKLNSSGFDASLFHDTDGKKYLLNMLWDHRIDRHSFGGIVIQ
EYSDKEQKLIGKPKVIFEGTDRKLTEAPHLYHIGNYYYLLTAEGGTRYEHAATIARSANIEGPYEVHPDNPILTSWHDPG
NPLQKCGHASIVQTHTDEWYLAHLTGRPIHPDDDSIFQQRGYCPLGRETAIQKLYWKDEWPYVVGGKEGSLEVDAPSIPE
TIFEATYPEVDEFEDSTLNINFQTLRIPFTNELGSLTQAPNHLRLFGHESLTSTFTQAFVARRWQSLHFEAETAVEFYPE
NFQQAAGLVNYYNTENWTALQVTHDEELGRILELTICDNFSFSQPLNNKIVIPREVKYVYLRVNIEKDKYYYFYSFNKED
WHKIDIALESKKLSDDYIRGGGFFTGAFVGMQCQDTGGNHIPADFRYFRYKEK
;
_entity_poly.pdbx_strand_id   A,B,C,D
#
# COMPACT_ATOMS: atom_id res chain seq x y z
N LYS A 2 -22.51 -39.13 -17.99
CA LYS A 2 -23.91 -38.92 -17.52
C LYS A 2 -24.11 -37.68 -16.64
N ILE A 3 -23.29 -37.54 -15.59
CA ILE A 3 -23.37 -36.37 -14.72
C ILE A 3 -22.40 -35.33 -15.29
N THR A 4 -22.92 -34.15 -15.63
CA THR A 4 -22.10 -33.08 -16.18
C THR A 4 -21.87 -32.01 -15.13
N ASN A 5 -20.61 -31.85 -14.73
CA ASN A 5 -20.23 -30.87 -13.72
C ASN A 5 -19.86 -29.51 -14.32
N PRO A 6 -20.09 -28.42 -13.58
CA PRO A 6 -20.67 -28.38 -12.23
C PRO A 6 -22.16 -28.66 -12.27
N VAL A 7 -22.64 -29.35 -11.25
CA VAL A 7 -24.04 -29.70 -11.13
C VAL A 7 -24.84 -28.46 -10.69
N LEU A 8 -24.23 -27.65 -9.84
CA LEU A 8 -24.84 -26.41 -9.36
C LEU A 8 -23.94 -25.29 -9.85
N LYS A 9 -24.37 -24.62 -10.91
CA LYS A 9 -23.59 -23.54 -11.51
C LYS A 9 -23.74 -22.20 -10.81
N GLY A 10 -22.71 -21.36 -10.90
CA GLY A 10 -22.73 -20.06 -10.25
C GLY A 10 -22.47 -20.20 -8.76
N PHE A 11 -22.60 -19.08 -8.04
CA PHE A 11 -22.38 -19.01 -6.60
C PHE A 11 -23.17 -20.08 -5.82
N ASN A 12 -22.51 -21.20 -5.55
CA ASN A 12 -23.10 -22.34 -4.83
C ASN A 12 -21.96 -23.14 -4.19
N PRO A 13 -21.31 -22.57 -3.16
CA PRO A 13 -20.18 -23.22 -2.48
C PRO A 13 -20.54 -24.15 -1.31
N ASP A 14 -19.51 -24.79 -0.78
CA ASP A 14 -19.60 -25.68 0.38
C ASP A 14 -20.81 -26.62 0.36
N PRO A 15 -20.89 -27.50 -0.63
CA PRO A 15 -22.01 -28.45 -0.74
C PRO A 15 -22.08 -29.48 0.37
N SER A 16 -23.29 -29.61 0.94
CA SER A 16 -23.56 -30.56 2.01
C SER A 16 -24.67 -31.47 1.46
N ILE A 17 -24.27 -32.59 0.88
CA ILE A 17 -25.22 -33.52 0.29
C ILE A 17 -25.72 -34.55 1.32
N CYS A 18 -27.01 -34.85 1.26
CA CYS A 18 -27.60 -35.82 2.17
C CYS A 18 -28.76 -36.53 1.49
N ARG A 19 -29.03 -37.76 1.92
CA ARG A 19 -30.12 -38.54 1.35
C ARG A 19 -31.29 -38.71 2.31
N ALA A 20 -32.49 -38.63 1.77
CA ALA A 20 -33.71 -38.79 2.54
C ALA A 20 -34.58 -39.76 1.73
N GLY A 21 -34.40 -41.05 1.98
CA GLY A 21 -35.14 -42.06 1.24
C GLY A 21 -34.55 -42.15 -0.15
N GLU A 22 -35.32 -41.75 -1.16
CA GLU A 22 -34.84 -41.78 -2.54
C GLU A 22 -34.68 -40.36 -3.09
N ASP A 23 -34.60 -39.39 -2.18
CA ASP A 23 -34.44 -37.99 -2.54
C ASP A 23 -33.06 -37.52 -2.11
N TYR A 24 -32.46 -36.65 -2.91
CA TYR A 24 -31.12 -36.13 -2.62
C TYR A 24 -31.13 -34.61 -2.54
N TYR A 25 -30.47 -34.08 -1.53
CA TYR A 25 -30.41 -32.63 -1.33
C TYR A 25 -28.99 -32.13 -1.11
N ILE A 26 -28.73 -30.90 -1.56
CA ILE A 26 -27.43 -30.27 -1.38
C ILE A 26 -27.64 -28.86 -0.85
N ALA A 27 -27.16 -28.62 0.37
CA ALA A 27 -27.27 -27.31 0.99
C ALA A 27 -25.95 -26.58 0.72
N VAL A 28 -26.05 -25.32 0.29
CA VAL A 28 -24.87 -24.52 0.00
C VAL A 28 -24.86 -23.21 0.78
N SER A 29 -23.68 -22.62 0.93
CA SER A 29 -23.52 -21.36 1.65
C SER A 29 -24.06 -20.18 0.86
N THR A 30 -24.57 -19.18 1.57
CA THR A 30 -25.14 -17.99 0.94
C THR A 30 -24.55 -16.69 1.49
N PHE A 31 -23.78 -16.78 2.57
CA PHE A 31 -23.11 -15.63 3.16
C PHE A 31 -24.03 -14.45 3.44
N GLU A 32 -23.79 -13.31 2.80
CA GLU A 32 -24.63 -12.13 3.05
C GLU A 32 -25.96 -12.12 2.28
N TRP A 33 -26.14 -13.03 1.34
CA TRP A 33 -27.38 -13.08 0.56
C TRP A 33 -28.55 -13.69 1.33
N PHE A 34 -29.70 -13.02 1.26
CA PHE A 34 -30.92 -13.45 1.95
C PHE A 34 -32.04 -13.85 0.97
N PRO A 35 -32.82 -14.89 1.31
CA PRO A 35 -32.79 -15.75 2.50
C PRO A 35 -31.53 -16.64 2.44
N GLY A 36 -30.99 -16.96 3.61
CA GLY A 36 -29.82 -17.83 3.66
C GLY A 36 -30.05 -19.31 3.37
N VAL A 37 -28.94 -19.97 3.02
CA VAL A 37 -28.83 -21.39 2.70
C VAL A 37 -29.69 -21.75 1.50
N GLN A 38 -29.04 -22.20 0.42
CA GLN A 38 -29.76 -22.62 -0.78
C GLN A 38 -29.78 -24.13 -0.74
N ILE A 39 -30.94 -24.73 -0.93
CA ILE A 39 -31.02 -26.19 -0.95
C ILE A 39 -31.56 -26.67 -2.28
N HIS A 40 -30.78 -27.53 -2.94
CA HIS A 40 -31.16 -28.06 -4.23
C HIS A 40 -31.60 -29.51 -4.07
N HIS A 41 -32.48 -29.97 -4.95
CA HIS A 41 -33.00 -31.32 -4.89
C HIS A 41 -32.73 -32.11 -6.17
N SER A 42 -32.67 -33.44 -6.04
CA SER A 42 -32.42 -34.31 -7.17
C SER A 42 -32.86 -35.74 -6.86
N LYS A 43 -33.13 -36.49 -7.92
CA LYS A 43 -33.53 -37.89 -7.80
C LYS A 43 -32.43 -38.78 -8.37
N ASP A 44 -31.81 -38.33 -9.46
CA ASP A 44 -30.76 -39.08 -10.14
C ASP A 44 -29.34 -38.54 -10.04
N LEU A 45 -29.16 -37.47 -9.28
CA LEU A 45 -27.85 -36.81 -9.10
C LEU A 45 -27.34 -36.13 -10.36
N VAL A 46 -28.08 -36.25 -11.46
CA VAL A 46 -27.71 -35.63 -12.71
C VAL A 46 -28.44 -34.31 -12.87
N ASN A 47 -29.76 -34.37 -12.70
CA ASN A 47 -30.63 -33.20 -12.82
C ASN A 47 -30.98 -32.63 -11.46
N TRP A 48 -30.74 -31.32 -11.30
CA TRP A 48 -31.02 -30.62 -10.04
C TRP A 48 -31.92 -29.41 -10.23
N HIS A 49 -32.47 -28.92 -9.13
CA HIS A 49 -33.32 -27.73 -9.13
C HIS A 49 -33.39 -27.10 -7.75
N LEU A 50 -33.34 -25.77 -7.72
CA LEU A 50 -33.40 -25.01 -6.47
C LEU A 50 -34.80 -25.15 -5.88
N VAL A 51 -34.88 -25.58 -4.63
CA VAL A 51 -36.17 -25.78 -3.99
C VAL A 51 -36.44 -25.03 -2.68
N ALA A 52 -35.40 -24.60 -1.98
CA ALA A 52 -35.62 -23.92 -0.71
C ALA A 52 -34.41 -23.20 -0.08
N HIS A 53 -34.80 -22.22 0.74
CA HIS A 53 -33.97 -21.30 1.52
C HIS A 53 -34.53 -21.29 2.94
N PRO A 54 -34.07 -22.22 3.79
CA PRO A 54 -34.50 -22.37 5.18
C PRO A 54 -34.55 -21.11 6.05
N LEU A 55 -33.47 -20.33 6.03
CA LEU A 55 -33.39 -19.12 6.84
C LEU A 55 -34.11 -17.92 6.22
N GLN A 56 -35.41 -17.82 6.47
CA GLN A 56 -36.24 -16.75 5.93
C GLN A 56 -36.63 -15.68 6.95
N ARG A 57 -36.45 -15.98 8.24
CA ARG A 57 -36.82 -15.04 9.29
C ARG A 57 -35.63 -14.38 9.96
N VAL A 58 -35.82 -13.13 10.38
CA VAL A 58 -34.77 -12.36 11.05
C VAL A 58 -34.37 -13.02 12.37
N SER A 59 -35.32 -13.70 13.01
CA SER A 59 -35.06 -14.38 14.27
C SER A 59 -34.09 -15.54 14.05
N GLN A 60 -34.08 -16.07 12.83
CA GLN A 60 -33.19 -17.16 12.46
C GLN A 60 -31.87 -16.58 11.96
N LEU A 61 -31.97 -15.55 11.12
CA LEU A 61 -30.79 -14.94 10.54
C LEU A 61 -30.90 -13.42 10.44
N ASP A 62 -30.10 -12.74 11.26
CA ASP A 62 -30.09 -11.28 11.28
C ASP A 62 -28.70 -10.85 10.78
N MET A 63 -28.63 -10.45 9.52
CA MET A 63 -27.36 -10.04 8.93
C MET A 63 -27.21 -8.56 8.58
N LYS A 64 -28.04 -7.72 9.17
CA LYS A 64 -27.95 -6.28 8.90
C LYS A 64 -26.63 -5.78 9.48
N GLY A 65 -25.81 -5.20 8.62
CA GLY A 65 -24.51 -4.69 9.05
C GLY A 65 -23.37 -5.67 8.88
N ASN A 66 -23.69 -6.92 8.53
CA ASN A 66 -22.66 -7.95 8.35
C ASN A 66 -21.66 -7.56 7.27
N PRO A 67 -20.37 -7.86 7.48
CA PRO A 67 -19.32 -7.54 6.51
C PRO A 67 -19.48 -8.41 5.26
N ASN A 68 -18.85 -7.99 4.17
CA ASN A 68 -18.92 -8.76 2.93
C ASN A 68 -18.36 -10.16 3.16
N SER A 69 -19.05 -11.15 2.62
CA SER A 69 -18.63 -12.57 2.79
C SER A 69 -18.75 -13.10 4.21
N GLY A 70 -19.49 -12.36 5.02
CA GLY A 70 -19.74 -12.79 6.38
C GLY A 70 -21.03 -13.56 6.34
N GLY A 71 -21.67 -13.63 7.49
CA GLY A 71 -22.94 -14.32 7.56
C GLY A 71 -22.85 -15.82 7.42
N VAL A 72 -23.73 -16.39 6.61
CA VAL A 72 -23.81 -17.83 6.39
C VAL A 72 -22.66 -18.49 5.64
N TRP A 73 -21.79 -19.15 6.39
CA TRP A 73 -20.66 -19.87 5.80
C TRP A 73 -21.12 -21.30 5.49
N ALA A 74 -20.19 -22.22 5.38
CA ALA A 74 -20.51 -23.61 5.07
C ALA A 74 -21.57 -24.22 6.00
N PRO A 75 -22.69 -24.69 5.43
CA PRO A 75 -23.77 -25.31 6.19
C PRO A 75 -23.66 -26.83 6.21
N CYS A 76 -24.45 -27.48 7.06
CA CYS A 76 -24.47 -28.94 7.15
C CYS A 76 -25.91 -29.42 7.21
N LEU A 77 -26.34 -30.10 6.15
CA LEU A 77 -27.69 -30.62 6.07
C LEU A 77 -27.68 -32.13 6.25
N SER A 78 -28.48 -32.62 7.18
CA SER A 78 -28.56 -34.05 7.43
C SER A 78 -30.01 -34.49 7.62
N TYR A 79 -30.24 -35.80 7.56
CA TYR A 79 -31.59 -36.34 7.74
C TYR A 79 -31.52 -37.49 8.75
N SER A 80 -32.34 -37.40 9.79
CA SER A 80 -32.36 -38.41 10.84
C SER A 80 -33.60 -38.25 11.71
N ASP A 81 -34.09 -39.36 12.25
CA ASP A 81 -35.26 -39.37 13.13
C ASP A 81 -36.50 -38.71 12.50
N GLY A 82 -36.65 -38.89 11.20
CA GLY A 82 -37.80 -38.33 10.49
C GLY A 82 -37.82 -36.84 10.26
N LYS A 83 -36.65 -36.20 10.22
CA LYS A 83 -36.58 -34.76 9.96
C LYS A 83 -35.21 -34.30 9.50
N PHE A 84 -35.16 -33.10 8.93
CA PHE A 84 -33.91 -32.53 8.44
C PHE A 84 -33.28 -31.68 9.54
N TRP A 85 -31.96 -31.73 9.62
CA TRP A 85 -31.21 -30.96 10.61
C TRP A 85 -30.27 -30.03 9.85
N LEU A 86 -30.37 -28.74 10.09
CA LEU A 86 -29.51 -27.78 9.42
C LEU A 86 -28.63 -27.00 10.38
N ILE A 87 -27.32 -27.18 10.24
CA ILE A 87 -26.35 -26.48 11.06
C ILE A 87 -25.83 -25.33 10.21
N TYR A 88 -25.91 -24.11 10.72
CA TYR A 88 -25.42 -22.94 9.99
C TYR A 88 -24.65 -22.01 10.91
N THR A 89 -23.89 -21.11 10.30
CA THR A 89 -23.08 -20.17 11.05
C THR A 89 -23.35 -18.73 10.62
N ASP A 90 -23.17 -17.80 11.55
CA ASP A 90 -23.35 -16.38 11.27
C ASP A 90 -22.03 -15.72 11.64
N VAL A 91 -21.18 -15.50 10.64
CA VAL A 91 -19.87 -14.89 10.85
C VAL A 91 -19.95 -13.37 10.87
N LYS A 92 -19.57 -12.78 11.99
CA LYS A 92 -19.60 -11.33 12.16
C LYS A 92 -18.29 -10.64 11.79
N VAL A 93 -17.17 -11.34 11.97
CA VAL A 93 -15.85 -10.80 11.67
C VAL A 93 -15.11 -11.71 10.68
N VAL A 94 -14.70 -11.16 9.54
CA VAL A 94 -14.01 -11.94 8.51
C VAL A 94 -12.55 -11.53 8.29
N ASP A 95 -12.05 -10.62 9.13
CA ASP A 95 -10.68 -10.14 9.01
C ASP A 95 -10.02 -10.00 10.38
N GLY A 96 -8.70 -10.06 10.40
CA GLY A 96 -7.96 -9.91 11.65
C GLY A 96 -7.65 -11.23 12.33
N ALA A 97 -7.22 -11.12 13.59
CA ALA A 97 -6.87 -12.29 14.39
C ALA A 97 -8.07 -13.15 14.74
N TRP A 98 -9.22 -12.52 14.90
CA TRP A 98 -10.45 -13.24 15.25
C TRP A 98 -11.36 -13.48 14.05
N LYS A 99 -12.30 -14.40 14.24
CA LYS A 99 -13.29 -14.74 13.21
C LYS A 99 -14.59 -15.01 13.96
N ASP A 100 -15.03 -14.00 14.72
CA ASP A 100 -16.26 -14.10 15.50
C ASP A 100 -17.42 -14.67 14.71
N CYS A 101 -17.96 -15.79 15.18
CA CYS A 101 -19.07 -16.45 14.53
C CYS A 101 -19.87 -17.24 15.54
N HIS A 102 -21.10 -17.61 15.18
CA HIS A 102 -21.96 -18.37 16.09
C HIS A 102 -22.67 -19.45 15.29
N ASN A 103 -22.65 -20.67 15.82
CA ASN A 103 -23.27 -21.82 15.16
C ASN A 103 -24.67 -22.07 15.73
N TYR A 104 -25.60 -22.42 14.85
CA TYR A 104 -26.98 -22.68 15.24
C TYR A 104 -27.53 -23.94 14.59
N LEU A 105 -28.67 -24.42 15.10
CA LEU A 105 -29.33 -25.61 14.58
C LEU A 105 -30.83 -25.33 14.40
N VAL A 106 -31.35 -25.65 13.23
CA VAL A 106 -32.76 -25.50 12.91
C VAL A 106 -33.22 -26.80 12.26
N THR A 107 -34.43 -27.24 12.59
CA THR A 107 -34.98 -28.48 12.03
C THR A 107 -36.32 -28.29 11.31
N CYS A 108 -36.71 -29.29 10.53
CA CYS A 108 -37.96 -29.26 9.79
C CYS A 108 -38.22 -30.64 9.20
N GLU A 109 -39.45 -31.11 9.28
CA GLU A 109 -39.80 -32.42 8.74
C GLU A 109 -39.74 -32.42 7.22
N THR A 110 -39.96 -31.25 6.62
CA THR A 110 -39.89 -31.11 5.17
C THR A 110 -38.76 -30.16 4.79
N ILE A 111 -38.22 -30.31 3.59
CA ILE A 111 -37.12 -29.48 3.12
C ILE A 111 -37.52 -28.02 2.87
N ASN A 112 -38.76 -27.81 2.44
CA ASN A 112 -39.25 -26.47 2.15
C ASN A 112 -40.37 -25.97 3.07
N GLY A 113 -40.47 -26.57 4.25
CA GLY A 113 -41.48 -26.16 5.21
C GLY A 113 -40.95 -25.02 6.06
N ASP A 114 -41.63 -24.72 7.15
CA ASP A 114 -41.18 -23.66 8.04
C ASP A 114 -40.23 -24.22 9.08
N TRP A 115 -38.94 -23.90 8.91
CA TRP A 115 -37.92 -24.36 9.83
C TRP A 115 -38.09 -23.73 11.21
N SER A 116 -37.61 -24.44 12.22
CA SER A 116 -37.72 -24.01 13.61
C SER A 116 -36.83 -22.82 13.96
N GLU A 117 -37.01 -22.31 15.17
CA GLU A 117 -36.18 -21.22 15.66
C GLU A 117 -34.81 -21.83 15.98
N PRO A 118 -33.74 -21.06 15.77
CA PRO A 118 -32.38 -21.54 16.03
C PRO A 118 -32.07 -21.96 17.46
N ILE A 119 -31.24 -23.00 17.57
CA ILE A 119 -30.78 -23.53 18.84
C ILE A 119 -29.30 -23.19 18.90
N LYS A 120 -28.90 -22.42 19.89
CA LYS A 120 -27.49 -22.02 20.04
C LYS A 120 -26.61 -23.23 20.36
N LEU A 121 -25.54 -23.39 19.59
CA LEU A 121 -24.61 -24.49 19.78
C LEU A 121 -23.31 -24.01 20.44
N ASN A 122 -22.40 -23.47 19.64
CA ASN A 122 -21.13 -22.94 20.13
C ASN A 122 -20.61 -21.84 19.21
N SER A 123 -19.41 -21.35 19.50
CA SER A 123 -18.80 -20.28 18.70
C SER A 123 -17.30 -20.47 18.49
N SER A 124 -16.76 -21.61 18.95
CA SER A 124 -15.34 -21.90 18.82
C SER A 124 -14.75 -21.91 17.42
N GLY A 125 -15.61 -21.95 16.41
CA GLY A 125 -15.12 -21.97 15.04
C GLY A 125 -16.22 -22.22 14.04
N PHE A 126 -15.91 -22.05 12.76
CA PHE A 126 -16.89 -22.26 11.70
C PHE A 126 -16.90 -23.70 11.18
N ASP A 127 -17.65 -23.93 10.11
CA ASP A 127 -17.77 -25.26 9.49
C ASP A 127 -18.33 -26.32 10.44
N ALA A 128 -19.35 -25.93 11.21
CA ALA A 128 -20.00 -26.84 12.15
C ALA A 128 -20.78 -27.90 11.37
N SER A 129 -20.79 -29.12 11.89
CA SER A 129 -21.47 -30.23 11.22
C SER A 129 -22.06 -31.19 12.26
N LEU A 130 -23.27 -31.68 12.00
CA LEU A 130 -23.93 -32.62 12.91
C LEU A 130 -23.82 -34.05 12.39
N PHE A 131 -23.27 -34.93 13.23
CA PHE A 131 -23.08 -36.33 12.87
C PHE A 131 -24.05 -37.22 13.66
N HIS A 132 -24.80 -38.05 12.93
CA HIS A 132 -25.76 -38.96 13.55
C HIS A 132 -25.16 -40.37 13.54
N ASP A 133 -24.67 -40.81 14.69
CA ASP A 133 -24.05 -42.12 14.80
C ASP A 133 -25.09 -43.25 14.80
N THR A 134 -24.64 -44.44 14.41
CA THR A 134 -25.52 -45.61 14.35
C THR A 134 -26.10 -46.07 15.69
N ASP A 135 -25.52 -45.59 16.79
CA ASP A 135 -26.00 -45.94 18.12
C ASP A 135 -27.04 -44.97 18.68
N GLY A 136 -27.45 -44.00 17.85
CA GLY A 136 -28.44 -43.04 18.29
C GLY A 136 -27.86 -41.75 18.86
N LYS A 137 -26.55 -41.73 19.07
CA LYS A 137 -25.88 -40.55 19.60
C LYS A 137 -25.57 -39.55 18.50
N LYS A 138 -25.56 -38.27 18.85
CA LYS A 138 -25.28 -37.22 17.88
C LYS A 138 -24.07 -36.41 18.35
N TYR A 139 -23.26 -35.96 17.40
CA TYR A 139 -22.06 -35.21 17.71
C TYR A 139 -21.89 -34.00 16.80
N LEU A 140 -21.40 -32.89 17.36
CA LEU A 140 -21.16 -31.69 16.59
C LEU A 140 -19.67 -31.54 16.32
N LEU A 141 -19.32 -31.34 15.06
CA LEU A 141 -17.94 -31.17 14.63
C LEU A 141 -17.77 -29.75 14.12
N ASN A 142 -16.57 -29.21 14.25
CA ASN A 142 -16.26 -27.86 13.76
C ASN A 142 -14.78 -27.59 13.92
N MET A 143 -14.25 -26.65 13.13
CA MET A 143 -12.84 -26.32 13.22
C MET A 143 -12.62 -25.37 14.39
N LEU A 144 -11.44 -25.43 15.00
CA LEU A 144 -11.12 -24.57 16.12
C LEU A 144 -10.31 -23.37 15.65
N TRP A 145 -10.85 -22.16 15.81
CA TRP A 145 -10.14 -20.96 15.39
C TRP A 145 -9.25 -20.44 16.51
N ASP A 146 -7.95 -20.36 16.24
CA ASP A 146 -6.99 -19.88 17.21
C ASP A 146 -6.52 -18.47 16.82
N HIS A 147 -6.87 -17.49 17.65
CA HIS A 147 -6.52 -16.10 17.40
C HIS A 147 -5.13 -15.70 17.86
N ARG A 148 -4.53 -16.53 18.72
CA ARG A 148 -3.20 -16.27 19.25
C ARG A 148 -2.10 -16.16 18.19
N ILE A 149 -1.31 -15.11 18.29
CA ILE A 149 -0.22 -14.78 17.36
C ILE A 149 0.77 -15.90 17.02
N ASP A 150 1.27 -16.60 18.04
CA ASP A 150 2.25 -17.66 17.82
C ASP A 150 1.71 -19.03 17.38
N ARG A 151 0.48 -19.06 16.87
CA ARG A 151 -0.12 -20.33 16.44
C ARG A 151 -0.96 -20.16 15.18
N HIS A 152 -1.18 -21.29 14.55
CA HIS A 152 -2.01 -21.22 13.35
C HIS A 152 -3.45 -20.96 13.77
N SER A 153 -4.06 -20.19 12.90
CA SER A 153 -5.50 -19.92 13.10
C SER A 153 -6.34 -21.20 13.08
N PHE A 154 -5.94 -22.17 12.27
CA PHE A 154 -6.66 -23.44 12.19
C PHE A 154 -6.10 -24.40 13.24
N GLY A 155 -6.72 -24.39 14.41
CA GLY A 155 -6.27 -25.22 15.52
C GLY A 155 -6.74 -26.66 15.56
N GLY A 156 -7.27 -27.17 14.45
CA GLY A 156 -7.72 -28.55 14.43
C GLY A 156 -9.23 -28.76 14.43
N ILE A 157 -9.64 -30.02 14.43
CA ILE A 157 -11.04 -30.39 14.42
C ILE A 157 -11.50 -30.83 15.81
N VAL A 158 -12.53 -30.17 16.33
CA VAL A 158 -13.07 -30.51 17.64
C VAL A 158 -14.41 -31.24 17.51
N ILE A 159 -14.73 -32.05 18.52
CA ILE A 159 -15.99 -32.78 18.53
C ILE A 159 -16.58 -32.70 19.94
N GLN A 160 -17.91 -32.68 20.00
CA GLN A 160 -18.61 -32.62 21.28
C GLN A 160 -19.99 -33.21 21.05
N GLU A 161 -20.41 -34.08 21.98
CA GLU A 161 -21.71 -34.73 21.87
C GLU A 161 -22.85 -33.73 22.01
N TYR A 162 -23.86 -33.88 21.15
CA TYR A 162 -25.03 -33.01 21.18
C TYR A 162 -26.23 -33.77 21.75
N SER A 163 -26.87 -33.20 22.77
CA SER A 163 -28.03 -33.81 23.38
C SER A 163 -29.29 -33.29 22.68
N ASP A 164 -29.93 -34.18 21.93
CA ASP A 164 -31.15 -33.83 21.21
C ASP A 164 -32.27 -33.46 22.18
N LYS A 165 -32.33 -34.16 23.31
CA LYS A 165 -33.34 -33.91 24.33
C LYS A 165 -33.18 -32.58 25.04
N GLU A 166 -31.96 -32.32 25.50
CA GLU A 166 -31.66 -31.08 26.22
C GLU A 166 -31.40 -29.89 25.30
N GLN A 167 -31.32 -30.18 24.00
CA GLN A 167 -31.06 -29.17 22.97
C GLN A 167 -29.81 -28.34 23.26
N LYS A 168 -28.71 -29.03 23.54
CA LYS A 168 -27.44 -28.37 23.85
C LYS A 168 -26.28 -29.35 23.79
N LEU A 169 -25.07 -28.81 23.69
CA LEU A 169 -23.88 -29.64 23.67
C LEU A 169 -23.59 -30.07 25.11
N ILE A 170 -23.21 -31.34 25.29
CA ILE A 170 -22.92 -31.86 26.61
C ILE A 170 -21.47 -32.31 26.74
N GLY A 171 -21.04 -32.51 27.98
CA GLY A 171 -19.68 -32.95 28.25
C GLY A 171 -18.68 -31.85 27.93
N LYS A 172 -17.53 -32.24 27.38
CA LYS A 172 -16.49 -31.28 27.02
C LYS A 172 -15.97 -31.57 25.61
N PRO A 173 -15.65 -30.52 24.85
CA PRO A 173 -15.14 -30.70 23.49
C PRO A 173 -13.68 -31.15 23.52
N LYS A 174 -13.24 -31.79 22.44
CA LYS A 174 -11.85 -32.25 22.35
C LYS A 174 -11.40 -32.39 20.89
N VAL A 175 -10.12 -32.10 20.66
CA VAL A 175 -9.53 -32.20 19.33
C VAL A 175 -9.30 -33.66 18.96
N ILE A 176 -9.82 -34.06 17.80
CA ILE A 176 -9.68 -35.43 17.33
C ILE A 176 -8.83 -35.54 16.06
N PHE A 177 -8.47 -34.40 15.47
CA PHE A 177 -7.68 -34.39 14.24
C PHE A 177 -6.99 -33.04 14.05
N GLU A 178 -5.73 -33.08 13.65
CA GLU A 178 -4.97 -31.85 13.43
C GLU A 178 -4.56 -31.59 11.99
N GLY A 179 -5.01 -32.46 11.08
CA GLY A 179 -4.70 -32.29 9.67
C GLY A 179 -3.34 -32.75 9.18
N THR A 180 -3.06 -32.47 7.92
CA THR A 180 -1.79 -32.85 7.29
C THR A 180 -0.98 -31.61 6.95
N ASP A 181 0.05 -31.78 6.12
CA ASP A 181 0.90 -30.66 5.72
C ASP A 181 0.18 -29.65 4.81
N ARG A 182 -1.01 -30.02 4.36
CA ARG A 182 -1.82 -29.14 3.51
C ARG A 182 -2.37 -28.01 4.36
N LYS A 183 -2.48 -28.27 5.66
CA LYS A 183 -2.98 -27.31 6.65
C LYS A 183 -4.34 -26.69 6.36
N LEU A 184 -4.68 -25.65 7.12
CA LEU A 184 -5.96 -24.96 7.01
C LEU A 184 -7.11 -25.98 7.07
N THR A 185 -6.93 -26.95 7.96
CA THR A 185 -7.90 -28.03 8.16
C THR A 185 -9.25 -27.49 8.63
N GLU A 186 -10.28 -27.83 7.87
CA GLU A 186 -11.64 -27.37 8.16
C GLU A 186 -12.65 -28.33 7.55
N ALA A 187 -13.91 -27.89 7.45
CA ALA A 187 -14.98 -28.68 6.86
C ALA A 187 -15.10 -30.12 7.37
N PRO A 188 -15.06 -30.33 8.70
CA PRO A 188 -15.16 -31.69 9.24
C PRO A 188 -16.53 -32.36 9.04
N HIS A 189 -16.50 -33.58 8.53
CA HIS A 189 -17.70 -34.38 8.30
C HIS A 189 -17.38 -35.81 8.70
N LEU A 190 -18.18 -36.38 9.60
CA LEU A 190 -17.94 -37.75 10.06
C LEU A 190 -18.94 -38.73 9.45
N TYR A 191 -18.47 -39.93 9.13
CA TYR A 191 -19.30 -40.97 8.53
C TYR A 191 -18.91 -42.32 9.15
N HIS A 192 -19.90 -43.07 9.63
CA HIS A 192 -19.62 -44.38 10.20
C HIS A 192 -19.93 -45.42 9.13
N ILE A 193 -18.90 -45.85 8.42
CA ILE A 193 -19.06 -46.83 7.35
C ILE A 193 -18.30 -48.12 7.69
N GLY A 194 -19.04 -49.22 7.78
CA GLY A 194 -18.42 -50.49 8.10
C GLY A 194 -17.82 -50.51 9.49
N ASN A 195 -16.55 -50.88 9.57
CA ASN A 195 -15.84 -50.96 10.85
C ASN A 195 -15.01 -49.71 11.16
N TYR A 196 -15.27 -48.62 10.45
CA TYR A 196 -14.52 -47.39 10.66
C TYR A 196 -15.36 -46.11 10.69
N TYR A 197 -14.74 -45.07 11.26
CA TYR A 197 -15.35 -43.75 11.29
C TYR A 197 -14.49 -42.89 10.38
N TYR A 198 -15.01 -42.49 9.24
CA TYR A 198 -14.27 -41.66 8.31
C TYR A 198 -14.47 -40.17 8.51
N LEU A 199 -13.39 -39.49 8.84
CA LEU A 199 -13.42 -38.04 9.04
C LEU A 199 -12.96 -37.34 7.77
N LEU A 200 -13.89 -36.68 7.10
CA LEU A 200 -13.58 -35.95 5.87
C LEU A 200 -13.36 -34.49 6.22
N THR A 201 -12.31 -33.89 5.66
CA THR A 201 -11.99 -32.50 5.91
C THR A 201 -11.51 -31.78 4.64
N ALA A 202 -11.47 -30.46 4.69
CA ALA A 202 -10.99 -29.66 3.57
C ALA A 202 -9.69 -29.02 4.05
N GLU A 203 -8.69 -28.96 3.18
CA GLU A 203 -7.41 -28.37 3.55
C GLU A 203 -6.83 -27.50 2.43
N GLY A 204 -5.84 -26.69 2.80
CA GLY A 204 -5.18 -25.82 1.83
C GLY A 204 -5.89 -24.52 1.47
N GLY A 205 -6.99 -24.21 2.13
CA GLY A 205 -7.71 -22.99 1.83
C GLY A 205 -8.60 -23.16 0.63
N THR A 206 -9.63 -22.33 0.53
CA THR A 206 -10.57 -22.43 -0.57
C THR A 206 -10.08 -21.89 -1.92
N ARG A 207 -8.80 -21.53 -2.01
CA ARG A 207 -8.25 -21.05 -3.27
C ARG A 207 -7.76 -22.23 -4.11
N TYR A 208 -6.67 -22.04 -4.86
CA TYR A 208 -6.16 -23.11 -5.71
C TYR A 208 -5.44 -24.26 -5.01
N GLU A 209 -5.10 -24.08 -3.75
CA GLU A 209 -4.42 -25.13 -2.98
C GLU A 209 -5.46 -26.03 -2.31
N HIS A 210 -6.74 -25.74 -2.56
CA HIS A 210 -7.86 -26.49 -1.97
C HIS A 210 -7.77 -27.98 -2.23
N ALA A 211 -8.16 -28.76 -1.22
CA ALA A 211 -8.15 -30.21 -1.31
C ALA A 211 -9.11 -30.82 -0.29
N ALA A 212 -9.42 -32.11 -0.48
CA ALA A 212 -10.30 -32.83 0.43
C ALA A 212 -9.51 -34.02 0.95
N THR A 213 -9.30 -34.07 2.26
CA THR A 213 -8.55 -35.18 2.85
C THR A 213 -9.47 -36.07 3.69
N ILE A 214 -9.10 -37.34 3.85
CA ILE A 214 -9.92 -38.25 4.63
C ILE A 214 -9.05 -39.15 5.52
N ALA A 215 -9.56 -39.46 6.70
CA ALA A 215 -8.87 -40.31 7.67
C ALA A 215 -9.88 -41.26 8.30
N ARG A 216 -9.40 -42.34 8.92
CA ARG A 216 -10.29 -43.31 9.55
C ARG A 216 -9.83 -43.73 10.94
N SER A 217 -10.76 -44.26 11.72
CA SER A 217 -10.48 -44.70 13.08
C SER A 217 -11.58 -45.67 13.52
N ALA A 218 -11.19 -46.71 14.25
CA ALA A 218 -12.14 -47.70 14.76
C ALA A 218 -13.06 -47.02 15.77
N ASN A 219 -12.50 -46.11 16.56
CA ASN A 219 -13.25 -45.36 17.56
C ASN A 219 -13.43 -43.90 17.13
N ILE A 220 -14.51 -43.28 17.62
CA ILE A 220 -14.81 -41.90 17.26
C ILE A 220 -13.81 -40.85 17.75
N GLU A 221 -13.16 -41.12 18.88
CA GLU A 221 -12.18 -40.19 19.45
C GLU A 221 -10.86 -40.16 18.68
N GLY A 222 -10.60 -41.22 17.93
CA GLY A 222 -9.35 -41.31 17.18
C GLY A 222 -8.23 -41.90 18.02
N PRO A 223 -6.95 -41.67 17.66
CA PRO A 223 -6.47 -40.89 16.52
C PRO A 223 -6.83 -41.45 15.16
N TYR A 224 -6.95 -40.55 14.18
CA TYR A 224 -7.30 -40.93 12.82
C TYR A 224 -6.09 -41.09 11.91
N GLU A 225 -6.09 -42.15 11.12
CA GLU A 225 -5.01 -42.42 10.16
C GLU A 225 -5.44 -41.87 8.80
N VAL A 226 -4.61 -41.04 8.19
CA VAL A 226 -4.94 -40.47 6.89
C VAL A 226 -4.83 -41.45 5.72
N HIS A 227 -5.60 -41.18 4.67
CA HIS A 227 -5.62 -42.00 3.46
C HIS A 227 -4.20 -42.15 2.93
N PRO A 228 -3.83 -43.37 2.48
CA PRO A 228 -2.49 -43.63 1.94
C PRO A 228 -2.13 -42.82 0.70
N ASP A 229 -3.14 -42.39 -0.05
CA ASP A 229 -2.91 -41.57 -1.24
C ASP A 229 -3.67 -40.25 -1.07
N ASN A 230 -3.47 -39.63 0.08
CA ASN A 230 -4.11 -38.36 0.41
C ASN A 230 -3.40 -37.20 -0.29
N PRO A 231 -4.16 -36.16 -0.69
CA PRO A 231 -5.61 -35.95 -0.57
C PRO A 231 -6.38 -36.76 -1.61
N ILE A 232 -7.59 -37.17 -1.26
CA ILE A 232 -8.42 -37.94 -2.19
C ILE A 232 -8.97 -37.05 -3.30
N LEU A 233 -8.91 -35.72 -3.10
CA LEU A 233 -9.40 -34.76 -4.07
C LEU A 233 -8.59 -33.47 -4.02
N THR A 234 -8.09 -33.05 -5.19
CA THR A 234 -7.31 -31.82 -5.32
C THR A 234 -6.77 -31.67 -6.74
N SER A 235 -6.77 -30.45 -7.25
CA SER A 235 -6.24 -30.19 -8.57
C SER A 235 -5.18 -29.10 -8.54
N TRP A 236 -4.62 -28.86 -7.35
CA TRP A 236 -3.58 -27.84 -7.18
C TRP A 236 -2.41 -28.07 -8.13
N HIS A 237 -1.96 -29.33 -8.20
CA HIS A 237 -0.83 -29.72 -9.05
C HIS A 237 -1.16 -29.74 -10.54
N ASP A 238 -2.42 -29.52 -10.89
CA ASP A 238 -2.84 -29.53 -12.29
C ASP A 238 -3.65 -28.29 -12.68
N PRO A 239 -2.96 -27.22 -13.09
CA PRO A 239 -3.61 -25.97 -13.51
C PRO A 239 -4.45 -26.12 -14.77
N GLY A 240 -4.21 -27.18 -15.53
CA GLY A 240 -4.95 -27.40 -16.76
C GLY A 240 -6.29 -28.10 -16.58
N ASN A 241 -6.52 -28.65 -15.39
CA ASN A 241 -7.77 -29.36 -15.14
C ASN A 241 -8.98 -28.42 -15.20
N PRO A 242 -10.06 -28.84 -15.86
CA PRO A 242 -11.27 -28.01 -15.98
C PRO A 242 -11.83 -27.56 -14.63
N LEU A 243 -11.75 -28.43 -13.63
CA LEU A 243 -12.24 -28.13 -12.29
C LEU A 243 -11.08 -27.77 -11.36
N GLN A 244 -11.16 -26.60 -10.73
CA GLN A 244 -10.12 -26.13 -9.82
C GLN A 244 -10.68 -25.93 -8.41
N LYS A 245 -9.79 -25.65 -7.45
CA LYS A 245 -10.18 -25.43 -6.06
C LYS A 245 -11.07 -26.56 -5.53
N CYS A 246 -10.77 -27.78 -5.93
CA CYS A 246 -11.56 -28.93 -5.53
C CYS A 246 -11.40 -29.35 -4.06
N GLY A 247 -12.41 -29.01 -3.26
CA GLY A 247 -12.37 -29.34 -1.84
C GLY A 247 -13.70 -29.10 -1.14
N HIS A 248 -13.68 -29.15 0.19
CA HIS A 248 -14.88 -28.97 1.01
C HIS A 248 -15.99 -29.90 0.52
N ALA A 249 -15.69 -31.19 0.52
CA ALA A 249 -16.62 -32.20 0.07
C ALA A 249 -17.52 -32.83 1.13
N SER A 250 -18.47 -33.61 0.66
CA SER A 250 -19.42 -34.34 1.50
C SER A 250 -19.73 -35.65 0.78
N ILE A 251 -19.82 -36.75 1.53
CA ILE A 251 -20.07 -38.07 0.94
C ILE A 251 -21.52 -38.51 1.08
N VAL A 252 -22.03 -39.20 0.05
CA VAL A 252 -23.39 -39.70 0.06
C VAL A 252 -23.46 -41.11 -0.51
N GLN A 253 -24.26 -41.97 0.13
CA GLN A 253 -24.46 -43.33 -0.33
C GLN A 253 -25.90 -43.39 -0.84
N THR A 254 -26.05 -43.63 -2.14
CA THR A 254 -27.36 -43.71 -2.77
C THR A 254 -28.16 -44.92 -2.29
N HIS A 255 -29.45 -44.95 -2.62
CA HIS A 255 -30.29 -46.08 -2.23
C HIS A 255 -29.94 -47.29 -3.09
N THR A 256 -29.16 -47.05 -4.14
CA THR A 256 -28.73 -48.11 -5.04
C THR A 256 -27.34 -48.63 -4.64
N ASP A 257 -26.90 -48.26 -3.43
CA ASP A 257 -25.61 -48.67 -2.87
C ASP A 257 -24.42 -48.21 -3.71
N GLU A 258 -24.42 -46.93 -4.08
CA GLU A 258 -23.33 -46.34 -4.86
C GLU A 258 -22.81 -45.13 -4.09
N TRP A 259 -21.53 -44.83 -4.25
CA TRP A 259 -20.92 -43.72 -3.53
C TRP A 259 -20.53 -42.53 -4.39
N TYR A 260 -20.84 -41.33 -3.91
CA TYR A 260 -20.54 -40.09 -4.62
C TYR A 260 -19.97 -39.02 -3.69
N LEU A 261 -19.19 -38.12 -4.25
CA LEU A 261 -18.55 -37.06 -3.47
C LEU A 261 -18.87 -35.66 -4.02
N ALA A 262 -19.71 -34.93 -3.31
CA ALA A 262 -20.05 -33.57 -3.71
C ALA A 262 -18.93 -32.66 -3.22
N HIS A 263 -18.58 -31.64 -4.00
CA HIS A 263 -17.51 -30.72 -3.60
C HIS A 263 -17.60 -29.41 -4.35
N LEU A 264 -17.03 -28.35 -3.78
CA LEU A 264 -17.04 -27.06 -4.44
C LEU A 264 -15.90 -27.04 -5.46
N THR A 265 -16.00 -26.16 -6.45
CA THR A 265 -15.00 -26.07 -7.50
C THR A 265 -15.07 -24.69 -8.17
N GLY A 266 -14.00 -24.30 -8.85
CA GLY A 266 -13.98 -23.03 -9.54
C GLY A 266 -13.50 -23.22 -10.96
N ARG A 267 -14.21 -22.60 -11.92
CA ARG A 267 -13.85 -22.70 -13.33
C ARG A 267 -13.31 -21.33 -13.75
N PRO A 268 -12.00 -21.10 -13.57
CA PRO A 268 -11.36 -19.83 -13.90
C PRO A 268 -11.13 -19.52 -15.37
N ILE A 269 -11.10 -18.23 -15.67
CA ILE A 269 -10.82 -17.74 -17.01
C ILE A 269 -9.41 -17.19 -16.93
N HIS A 270 -8.73 -17.09 -18.07
CA HIS A 270 -7.37 -16.56 -18.09
C HIS A 270 -7.29 -15.43 -19.11
N PRO A 271 -7.79 -14.24 -18.75
CA PRO A 271 -7.81 -13.05 -19.60
C PRO A 271 -6.51 -12.25 -19.68
N ASP A 272 -5.68 -12.33 -18.66
CA ASP A 272 -4.43 -11.58 -18.63
C ASP A 272 -3.25 -12.13 -19.42
N ASP A 273 -3.36 -13.36 -19.94
CA ASP A 273 -2.29 -13.98 -20.72
C ASP A 273 -1.00 -14.24 -19.90
N ASP A 274 -1.18 -14.43 -18.59
CA ASP A 274 -0.05 -14.71 -17.70
C ASP A 274 0.26 -16.21 -17.71
N SER A 275 1.18 -16.63 -16.83
CA SER A 275 1.51 -18.04 -16.65
C SER A 275 0.47 -18.59 -15.68
N ILE A 276 -0.24 -19.62 -16.10
CA ILE A 276 -1.27 -20.23 -15.26
C ILE A 276 -0.72 -20.81 -13.96
N PHE A 277 0.59 -21.10 -13.94
CA PHE A 277 1.22 -21.64 -12.74
C PHE A 277 1.40 -20.58 -11.67
N GLN A 278 1.61 -19.33 -12.09
CA GLN A 278 1.77 -18.22 -11.16
C GLN A 278 0.40 -17.62 -10.87
N GLN A 279 -0.31 -17.23 -11.94
CA GLN A 279 -1.65 -16.66 -11.83
C GLN A 279 -2.64 -17.70 -12.31
N ARG A 280 -3.24 -18.43 -11.37
CA ARG A 280 -4.17 -19.50 -11.67
C ARG A 280 -5.50 -19.13 -12.36
N GLY A 281 -5.90 -17.87 -12.30
CA GLY A 281 -7.15 -17.46 -12.95
C GLY A 281 -8.18 -16.78 -12.08
N TYR A 282 -9.27 -16.35 -12.71
CA TYR A 282 -10.37 -15.65 -12.03
C TYR A 282 -11.69 -16.37 -12.24
N CYS A 283 -12.48 -16.47 -11.18
CA CYS A 283 -13.77 -17.15 -11.26
C CYS A 283 -14.96 -16.23 -10.99
N PRO A 284 -15.52 -15.62 -12.05
CA PRO A 284 -16.66 -14.71 -11.91
C PRO A 284 -17.89 -15.46 -11.39
N LEU A 285 -17.96 -16.76 -11.69
CA LEU A 285 -19.08 -17.58 -11.24
C LEU A 285 -18.89 -18.06 -9.80
N GLY A 286 -17.82 -17.58 -9.17
CA GLY A 286 -17.54 -17.96 -7.79
C GLY A 286 -17.22 -19.44 -7.66
N ARG A 287 -17.61 -20.02 -6.53
CA ARG A 287 -17.38 -21.44 -6.27
C ARG A 287 -18.68 -22.19 -6.49
N GLU A 288 -18.62 -23.15 -7.40
CA GLU A 288 -19.78 -23.97 -7.79
C GLU A 288 -19.70 -25.37 -7.17
N THR A 289 -20.75 -26.17 -7.34
CA THR A 289 -20.79 -27.53 -6.80
C THR A 289 -20.69 -28.61 -7.89
N ALA A 290 -19.79 -29.57 -7.68
CA ALA A 290 -19.59 -30.68 -8.61
C ALA A 290 -19.73 -31.99 -7.84
N ILE A 291 -19.97 -33.09 -8.56
CA ILE A 291 -20.11 -34.39 -7.92
C ILE A 291 -19.23 -35.45 -8.58
N GLN A 292 -18.36 -36.06 -7.79
CA GLN A 292 -17.47 -37.10 -8.29
C GLN A 292 -17.96 -38.47 -7.83
N LYS A 293 -17.59 -39.52 -8.55
CA LYS A 293 -17.99 -40.88 -8.18
C LYS A 293 -16.85 -41.50 -7.37
N LEU A 294 -17.20 -42.32 -6.38
CA LEU A 294 -16.20 -42.96 -5.53
C LEU A 294 -16.17 -44.47 -5.75
N TYR A 295 -15.03 -45.06 -5.38
CA TYR A 295 -14.86 -46.50 -5.46
C TYR A 295 -14.03 -46.91 -4.25
N TRP A 296 -14.35 -48.06 -3.67
CA TRP A 296 -13.63 -48.53 -2.49
C TRP A 296 -12.56 -49.56 -2.78
N LYS A 297 -11.49 -49.50 -2.00
CA LYS A 297 -10.36 -50.41 -2.13
C LYS A 297 -9.62 -50.43 -0.79
N ASP A 298 -9.57 -51.62 -0.18
CA ASP A 298 -8.90 -51.79 1.11
C ASP A 298 -9.50 -50.90 2.19
N GLU A 299 -10.82 -50.72 2.12
CA GLU A 299 -11.56 -49.89 3.07
C GLU A 299 -11.16 -48.40 3.03
N TRP A 300 -10.85 -47.93 1.83
CA TRP A 300 -10.47 -46.54 1.60
C TRP A 300 -11.20 -46.05 0.36
N PRO A 301 -11.84 -44.87 0.43
CA PRO A 301 -12.55 -44.33 -0.74
C PRO A 301 -11.59 -43.61 -1.70
N TYR A 302 -11.84 -43.74 -3.00
CA TYR A 302 -11.02 -43.09 -4.01
C TYR A 302 -11.92 -42.44 -5.06
N VAL A 303 -11.46 -41.32 -5.62
CA VAL A 303 -12.23 -40.63 -6.65
C VAL A 303 -12.01 -41.29 -8.00
N VAL A 304 -13.11 -41.65 -8.67
CA VAL A 304 -13.05 -42.28 -9.98
C VAL A 304 -12.50 -41.30 -11.00
N GLY A 305 -11.49 -41.72 -11.75
CA GLY A 305 -10.89 -40.86 -12.77
C GLY A 305 -9.75 -39.98 -12.30
N GLY A 306 -9.36 -40.11 -11.04
CA GLY A 306 -8.27 -39.31 -10.51
C GLY A 306 -8.74 -38.28 -9.49
N LYS A 307 -7.84 -37.88 -8.59
CA LYS A 307 -8.17 -36.92 -7.54
C LYS A 307 -8.44 -35.50 -8.02
N GLU A 308 -8.06 -35.19 -9.25
CA GLU A 308 -8.27 -33.85 -9.80
C GLU A 308 -9.76 -33.49 -9.93
N GLY A 309 -10.56 -34.49 -10.30
CA GLY A 309 -11.99 -34.26 -10.47
C GLY A 309 -12.31 -34.14 -11.95
N SER A 310 -13.37 -34.81 -12.40
CA SER A 310 -13.74 -34.79 -13.81
C SER A 310 -15.05 -34.07 -14.10
N LEU A 311 -15.23 -33.68 -15.37
CA LEU A 311 -16.46 -33.01 -15.78
C LEU A 311 -17.58 -34.01 -16.01
N GLU A 312 -17.25 -35.13 -16.64
CA GLU A 312 -18.22 -36.20 -16.92
C GLU A 312 -18.05 -37.33 -15.92
N VAL A 313 -19.11 -37.62 -15.17
CA VAL A 313 -19.07 -38.67 -14.15
C VAL A 313 -20.24 -39.65 -14.34
N ASP A 314 -19.97 -40.93 -14.18
CA ASP A 314 -21.02 -41.95 -14.32
C ASP A 314 -22.12 -41.73 -13.30
N ALA A 315 -23.36 -41.61 -13.79
CA ALA A 315 -24.51 -41.41 -12.92
C ALA A 315 -24.94 -42.71 -12.27
N PRO A 316 -25.60 -42.64 -11.10
CA PRO A 316 -26.05 -43.84 -10.40
C PRO A 316 -27.12 -44.58 -11.21
N SER A 317 -27.33 -45.86 -10.88
CA SER A 317 -28.33 -46.67 -11.57
C SER A 317 -29.76 -46.40 -11.16
N ILE A 318 -30.18 -45.14 -11.28
CA ILE A 318 -31.53 -44.74 -10.94
C ILE A 318 -32.15 -44.04 -12.16
N PRO A 319 -33.43 -44.29 -12.43
CA PRO A 319 -34.11 -43.67 -13.58
C PRO A 319 -34.02 -42.14 -13.60
N GLU A 320 -33.90 -41.58 -14.80
CA GLU A 320 -33.80 -40.14 -14.99
C GLU A 320 -35.07 -39.40 -14.59
N THR A 321 -34.89 -38.28 -13.90
CA THR A 321 -36.00 -37.44 -13.47
C THR A 321 -35.63 -35.98 -13.69
N ILE A 322 -36.15 -35.39 -14.75
CA ILE A 322 -35.87 -33.99 -15.06
C ILE A 322 -36.89 -33.08 -14.38
N PHE A 323 -36.50 -31.84 -14.12
CA PHE A 323 -37.42 -30.90 -13.48
C PHE A 323 -37.63 -29.69 -14.38
N GLU A 324 -38.77 -29.02 -14.21
CA GLU A 324 -39.08 -27.84 -15.00
C GLU A 324 -38.25 -26.68 -14.50
N ALA A 325 -37.98 -25.72 -15.38
CA ALA A 325 -37.18 -24.55 -15.03
C ALA A 325 -37.75 -23.83 -13.82
N THR A 326 -36.86 -23.45 -12.90
CA THR A 326 -37.26 -22.76 -11.69
C THR A 326 -37.52 -21.27 -11.94
N TYR A 327 -37.20 -20.81 -13.14
CA TYR A 327 -37.39 -19.40 -13.50
C TYR A 327 -37.68 -19.24 -15.00
N PRO A 328 -38.53 -18.28 -15.36
CA PRO A 328 -38.85 -18.05 -16.77
C PRO A 328 -37.75 -17.21 -17.41
N GLU A 329 -37.54 -17.35 -18.72
CA GLU A 329 -36.51 -16.58 -19.39
C GLU A 329 -36.80 -15.09 -19.21
N VAL A 330 -38.07 -14.74 -19.32
CA VAL A 330 -38.51 -13.36 -19.14
C VAL A 330 -39.51 -13.33 -17.98
N ASP A 331 -39.11 -12.74 -16.86
CA ASP A 331 -39.97 -12.66 -15.69
C ASP A 331 -40.84 -11.41 -15.82
N GLU A 332 -42.12 -11.60 -16.08
CA GLU A 332 -43.05 -10.49 -16.22
C GLU A 332 -43.62 -10.01 -14.89
N PHE A 333 -43.11 -10.57 -13.79
CA PHE A 333 -43.54 -10.20 -12.45
C PHE A 333 -45.04 -10.29 -12.25
N GLU A 334 -45.64 -11.35 -12.78
CA GLU A 334 -47.09 -11.55 -12.67
C GLU A 334 -47.45 -12.27 -11.37
N ASP A 335 -46.46 -12.91 -10.75
CA ASP A 335 -46.67 -13.61 -9.48
C ASP A 335 -46.41 -12.67 -8.31
N SER A 336 -47.15 -12.87 -7.22
CA SER A 336 -46.98 -12.04 -6.03
C SER A 336 -45.76 -12.46 -5.22
N THR A 337 -45.10 -13.53 -5.66
CA THR A 337 -43.91 -14.05 -4.99
C THR A 337 -42.66 -13.82 -5.83
N LEU A 338 -41.60 -13.31 -5.21
CA LEU A 338 -40.35 -13.09 -5.92
C LEU A 338 -39.80 -14.45 -6.27
N ASN A 339 -39.30 -14.60 -7.50
CA ASN A 339 -38.75 -15.87 -7.95
C ASN A 339 -37.66 -16.34 -6.99
N ILE A 340 -37.65 -17.64 -6.72
CA ILE A 340 -36.69 -18.25 -5.79
C ILE A 340 -35.22 -17.99 -6.15
N ASN A 341 -34.96 -17.69 -7.42
CA ASN A 341 -33.59 -17.41 -7.89
C ASN A 341 -33.16 -15.98 -7.54
N PHE A 342 -34.10 -15.18 -7.04
CA PHE A 342 -33.82 -13.81 -6.66
C PHE A 342 -33.50 -13.74 -5.16
N GLN A 343 -32.52 -12.90 -4.82
CA GLN A 343 -32.14 -12.72 -3.43
C GLN A 343 -31.85 -11.25 -3.13
N THR A 344 -31.91 -10.90 -1.86
CA THR A 344 -31.62 -9.54 -1.43
C THR A 344 -30.37 -9.54 -0.55
N LEU A 345 -29.82 -8.37 -0.31
CA LEU A 345 -28.63 -8.27 0.52
C LEU A 345 -28.92 -8.16 2.02
N ARG A 346 -28.46 -9.17 2.75
CA ARG A 346 -28.57 -9.23 4.22
C ARG A 346 -29.97 -9.21 4.80
N ILE A 347 -30.89 -8.38 4.34
CA ILE A 347 -32.21 -8.34 4.97
C ILE A 347 -33.30 -8.89 4.07
N PRO A 348 -34.45 -9.28 4.65
CA PRO A 348 -35.57 -9.82 3.87
C PRO A 348 -36.25 -8.78 2.99
N PHE A 349 -36.86 -9.26 1.91
CA PHE A 349 -37.58 -8.39 0.98
C PHE A 349 -38.95 -8.10 1.60
N THR A 350 -39.12 -6.87 2.08
CA THR A 350 -40.38 -6.46 2.70
C THR A 350 -41.05 -5.34 1.92
N ASN A 351 -42.24 -4.93 2.37
CA ASN A 351 -42.99 -3.85 1.72
C ASN A 351 -42.20 -2.55 1.78
N GLU A 352 -41.29 -2.48 2.74
CA GLU A 352 -40.42 -1.31 2.94
C GLU A 352 -39.47 -1.16 1.76
N LEU A 353 -38.89 -2.28 1.32
CA LEU A 353 -37.95 -2.29 0.21
C LEU A 353 -38.61 -2.25 -1.17
N GLY A 354 -39.71 -2.98 -1.32
CA GLY A 354 -40.39 -3.00 -2.60
C GLY A 354 -41.74 -3.66 -2.58
N SER A 355 -42.33 -3.85 -3.75
CA SER A 355 -43.65 -4.45 -3.86
C SER A 355 -43.94 -5.02 -5.24
N LEU A 356 -44.69 -6.12 -5.25
CA LEU A 356 -45.10 -6.78 -6.48
C LEU A 356 -46.61 -6.65 -6.65
N THR A 357 -47.26 -6.00 -5.67
CA THR A 357 -48.69 -5.80 -5.70
C THR A 357 -49.14 -4.37 -5.97
N GLN A 358 -48.38 -3.39 -5.48
CA GLN A 358 -48.71 -1.97 -5.67
C GLN A 358 -48.82 -1.62 -7.15
N ALA A 359 -47.86 -2.08 -7.93
CA ALA A 359 -47.85 -1.85 -9.37
C ALA A 359 -47.88 -3.21 -10.05
N PRO A 360 -49.08 -3.75 -10.29
CA PRO A 360 -49.28 -5.06 -10.93
C PRO A 360 -48.40 -5.27 -12.16
N ASN A 361 -47.84 -6.47 -12.25
CA ASN A 361 -46.95 -6.86 -13.37
C ASN A 361 -45.68 -6.00 -13.41
N HIS A 362 -45.22 -5.59 -12.23
CA HIS A 362 -44.02 -4.77 -12.09
C HIS A 362 -43.34 -5.06 -10.76
N LEU A 363 -42.03 -4.84 -10.71
CA LEU A 363 -41.28 -5.01 -9.47
C LEU A 363 -40.93 -3.60 -9.04
N ARG A 364 -41.69 -3.07 -8.10
CA ARG A 364 -41.44 -1.73 -7.60
C ARG A 364 -40.41 -1.76 -6.48
N LEU A 365 -39.36 -0.97 -6.63
CA LEU A 365 -38.31 -0.90 -5.62
C LEU A 365 -38.20 0.52 -5.10
N PHE A 366 -38.43 0.70 -3.80
CA PHE A 366 -38.34 2.01 -3.18
C PHE A 366 -36.87 2.32 -2.87
N GLY A 367 -36.41 3.45 -3.36
CA GLY A 367 -35.02 3.84 -3.16
C GLY A 367 -34.55 3.91 -1.72
N HIS A 368 -33.44 3.25 -1.44
CA HIS A 368 -32.86 3.25 -0.10
C HIS A 368 -31.38 3.62 -0.15
N GLU A 369 -30.55 2.92 0.61
CA GLU A 369 -29.13 3.19 0.66
C GLU A 369 -28.36 2.78 -0.59
N SER A 370 -27.17 3.35 -0.77
CA SER A 370 -26.32 3.07 -1.93
C SER A 370 -25.77 1.65 -1.95
N LEU A 371 -25.11 1.32 -3.06
CA LEU A 371 -24.51 0.01 -3.27
C LEU A 371 -23.31 -0.27 -2.36
N THR A 372 -22.85 0.74 -1.62
CA THR A 372 -21.71 0.56 -0.73
C THR A 372 -22.16 0.29 0.72
N SER A 373 -23.46 0.27 0.94
CA SER A 373 -24.02 0.06 2.28
C SER A 373 -24.20 -1.40 2.68
N THR A 374 -23.79 -1.71 3.91
CA THR A 374 -23.94 -3.07 4.42
C THR A 374 -25.21 -3.19 5.26
N PHE A 375 -26.13 -2.26 5.06
CA PHE A 375 -27.38 -2.28 5.83
C PHE A 375 -28.66 -2.50 5.04
N THR A 376 -29.22 -1.42 4.47
CA THR A 376 -30.48 -1.50 3.75
C THR A 376 -30.42 -1.09 2.27
N GLN A 377 -30.35 -2.08 1.38
CA GLN A 377 -30.31 -1.81 -0.05
C GLN A 377 -31.54 -2.36 -0.77
N ALA A 378 -32.17 -1.53 -1.60
CA ALA A 378 -33.33 -1.97 -2.37
C ALA A 378 -32.73 -2.57 -3.65
N PHE A 379 -32.14 -3.75 -3.51
CA PHE A 379 -31.48 -4.44 -4.61
C PHE A 379 -31.91 -5.91 -4.67
N VAL A 380 -32.55 -6.28 -5.79
CA VAL A 380 -33.00 -7.65 -6.00
C VAL A 380 -32.15 -8.22 -7.14
N ALA A 381 -31.33 -9.22 -6.82
CA ALA A 381 -30.44 -9.80 -7.84
C ALA A 381 -30.42 -11.33 -7.92
N ARG A 382 -29.85 -11.81 -9.02
CA ARG A 382 -29.71 -13.24 -9.26
C ARG A 382 -28.26 -13.53 -9.69
N ARG A 383 -27.82 -14.77 -9.49
CA ARG A 383 -26.46 -15.18 -9.82
C ARG A 383 -26.10 -15.27 -11.29
N TRP A 384 -24.81 -15.07 -11.57
CA TRP A 384 -24.28 -15.25 -12.92
C TRP A 384 -23.92 -16.72 -13.02
N GLN A 385 -24.76 -17.50 -13.69
CA GLN A 385 -24.58 -18.94 -13.79
C GLN A 385 -23.97 -19.45 -15.10
N SER A 386 -23.34 -18.53 -15.81
CA SER A 386 -22.70 -18.83 -17.08
C SER A 386 -21.85 -17.63 -17.48
N LEU A 387 -20.82 -17.87 -18.28
CA LEU A 387 -19.97 -16.78 -18.75
C LEU A 387 -20.37 -16.39 -20.16
N HIS A 388 -21.61 -16.72 -20.53
CA HIS A 388 -22.15 -16.40 -21.84
C HIS A 388 -23.66 -16.24 -21.69
N PHE A 389 -24.09 -15.07 -21.25
CA PHE A 389 -25.52 -14.81 -21.09
C PHE A 389 -25.92 -13.37 -21.40
N GLU A 390 -27.22 -13.11 -21.31
CA GLU A 390 -27.75 -11.79 -21.59
C GLU A 390 -28.84 -11.48 -20.56
N ALA A 391 -28.65 -10.40 -19.79
CA ALA A 391 -29.62 -9.99 -18.79
C ALA A 391 -30.26 -8.68 -19.25
N GLU A 392 -31.54 -8.50 -18.99
CA GLU A 392 -32.25 -7.31 -19.44
C GLU A 392 -33.43 -6.93 -18.54
N THR A 393 -33.72 -5.64 -18.47
CA THR A 393 -34.82 -5.12 -17.67
C THR A 393 -35.29 -3.77 -18.25
N ALA A 394 -36.47 -3.33 -17.85
CA ALA A 394 -37.03 -2.06 -18.30
C ALA A 394 -37.51 -1.33 -17.05
N VAL A 395 -37.07 -0.09 -16.87
CA VAL A 395 -37.45 0.66 -15.69
C VAL A 395 -38.10 2.02 -15.96
N GLU A 396 -39.17 2.30 -15.23
CA GLU A 396 -39.88 3.57 -15.32
C GLU A 396 -39.44 4.32 -14.07
N PHE A 397 -38.62 5.35 -14.25
CA PHE A 397 -38.09 6.11 -13.12
C PHE A 397 -38.10 7.61 -13.42
N TYR A 398 -38.57 8.39 -12.46
CA TYR A 398 -38.62 9.85 -12.62
C TYR A 398 -37.95 10.54 -11.44
N PRO A 399 -36.60 10.47 -11.37
CA PRO A 399 -35.84 11.09 -10.29
C PRO A 399 -35.89 12.62 -10.35
N GLU A 400 -36.02 13.24 -9.18
CA GLU A 400 -36.08 14.70 -9.06
C GLU A 400 -34.79 15.33 -8.55
N ASN A 401 -33.91 14.51 -7.99
CA ASN A 401 -32.61 14.97 -7.48
C ASN A 401 -31.50 13.98 -7.80
N PHE A 402 -30.25 14.45 -7.73
CA PHE A 402 -29.09 13.62 -8.04
C PHE A 402 -28.83 12.46 -7.07
N GLN A 403 -29.54 12.46 -5.94
CA GLN A 403 -29.38 11.40 -4.95
C GLN A 403 -30.33 10.23 -5.19
N GLN A 404 -31.00 10.24 -6.34
CA GLN A 404 -31.93 9.18 -6.70
C GLN A 404 -31.49 8.50 -7.99
N ALA A 405 -31.25 7.20 -7.94
CA ALA A 405 -30.83 6.45 -9.12
C ALA A 405 -31.38 5.02 -9.11
N ALA A 406 -31.69 4.49 -10.30
CA ALA A 406 -32.24 3.14 -10.41
C ALA A 406 -31.91 2.50 -11.76
N GLY A 407 -31.50 1.25 -11.75
CA GLY A 407 -31.18 0.57 -13.00
C GLY A 407 -30.68 -0.85 -12.88
N LEU A 408 -29.86 -1.25 -13.86
CA LEU A 408 -29.28 -2.59 -13.91
C LEU A 408 -27.92 -2.57 -13.22
N VAL A 409 -27.67 -3.57 -12.37
CA VAL A 409 -26.42 -3.64 -11.64
C VAL A 409 -25.85 -5.04 -11.49
N ASN A 410 -24.59 -5.13 -11.92
CA ASN A 410 -23.69 -6.30 -11.86
C ASN A 410 -22.87 -6.09 -10.58
N TYR A 411 -23.06 -6.97 -9.61
CA TYR A 411 -22.43 -6.78 -8.31
C TYR A 411 -21.78 -8.01 -7.66
N TYR A 412 -20.70 -7.77 -6.91
CA TYR A 412 -20.02 -8.81 -6.18
C TYR A 412 -20.19 -8.44 -4.70
N ASN A 413 -19.63 -7.31 -4.31
CA ASN A 413 -19.76 -6.81 -2.93
C ASN A 413 -19.82 -5.28 -2.89
N THR A 414 -19.96 -4.69 -1.70
CA THR A 414 -20.07 -3.24 -1.57
C THR A 414 -18.93 -2.44 -2.17
N GLU A 415 -17.78 -3.09 -2.39
CA GLU A 415 -16.62 -2.42 -2.93
C GLU A 415 -16.35 -2.76 -4.40
N ASN A 416 -17.10 -3.71 -4.94
CA ASN A 416 -16.91 -4.15 -6.32
C ASN A 416 -18.20 -4.33 -7.10
N TRP A 417 -18.48 -3.39 -8.01
CA TRP A 417 -19.70 -3.44 -8.82
C TRP A 417 -19.71 -2.40 -9.92
N THR A 418 -20.65 -2.54 -10.85
CA THR A 418 -20.85 -1.60 -11.95
C THR A 418 -22.36 -1.36 -12.01
N ALA A 419 -22.77 -0.13 -12.27
CA ALA A 419 -24.21 0.17 -12.32
C ALA A 419 -24.61 1.14 -13.42
N LEU A 420 -25.63 0.76 -14.17
CA LEU A 420 -26.16 1.60 -15.24
C LEU A 420 -27.51 2.05 -14.71
N GLN A 421 -27.57 3.28 -14.21
CA GLN A 421 -28.79 3.80 -13.62
C GLN A 421 -29.35 5.08 -14.22
N VAL A 422 -30.67 5.23 -14.10
CA VAL A 422 -31.37 6.42 -14.56
C VAL A 422 -31.33 7.36 -13.36
N THR A 423 -30.77 8.55 -13.55
CA THR A 423 -30.64 9.51 -12.47
C THR A 423 -31.01 10.92 -12.93
N HIS A 424 -30.86 11.90 -12.04
CA HIS A 424 -31.20 13.28 -12.35
C HIS A 424 -30.01 14.24 -12.30
N ASP A 425 -29.88 15.04 -13.35
CA ASP A 425 -28.83 16.04 -13.43
C ASP A 425 -29.52 17.40 -13.38
N GLU A 426 -28.96 18.33 -12.62
CA GLU A 426 -29.54 19.67 -12.47
C GLU A 426 -29.69 20.43 -13.79
N GLU A 427 -28.70 20.28 -14.66
CA GLU A 427 -28.71 20.97 -15.95
C GLU A 427 -29.35 20.20 -17.10
N LEU A 428 -29.11 18.89 -17.13
CA LEU A 428 -29.64 18.03 -18.20
C LEU A 428 -30.94 17.30 -17.93
N GLY A 429 -31.34 17.22 -16.65
CA GLY A 429 -32.56 16.51 -16.32
C GLY A 429 -32.27 15.03 -16.19
N ARG A 430 -33.18 14.17 -16.65
CA ARG A 430 -32.96 12.73 -16.55
C ARG A 430 -31.81 12.28 -17.46
N ILE A 431 -30.88 11.53 -16.88
CA ILE A 431 -29.73 11.02 -17.62
C ILE A 431 -29.46 9.57 -17.23
N LEU A 432 -28.78 8.85 -18.11
CA LEU A 432 -28.43 7.46 -17.84
C LEU A 432 -26.94 7.45 -17.52
N GLU A 433 -26.61 7.18 -16.27
CA GLU A 433 -25.22 7.19 -15.83
C GLU A 433 -24.63 5.82 -15.47
N LEU A 434 -23.34 5.66 -15.76
CA LEU A 434 -22.61 4.44 -15.46
C LEU A 434 -21.62 4.75 -14.33
N THR A 435 -21.76 4.05 -13.22
CA THR A 435 -20.89 4.22 -12.06
C THR A 435 -20.12 2.92 -11.81
N ILE A 436 -18.82 3.05 -11.54
CA ILE A 436 -17.98 1.89 -11.30
C ILE A 436 -17.28 1.95 -9.95
N CYS A 437 -17.28 0.83 -9.23
CA CYS A 437 -16.59 0.74 -7.95
C CYS A 437 -15.64 -0.44 -8.09
N ASP A 438 -14.37 -0.13 -8.33
CA ASP A 438 -13.33 -1.11 -8.52
C ASP A 438 -12.47 -1.21 -7.27
N ASN A 439 -12.78 -2.19 -6.42
CA ASN A 439 -12.06 -2.38 -5.15
C ASN A 439 -12.01 -1.07 -4.39
N PHE A 440 -13.18 -0.43 -4.28
CA PHE A 440 -13.41 0.84 -3.61
C PHE A 440 -12.83 2.07 -4.33
N SER A 441 -12.49 1.91 -5.60
CA SER A 441 -11.99 3.01 -6.41
C SER A 441 -13.17 3.38 -7.30
N PHE A 442 -13.78 4.53 -7.02
CA PHE A 442 -14.95 5.00 -7.76
C PHE A 442 -14.65 5.78 -9.03
N SER A 443 -15.53 5.65 -10.02
CA SER A 443 -15.39 6.36 -11.28
C SER A 443 -16.77 6.32 -11.98
N GLN A 444 -16.91 7.32 -12.85
CA GLN A 444 -18.04 7.62 -13.73
C GLN A 444 -17.38 8.09 -15.03
N PRO A 445 -16.84 7.13 -15.80
CA PRO A 445 -16.13 7.27 -17.08
C PRO A 445 -16.86 7.95 -18.22
N LEU A 446 -18.19 7.99 -18.25
CA LEU A 446 -18.81 8.68 -19.38
C LEU A 446 -18.66 10.19 -19.37
N ASN A 447 -17.85 10.73 -20.26
CA ASN A 447 -17.63 12.17 -20.36
C ASN A 447 -18.89 12.85 -20.91
N ASN A 448 -19.45 12.26 -21.96
CA ASN A 448 -20.67 12.78 -22.57
C ASN A 448 -21.85 12.06 -21.94
N LYS A 449 -22.58 12.77 -21.08
CA LYS A 449 -23.73 12.18 -20.40
C LYS A 449 -24.86 11.82 -21.35
N ILE A 450 -25.48 10.67 -21.10
CA ILE A 450 -26.58 10.17 -21.91
C ILE A 450 -27.89 10.80 -21.44
N VAL A 451 -28.43 11.74 -22.23
CA VAL A 451 -29.66 12.41 -21.88
C VAL A 451 -30.90 11.60 -22.28
N ILE A 452 -31.84 11.47 -21.34
CA ILE A 452 -33.08 10.73 -21.58
C ILE A 452 -34.23 11.71 -21.83
N PRO A 453 -34.87 11.63 -23.01
CA PRO A 453 -36.00 12.50 -23.35
C PRO A 453 -37.12 12.38 -22.32
N ARG A 454 -37.85 13.48 -22.10
CA ARG A 454 -38.93 13.50 -21.12
C ARG A 454 -40.09 12.56 -21.43
N GLU A 455 -40.35 12.32 -22.71
CA GLU A 455 -41.45 11.45 -23.13
C GLU A 455 -41.18 9.95 -22.98
N VAL A 456 -39.94 9.59 -22.65
CA VAL A 456 -39.58 8.18 -22.49
C VAL A 456 -40.16 7.59 -21.20
N LYS A 457 -41.05 6.62 -21.36
CA LYS A 457 -41.68 5.96 -20.22
C LYS A 457 -40.78 4.88 -19.62
N TYR A 458 -40.30 3.99 -20.47
CA TYR A 458 -39.42 2.89 -20.02
C TYR A 458 -38.02 2.99 -20.62
N VAL A 459 -37.01 2.83 -19.77
CA VAL A 459 -35.62 2.85 -20.21
C VAL A 459 -35.12 1.42 -20.14
N TYR A 460 -34.93 0.82 -21.32
CA TYR A 460 -34.47 -0.55 -21.43
C TYR A 460 -32.96 -0.66 -21.20
N LEU A 461 -32.58 -1.54 -20.26
CA LEU A 461 -31.17 -1.74 -19.92
C LEU A 461 -30.79 -3.19 -20.14
N ARG A 462 -29.66 -3.42 -20.80
CA ARG A 462 -29.20 -4.77 -21.08
C ARG A 462 -27.70 -4.92 -20.82
N VAL A 463 -27.27 -6.14 -20.54
CA VAL A 463 -25.87 -6.43 -20.30
C VAL A 463 -25.54 -7.78 -20.96
N ASN A 464 -24.45 -7.81 -21.72
CA ASN A 464 -24.03 -9.01 -22.42
C ASN A 464 -22.70 -9.52 -21.89
N ILE A 465 -22.72 -10.68 -21.22
CA ILE A 465 -21.50 -11.27 -20.68
C ILE A 465 -20.89 -12.19 -21.73
N GLU A 466 -19.65 -11.89 -22.10
CA GLU A 466 -18.94 -12.68 -23.10
C GLU A 466 -17.56 -13.13 -22.58
N LYS A 467 -17.60 -14.12 -21.69
CA LYS A 467 -16.41 -14.71 -21.07
C LYS A 467 -15.61 -13.74 -20.20
N ASP A 468 -14.54 -13.19 -20.74
CA ASP A 468 -13.68 -12.27 -19.99
C ASP A 468 -14.15 -10.82 -19.98
N LYS A 469 -15.15 -10.49 -20.81
CA LYS A 469 -15.67 -9.12 -20.88
C LYS A 469 -17.19 -9.07 -20.98
N TYR A 470 -17.78 -7.96 -20.55
CA TYR A 470 -19.22 -7.75 -20.63
C TYR A 470 -19.52 -6.30 -21.00
N TYR A 471 -20.61 -6.07 -21.72
CA TYR A 471 -20.96 -4.74 -22.17
C TYR A 471 -22.39 -4.34 -21.82
N TYR A 472 -22.60 -3.05 -21.60
CA TYR A 472 -23.92 -2.53 -21.28
C TYR A 472 -24.58 -1.94 -22.54
N PHE A 473 -25.89 -2.09 -22.62
CA PHE A 473 -26.68 -1.59 -23.76
C PHE A 473 -27.92 -0.90 -23.18
N TYR A 474 -28.46 0.06 -23.93
CA TYR A 474 -29.66 0.77 -23.47
C TYR A 474 -30.54 1.14 -24.66
N SER A 475 -31.82 1.39 -24.39
CA SER A 475 -32.76 1.74 -25.43
C SER A 475 -33.95 2.49 -24.86
N PHE A 476 -34.56 3.34 -25.68
CA PHE A 476 -35.74 4.14 -25.28
C PHE A 476 -37.04 3.74 -25.98
N ASN A 477 -37.02 2.69 -26.79
CA ASN A 477 -38.21 2.26 -27.52
C ASN A 477 -38.27 0.79 -27.92
N LYS A 478 -37.56 -0.04 -27.17
CA LYS A 478 -37.45 -1.47 -27.48
C LYS A 478 -37.33 -1.86 -28.94
N GLU A 479 -36.43 -1.24 -29.71
CA GLU A 479 -36.19 -1.57 -31.12
C GLU A 479 -34.71 -1.27 -31.37
N ASP A 480 -34.36 -0.01 -31.20
CA ASP A 480 -32.99 0.53 -31.31
C ASP A 480 -32.11 0.53 -30.06
N TRP A 481 -31.14 -0.38 -30.02
CA TRP A 481 -30.22 -0.46 -28.88
C TRP A 481 -28.95 0.36 -29.11
N HIS A 482 -28.42 0.91 -28.03
CA HIS A 482 -27.20 1.70 -28.09
C HIS A 482 -26.16 1.10 -27.14
N LYS A 483 -24.98 0.82 -27.68
CA LYS A 483 -23.90 0.23 -26.88
C LYS A 483 -23.01 1.25 -26.17
N ILE A 484 -22.79 1.02 -24.89
CA ILE A 484 -21.91 1.88 -24.11
C ILE A 484 -20.50 1.36 -24.31
N ASP A 485 -19.78 1.99 -25.23
CA ASP A 485 -18.43 1.63 -25.64
C ASP A 485 -17.36 1.54 -24.56
N ILE A 486 -17.53 0.57 -23.65
CA ILE A 486 -16.60 0.32 -22.56
C ILE A 486 -16.59 -1.19 -22.30
N ALA A 487 -15.46 -1.84 -22.60
CA ALA A 487 -15.33 -3.27 -22.39
C ALA A 487 -15.00 -3.58 -20.93
N LEU A 488 -16.03 -3.80 -20.12
CA LEU A 488 -15.87 -4.11 -18.71
C LEU A 488 -15.31 -5.52 -18.53
N GLU A 489 -14.40 -5.68 -17.57
CA GLU A 489 -13.77 -6.97 -17.30
C GLU A 489 -14.51 -7.81 -16.28
N SER A 490 -14.86 -9.03 -16.67
CA SER A 490 -15.58 -9.96 -15.80
C SER A 490 -14.76 -10.41 -14.60
N LYS A 491 -13.44 -10.32 -14.72
CA LYS A 491 -12.55 -10.73 -13.63
C LYS A 491 -12.71 -9.83 -12.41
N LYS A 492 -13.20 -8.61 -12.62
CA LYS A 492 -13.36 -7.68 -11.52
C LYS A 492 -14.53 -8.03 -10.61
N LEU A 493 -15.32 -9.02 -11.01
CA LEU A 493 -16.44 -9.48 -10.21
C LEU A 493 -16.20 -10.95 -9.86
N SER A 494 -14.96 -11.27 -9.51
CA SER A 494 -14.60 -12.64 -9.14
C SER A 494 -13.99 -12.75 -7.74
N ASP A 495 -13.98 -13.98 -7.21
CA ASP A 495 -13.44 -14.26 -5.89
C ASP A 495 -11.94 -13.93 -5.84
N ASP A 496 -11.27 -14.18 -6.96
CA ASP A 496 -9.83 -13.98 -7.08
C ASP A 496 -9.35 -12.55 -7.28
N TYR A 497 -10.27 -11.62 -7.47
CA TYR A 497 -9.92 -10.22 -7.69
C TYR A 497 -10.16 -9.29 -6.51
N ILE A 498 -11.32 -9.44 -5.87
CA ILE A 498 -11.70 -8.59 -4.76
C ILE A 498 -10.77 -8.72 -3.54
N ARG A 499 -10.57 -7.61 -2.84
CA ARG A 499 -9.72 -7.56 -1.66
C ARG A 499 -10.50 -7.89 -0.39
N GLY A 500 -9.77 -8.24 0.67
CA GLY A 500 -10.39 -8.56 1.94
C GLY A 500 -10.30 -10.03 2.31
N GLY A 501 -10.58 -10.31 3.59
CA GLY A 501 -10.55 -11.68 4.07
C GLY A 501 -11.74 -12.48 3.61
N GLY A 502 -12.78 -11.78 3.16
CA GLY A 502 -13.97 -12.45 2.68
C GLY A 502 -14.09 -12.34 1.17
N PHE A 503 -13.95 -13.48 0.48
CA PHE A 503 -14.02 -13.54 -0.97
C PHE A 503 -14.79 -14.85 -1.26
N PHE A 504 -15.97 -15.02 -0.70
CA PHE A 504 -16.64 -16.30 -0.88
C PHE A 504 -17.96 -16.32 -1.63
N THR A 505 -18.30 -15.26 -2.37
CA THR A 505 -19.57 -15.26 -3.09
C THR A 505 -19.49 -15.49 -4.60
N GLY A 506 -19.80 -14.46 -5.37
CA GLY A 506 -19.77 -14.57 -6.83
C GLY A 506 -20.52 -13.41 -7.45
N ALA A 507 -20.41 -13.28 -8.76
CA ALA A 507 -21.08 -12.19 -9.49
C ALA A 507 -22.60 -12.34 -9.53
N PHE A 508 -23.30 -11.22 -9.36
CA PHE A 508 -24.76 -11.17 -9.39
C PHE A 508 -25.19 -10.09 -10.38
N VAL A 509 -26.43 -10.19 -10.85
CA VAL A 509 -27.00 -9.22 -11.78
C VAL A 509 -28.45 -8.98 -11.35
N GLY A 510 -28.84 -7.72 -11.23
CA GLY A 510 -30.21 -7.44 -10.81
C GLY A 510 -30.70 -6.03 -10.97
N MET A 511 -31.89 -5.79 -10.42
CA MET A 511 -32.55 -4.49 -10.47
C MET A 511 -32.30 -3.76 -9.15
N GLN A 512 -32.00 -2.47 -9.23
CA GLN A 512 -31.73 -1.70 -8.04
C GLN A 512 -32.27 -0.27 -8.09
N CYS A 513 -32.48 0.30 -6.91
CA CYS A 513 -32.98 1.67 -6.77
C CYS A 513 -32.46 2.26 -5.47
N GLN A 514 -31.86 3.43 -5.55
CA GLN A 514 -31.34 4.10 -4.37
C GLN A 514 -31.85 5.53 -4.27
N ASP A 515 -32.10 5.95 -3.04
CA ASP A 515 -32.57 7.30 -2.78
C ASP A 515 -31.91 7.75 -1.49
N THR A 516 -30.75 8.38 -1.63
CA THR A 516 -30.01 8.86 -0.48
C THR A 516 -30.49 10.26 -0.09
N GLY A 517 -31.65 10.66 -0.62
CA GLY A 517 -32.23 11.94 -0.32
C GLY A 517 -33.25 11.82 0.80
N GLY A 518 -33.82 10.63 0.94
CA GLY A 518 -34.80 10.38 1.99
C GLY A 518 -36.23 10.24 1.51
N ASN A 519 -36.45 10.47 0.23
CA ASN A 519 -37.80 10.38 -0.34
C ASN A 519 -38.29 8.97 -0.69
N HIS A 520 -37.40 7.99 -0.65
CA HIS A 520 -37.76 6.59 -0.97
C HIS A 520 -38.53 6.51 -2.30
N ILE A 521 -38.03 7.20 -3.32
CA ILE A 521 -38.66 7.22 -4.63
C ILE A 521 -38.72 5.82 -5.25
N PRO A 522 -39.92 5.42 -5.73
CA PRO A 522 -40.12 4.12 -6.35
C PRO A 522 -39.61 4.03 -7.78
N ALA A 523 -39.21 2.83 -8.19
CA ALA A 523 -38.71 2.55 -9.53
C ALA A 523 -39.44 1.30 -9.98
N ASP A 524 -40.16 1.38 -11.09
CA ASP A 524 -40.91 0.24 -11.59
C ASP A 524 -40.20 -0.52 -12.69
N PHE A 525 -39.90 -1.78 -12.42
CA PHE A 525 -39.24 -2.64 -13.39
C PHE A 525 -40.29 -3.55 -14.03
N ARG A 526 -40.53 -3.37 -15.33
CA ARG A 526 -41.53 -4.14 -16.07
C ARG A 526 -41.24 -5.63 -16.15
N TYR A 527 -39.97 -6.00 -16.29
CA TYR A 527 -39.59 -7.40 -16.40
C TYR A 527 -38.10 -7.60 -16.17
N PHE A 528 -37.68 -8.86 -16.07
CA PHE A 528 -36.28 -9.19 -15.91
C PHE A 528 -35.98 -10.44 -16.71
N ARG A 529 -35.19 -10.28 -17.77
CA ARG A 529 -34.83 -11.39 -18.63
C ARG A 529 -33.41 -11.88 -18.36
N TYR A 530 -33.24 -13.20 -18.39
CA TYR A 530 -31.96 -13.85 -18.18
C TYR A 530 -31.91 -15.05 -19.12
N LYS A 531 -31.03 -14.99 -20.10
CA LYS A 531 -30.91 -16.09 -21.06
C LYS A 531 -29.46 -16.48 -21.31
N GLU A 532 -29.12 -17.71 -20.96
CA GLU A 532 -27.77 -18.22 -21.18
C GLU A 532 -27.65 -18.72 -22.61
N LYS A 533 -26.49 -18.49 -23.20
CA LYS A 533 -26.19 -18.90 -24.58
C LYS A 533 -26.04 -20.41 -24.68
N LYS B 2 -12.41 33.28 34.16
CA LYS B 2 -13.55 32.59 34.85
C LYS B 2 -13.93 31.25 34.23
N ILE B 3 -14.15 31.21 32.92
CA ILE B 3 -14.48 29.97 32.24
C ILE B 3 -13.16 29.35 31.79
N THR B 4 -12.89 28.13 32.23
CA THR B 4 -11.64 27.46 31.84
C THR B 4 -11.94 26.34 30.84
N ASN B 5 -11.45 26.51 29.61
CA ASN B 5 -11.65 25.54 28.54
C ASN B 5 -10.57 24.46 28.51
N PRO B 6 -10.93 23.24 28.04
CA PRO B 6 -12.25 22.81 27.58
C PRO B 6 -13.22 22.67 28.74
N VAL B 7 -14.46 23.05 28.50
CA VAL B 7 -15.52 22.96 29.50
C VAL B 7 -15.97 21.50 29.63
N LEU B 8 -15.98 20.79 28.50
CA LEU B 8 -16.35 19.38 28.47
C LEU B 8 -15.10 18.65 27.98
N LYS B 9 -14.39 18.01 28.92
CA LYS B 9 -13.15 17.31 28.60
C LYS B 9 -13.35 15.89 28.07
N GLY B 10 -12.41 15.44 27.25
CA GLY B 10 -12.51 14.11 26.67
C GLY B 10 -13.46 14.10 25.48
N PHE B 11 -13.77 12.91 24.97
CA PHE B 11 -14.66 12.71 23.82
C PHE B 11 -16.02 13.37 24.02
N ASN B 12 -16.15 14.60 23.50
CA ASN B 12 -17.39 15.40 23.60
C ASN B 12 -17.38 16.41 22.45
N PRO B 13 -17.52 15.93 21.20
CA PRO B 13 -17.53 16.79 20.01
C PRO B 13 -18.87 17.39 19.60
N ASP B 14 -18.81 18.23 18.57
CA ASP B 14 -19.99 18.88 17.99
C ASP B 14 -20.99 19.39 19.02
N PRO B 15 -20.58 20.37 19.86
CA PRO B 15 -21.47 20.93 20.88
C PRO B 15 -22.64 21.72 20.32
N SER B 16 -23.84 21.42 20.83
CA SER B 16 -25.06 22.10 20.41
C SER B 16 -25.61 22.70 21.71
N ILE B 17 -25.33 23.98 21.92
CA ILE B 17 -25.77 24.67 23.13
C ILE B 17 -27.13 25.35 22.95
N CYS B 18 -27.97 25.26 23.98
CA CYS B 18 -29.28 25.88 23.93
C CYS B 18 -29.69 26.31 25.34
N ARG B 19 -30.58 27.29 25.41
CA ARG B 19 -31.04 27.78 26.69
C ARG B 19 -32.51 27.49 26.93
N ALA B 20 -32.84 27.10 28.15
CA ALA B 20 -34.20 26.81 28.55
C ALA B 20 -34.42 27.61 29.83
N GLY B 21 -34.87 28.85 29.68
CA GLY B 21 -35.08 29.69 30.84
C GLY B 21 -33.73 30.14 31.38
N GLU B 22 -33.37 29.67 32.56
CA GLU B 22 -32.08 30.02 33.15
C GLU B 22 -31.15 28.81 33.23
N ASP B 23 -31.45 27.79 32.43
CA ASP B 23 -30.64 26.59 32.39
C ASP B 23 -29.99 26.46 31.02
N TYR B 24 -28.75 25.96 30.99
CA TYR B 24 -28.01 25.79 29.76
C TYR B 24 -27.62 24.34 29.53
N TYR B 25 -27.77 23.89 28.29
CA TYR B 25 -27.47 22.51 27.93
C TYR B 25 -26.61 22.43 26.69
N ILE B 26 -25.77 21.39 26.63
CA ILE B 26 -24.92 21.17 25.46
C ILE B 26 -25.00 19.70 25.07
N ALA B 27 -25.52 19.44 23.88
CA ALA B 27 -25.62 18.09 23.35
C ALA B 27 -24.38 17.82 22.49
N VAL B 28 -23.77 16.66 22.68
CA VAL B 28 -22.58 16.28 21.92
C VAL B 28 -22.77 14.94 21.21
N SER B 29 -21.96 14.70 20.18
CA SER B 29 -22.02 13.47 19.42
C SER B 29 -21.44 12.29 20.19
N THR B 30 -21.96 11.09 19.94
CA THR B 30 -21.52 9.89 20.63
C THR B 30 -21.07 8.80 19.67
N PHE B 31 -21.50 8.90 18.42
CA PHE B 31 -21.16 7.94 17.37
C PHE B 31 -21.60 6.52 17.71
N GLU B 32 -20.65 5.60 17.82
CA GLU B 32 -21.00 4.21 18.12
C GLU B 32 -21.30 3.92 19.60
N TRP B 33 -20.97 4.86 20.49
CA TRP B 33 -21.20 4.65 21.92
C TRP B 33 -22.68 4.79 22.33
N PHE B 34 -23.13 3.82 23.12
CA PHE B 34 -24.52 3.77 23.59
C PHE B 34 -24.62 3.92 25.11
N PRO B 35 -25.66 4.64 25.62
CA PRO B 35 -26.69 5.30 24.81
C PRO B 35 -26.15 6.55 24.17
N GLY B 36 -26.84 6.87 23.08
CA GLY B 36 -26.59 7.98 22.17
C GLY B 36 -26.83 9.39 22.74
N VAL B 37 -26.02 10.33 22.23
CA VAL B 37 -26.01 11.75 22.57
C VAL B 37 -25.87 12.10 24.05
N GLN B 38 -24.74 12.71 24.41
CA GLN B 38 -24.52 13.13 25.79
C GLN B 38 -25.02 14.56 25.94
N ILE B 39 -25.73 14.82 27.03
CA ILE B 39 -26.22 16.17 27.29
C ILE B 39 -25.69 16.66 28.63
N HIS B 40 -25.02 17.80 28.60
CA HIS B 40 -24.45 18.39 29.80
C HIS B 40 -25.28 19.61 30.20
N HIS B 41 -25.34 19.88 31.50
CA HIS B 41 -26.11 20.99 32.02
C HIS B 41 -25.24 21.99 32.78
N SER B 42 -25.69 23.23 32.85
CA SER B 42 -24.98 24.29 33.56
C SER B 42 -25.88 25.48 33.84
N LYS B 43 -25.52 26.24 34.89
CA LYS B 43 -26.25 27.42 35.28
C LYS B 43 -25.42 28.67 34.97
N ASP B 44 -24.10 28.56 35.13
CA ASP B 44 -23.18 29.68 34.92
C ASP B 44 -22.23 29.59 33.72
N LEU B 45 -22.35 28.54 32.92
CA LEU B 45 -21.49 28.29 31.76
C LEU B 45 -20.05 27.97 32.13
N VAL B 46 -19.74 28.01 33.43
CA VAL B 46 -18.41 27.71 33.91
C VAL B 46 -18.36 26.26 34.39
N ASN B 47 -19.30 25.91 35.27
CA ASN B 47 -19.38 24.56 35.83
C ASN B 47 -20.42 23.71 35.11
N TRP B 48 -19.99 22.52 34.66
CA TRP B 48 -20.87 21.62 33.94
C TRP B 48 -20.92 20.22 34.54
N HIS B 49 -21.91 19.44 34.12
CA HIS B 49 -22.07 18.07 34.60
C HIS B 49 -22.94 17.27 33.65
N LEU B 50 -22.57 16.02 33.42
CA LEU B 50 -23.30 15.12 32.55
C LEU B 50 -24.64 14.77 33.20
N VAL B 51 -25.73 15.00 32.48
CA VAL B 51 -27.06 14.73 33.02
C VAL B 51 -27.96 13.75 32.26
N ALA B 52 -27.71 13.55 30.97
CA ALA B 52 -28.57 12.63 30.21
C ALA B 52 -27.96 12.10 28.90
N HIS B 53 -28.66 11.10 28.38
CA HIS B 53 -28.41 10.37 27.14
C HIS B 53 -29.80 10.01 26.60
N PRO B 54 -30.40 10.89 25.79
CA PRO B 54 -31.73 10.70 25.20
C PRO B 54 -32.01 9.38 24.50
N LEU B 55 -31.11 8.96 23.61
CA LEU B 55 -31.29 7.74 22.85
C LEU B 55 -30.91 6.48 23.64
N GLN B 56 -31.87 5.98 24.41
CA GLN B 56 -31.65 4.79 25.24
C GLN B 56 -32.30 3.51 24.70
N ARG B 57 -33.21 3.67 23.75
CA ARG B 57 -33.91 2.52 23.17
C ARG B 57 -33.48 2.17 21.76
N VAL B 58 -33.52 0.88 21.44
CA VAL B 58 -33.14 0.38 20.12
C VAL B 58 -34.08 0.96 19.05
N SER B 59 -35.33 1.19 19.43
CA SER B 59 -36.31 1.74 18.50
C SER B 59 -35.91 3.17 18.08
N GLN B 60 -35.14 3.83 18.93
CA GLN B 60 -34.64 5.18 18.67
C GLN B 60 -33.28 5.10 17.98
N LEU B 61 -32.43 4.22 18.48
CA LEU B 61 -31.08 4.07 17.94
C LEU B 61 -30.64 2.60 17.90
N ASP B 62 -30.55 2.07 16.68
CA ASP B 62 -30.14 0.69 16.46
C ASP B 62 -28.80 0.75 15.73
N MET B 63 -27.71 0.57 16.48
CA MET B 63 -26.38 0.64 15.89
C MET B 63 -25.59 -0.66 15.83
N LYS B 64 -26.25 -1.80 15.98
CA LYS B 64 -25.57 -3.07 15.91
C LYS B 64 -25.03 -3.28 14.50
N GLY B 65 -23.72 -3.44 14.39
CA GLY B 65 -23.10 -3.62 13.09
C GLY B 65 -22.57 -2.35 12.47
N ASN B 66 -22.84 -1.21 13.11
CA ASN B 66 -22.38 0.08 12.60
C ASN B 66 -20.86 0.19 12.53
N PRO B 67 -20.33 0.80 11.46
CA PRO B 67 -18.88 0.94 11.32
C PRO B 67 -18.34 1.90 12.39
N ASN B 68 -17.04 1.84 12.63
CA ASN B 68 -16.41 2.71 13.62
C ASN B 68 -16.62 4.16 13.20
N SER B 69 -16.97 4.99 14.19
CA SER B 69 -17.24 6.41 13.98
C SER B 69 -18.46 6.66 13.11
N GLY B 70 -19.36 5.68 13.11
CA GLY B 70 -20.59 5.81 12.38
C GLY B 70 -21.63 6.27 13.38
N GLY B 71 -22.86 5.80 13.20
CA GLY B 71 -23.92 6.15 14.13
C GLY B 71 -24.22 7.61 14.36
N VAL B 72 -24.30 8.01 15.62
CA VAL B 72 -24.62 9.38 15.99
C VAL B 72 -23.56 10.45 15.74
N TRP B 73 -23.77 11.23 14.70
CA TRP B 73 -22.85 12.32 14.39
C TRP B 73 -23.33 13.58 15.11
N ALA B 74 -22.96 14.75 14.60
CA ALA B 74 -23.37 16.02 15.23
C ALA B 74 -24.87 16.14 15.47
N PRO B 75 -25.27 16.34 16.74
CA PRO B 75 -26.69 16.48 17.10
C PRO B 75 -27.08 17.96 17.18
N CYS B 76 -28.39 18.21 17.29
CA CYS B 76 -28.90 19.57 17.41
C CYS B 76 -29.95 19.60 18.51
N LEU B 77 -29.65 20.31 19.59
CA LEU B 77 -30.57 20.42 20.71
C LEU B 77 -31.15 21.83 20.78
N SER B 78 -32.47 21.92 20.79
CA SER B 78 -33.14 23.21 20.86
C SER B 78 -34.30 23.16 21.85
N TYR B 79 -34.79 24.33 22.25
CA TYR B 79 -35.91 24.41 23.17
C TYR B 79 -36.95 25.38 22.62
N SER B 80 -38.17 24.90 22.46
CA SER B 80 -39.25 25.70 21.92
C SER B 80 -40.60 25.05 22.22
N ASP B 81 -41.63 25.89 22.37
CA ASP B 81 -42.99 25.42 22.64
C ASP B 81 -43.08 24.55 23.89
N GLY B 82 -42.28 24.87 24.90
CA GLY B 82 -42.30 24.13 26.15
C GLY B 82 -41.70 22.74 26.15
N LYS B 83 -40.78 22.46 25.22
CA LYS B 83 -40.14 21.16 25.16
C LYS B 83 -38.81 21.20 24.40
N PHE B 84 -38.01 20.14 24.58
CA PHE B 84 -36.71 20.03 23.93
C PHE B 84 -36.86 19.29 22.61
N TRP B 85 -36.13 19.71 21.60
CA TRP B 85 -36.16 19.07 20.29
C TRP B 85 -34.76 18.56 19.99
N LEU B 86 -34.63 17.26 19.73
CA LEU B 86 -33.33 16.69 19.43
C LEU B 86 -33.24 16.10 18.03
N ILE B 87 -32.37 16.66 17.21
CA ILE B 87 -32.15 16.18 15.86
C ILE B 87 -30.86 15.36 15.89
N TYR B 88 -30.93 14.10 15.47
CA TYR B 88 -29.75 13.25 15.44
C TYR B 88 -29.66 12.47 14.13
N THR B 89 -28.48 11.94 13.87
CA THR B 89 -28.23 11.19 12.65
C THR B 89 -27.69 9.80 12.97
N ASP B 90 -27.93 8.86 12.06
CA ASP B 90 -27.43 7.48 12.19
C ASP B 90 -26.69 7.21 10.89
N VAL B 91 -25.38 7.38 10.92
CA VAL B 91 -24.55 7.16 9.74
C VAL B 91 -24.15 5.70 9.59
N LYS B 92 -24.55 5.10 8.48
CA LYS B 92 -24.26 3.70 8.21
C LYS B 92 -22.98 3.48 7.40
N VAL B 93 -22.62 4.47 6.60
CA VAL B 93 -21.41 4.39 5.76
C VAL B 93 -20.52 5.59 6.02
N VAL B 94 -19.28 5.34 6.42
CA VAL B 94 -18.32 6.40 6.71
C VAL B 94 -17.14 6.47 5.73
N ASP B 95 -17.16 5.62 4.72
CA ASP B 95 -16.09 5.58 3.72
C ASP B 95 -16.64 5.48 2.31
N GLY B 96 -15.84 5.93 1.34
CA GLY B 96 -16.23 5.86 -0.05
C GLY B 96 -16.91 7.10 -0.58
N ALA B 97 -17.54 6.97 -1.74
CA ALA B 97 -18.23 8.08 -2.39
C ALA B 97 -19.51 8.48 -1.64
N TRP B 98 -20.14 7.54 -0.98
CA TRP B 98 -21.36 7.82 -0.24
C TRP B 98 -21.16 7.93 1.27
N LYS B 99 -22.16 8.48 1.94
CA LYS B 99 -22.14 8.65 3.40
C LYS B 99 -23.57 8.40 3.87
N ASP B 100 -24.09 7.22 3.54
CA ASP B 100 -25.45 6.84 3.90
C ASP B 100 -25.78 7.14 5.36
N CYS B 101 -26.76 8.00 5.56
CA CYS B 101 -27.19 8.38 6.90
C CYS B 101 -28.67 8.75 6.90
N HIS B 102 -29.28 8.78 8.07
CA HIS B 102 -30.69 9.13 8.20
C HIS B 102 -30.87 10.05 9.39
N ASN B 103 -31.62 11.12 9.19
CA ASN B 103 -31.89 12.11 10.23
C ASN B 103 -33.23 11.88 10.89
N TYR B 104 -33.28 12.06 12.20
CA TYR B 104 -34.49 11.86 12.99
C TYR B 104 -34.72 12.98 13.99
N LEU B 105 -35.94 13.01 14.54
CA LEU B 105 -36.32 14.01 15.54
C LEU B 105 -37.04 13.34 16.72
N VAL B 106 -36.59 13.66 17.93
CA VAL B 106 -37.20 13.14 19.14
C VAL B 106 -37.41 14.31 20.09
N THR B 107 -38.51 14.33 20.81
CA THR B 107 -38.80 15.41 21.74
C THR B 107 -39.01 14.93 23.18
N CYS B 108 -39.02 15.87 24.12
CA CYS B 108 -39.24 15.56 25.53
C CYS B 108 -39.36 16.88 26.29
N GLU B 109 -40.34 16.95 27.18
CA GLU B 109 -40.54 18.16 27.97
C GLU B 109 -39.40 18.38 28.95
N THR B 110 -38.76 17.29 29.37
CA THR B 110 -37.63 17.36 30.28
C THR B 110 -36.36 16.84 29.60
N ILE B 111 -35.20 17.32 30.04
CA ILE B 111 -33.94 16.91 29.43
C ILE B 111 -33.57 15.45 29.71
N ASN B 112 -33.98 14.94 30.86
CA ASN B 112 -33.67 13.55 31.23
C ASN B 112 -34.87 12.62 31.35
N GLY B 113 -35.99 13.01 30.74
CA GLY B 113 -37.18 12.18 30.78
C GLY B 113 -37.14 11.13 29.68
N ASP B 114 -38.30 10.53 29.38
CA ASP B 114 -38.36 9.54 28.32
C ASP B 114 -38.67 10.21 26.98
N TRP B 115 -37.66 10.31 26.14
CA TRP B 115 -37.81 10.94 24.83
C TRP B 115 -38.74 10.12 23.95
N SER B 116 -39.38 10.80 23.01
CA SER B 116 -40.33 10.18 22.09
C SER B 116 -39.67 9.27 21.06
N GLU B 117 -40.51 8.57 20.30
CA GLU B 117 -40.03 7.70 19.24
C GLU B 117 -39.61 8.63 18.10
N PRO B 118 -38.55 8.25 17.37
CA PRO B 118 -38.04 9.06 16.25
C PRO B 118 -39.02 9.36 15.12
N ILE B 119 -38.91 10.56 14.58
CA ILE B 119 -39.71 11.02 13.46
C ILE B 119 -38.74 11.13 12.29
N LYS B 120 -38.99 10.40 11.21
CA LYS B 120 -38.11 10.42 10.05
C LYS B 120 -38.15 11.79 9.35
N LEU B 121 -36.97 12.35 9.11
CA LEU B 121 -36.85 13.65 8.46
C LEU B 121 -36.39 13.49 7.01
N ASN B 122 -35.08 13.37 6.82
CA ASN B 122 -34.49 13.18 5.48
C ASN B 122 -33.17 12.43 5.58
N SER B 123 -32.49 12.26 4.46
CA SER B 123 -31.21 11.55 4.44
C SER B 123 -30.18 12.20 3.51
N SER B 124 -30.53 13.34 2.92
CA SER B 124 -29.64 14.06 2.00
C SER B 124 -28.25 14.45 2.51
N GLY B 125 -28.06 14.40 3.82
CA GLY B 125 -26.77 14.74 4.39
C GLY B 125 -26.79 14.78 5.91
N PHE B 126 -25.62 14.88 6.53
CA PHE B 126 -25.54 14.91 7.98
C PHE B 126 -25.58 16.34 8.54
N ASP B 127 -25.34 16.47 9.84
CA ASP B 127 -25.35 17.76 10.52
C ASP B 127 -26.69 18.48 10.42
N ALA B 128 -27.77 17.71 10.58
CA ALA B 128 -29.13 18.27 10.52
C ALA B 128 -29.37 19.13 11.76
N SER B 129 -30.10 20.23 11.57
CA SER B 129 -30.39 21.16 12.66
C SER B 129 -31.79 21.76 12.53
N LEU B 130 -32.50 21.89 13.65
CA LEU B 130 -33.84 22.46 13.64
C LEU B 130 -33.82 23.92 14.10
N PHE B 131 -34.33 24.80 13.24
CA PHE B 131 -34.37 26.23 13.52
C PHE B 131 -35.80 26.69 13.81
N HIS B 132 -35.99 27.36 14.95
CA HIS B 132 -37.29 27.86 15.34
C HIS B 132 -37.33 29.38 15.09
N ASP B 133 -37.99 29.77 14.01
CA ASP B 133 -38.10 31.18 13.65
C ASP B 133 -39.06 31.94 14.56
N THR B 134 -38.90 33.26 14.60
CA THR B 134 -39.72 34.13 15.44
C THR B 134 -41.19 34.23 15.00
N ASP B 135 -41.50 33.71 13.82
CA ASP B 135 -42.88 33.75 13.31
C ASP B 135 -43.64 32.45 13.57
N GLY B 136 -43.02 31.53 14.31
CA GLY B 136 -43.67 30.26 14.60
C GLY B 136 -43.32 29.15 13.64
N LYS B 137 -42.66 29.48 12.54
CA LYS B 137 -42.26 28.48 11.55
C LYS B 137 -40.97 27.78 11.94
N LYS B 138 -40.84 26.51 11.57
CA LYS B 138 -39.66 25.73 11.87
C LYS B 138 -39.02 25.25 10.58
N TYR B 139 -37.68 25.20 10.55
CA TYR B 139 -36.95 24.78 9.36
C TYR B 139 -35.82 23.82 9.71
N LEU B 140 -35.60 22.83 8.83
CA LEU B 140 -34.53 21.87 9.04
C LEU B 140 -33.38 22.22 8.10
N LEU B 141 -32.17 22.32 8.67
CA LEU B 141 -30.97 22.62 7.91
C LEU B 141 -30.07 21.40 7.95
N ASN B 142 -29.25 21.24 6.93
CA ASN B 142 -28.31 20.12 6.86
C ASN B 142 -27.42 20.28 5.63
N MET B 143 -26.25 19.66 5.66
CA MET B 143 -25.35 19.74 4.52
C MET B 143 -25.79 18.72 3.47
N LEU B 144 -25.50 19.02 2.22
CA LEU B 144 -25.87 18.16 1.11
C LEU B 144 -24.65 17.34 0.68
N TRP B 145 -24.74 16.02 0.82
CA TRP B 145 -23.63 15.16 0.44
C TRP B 145 -23.69 14.78 -1.05
N ASP B 146 -22.65 15.13 -1.79
CA ASP B 146 -22.59 14.84 -3.21
C ASP B 146 -21.61 13.69 -3.47
N HIS B 147 -22.13 12.55 -3.89
CA HIS B 147 -21.32 11.36 -4.16
C HIS B 147 -20.65 11.36 -5.53
N ARG B 148 -21.17 12.19 -6.45
CA ARG B 148 -20.63 12.26 -7.81
C ARG B 148 -19.15 12.60 -7.90
N ILE B 149 -18.44 11.83 -8.72
CA ILE B 149 -17.00 11.95 -8.92
C ILE B 149 -16.43 13.33 -9.27
N ASP B 150 -17.08 14.02 -10.21
CA ASP B 150 -16.60 15.34 -10.64
C ASP B 150 -17.00 16.52 -9.75
N ARG B 151 -17.44 16.26 -8.53
CA ARG B 151 -17.86 17.34 -7.63
C ARG B 151 -17.43 17.09 -6.19
N HIS B 152 -17.24 18.18 -5.45
CA HIS B 152 -16.84 18.07 -4.05
C HIS B 152 -17.98 17.47 -3.26
N SER B 153 -17.71 16.56 -2.32
CA SER B 153 -18.73 15.90 -1.50
C SER B 153 -19.63 16.86 -0.72
N PHE B 154 -19.10 18.01 -0.34
CA PHE B 154 -19.90 18.98 0.40
C PHE B 154 -20.59 19.92 -0.60
N GLY B 155 -21.80 19.53 -0.99
CA GLY B 155 -22.58 20.30 -1.96
C GLY B 155 -23.32 21.52 -1.47
N GLY B 156 -23.02 21.98 -0.25
CA GLY B 156 -23.69 23.16 0.27
C GLY B 156 -24.69 22.92 1.39
N ILE B 157 -25.34 23.99 1.82
CA ILE B 157 -26.32 23.92 2.89
C ILE B 157 -27.75 24.02 2.35
N VAL B 158 -28.58 23.03 2.69
CA VAL B 158 -29.96 23.03 2.25
C VAL B 158 -30.90 23.35 3.41
N ILE B 159 -32.10 23.84 3.08
CA ILE B 159 -33.09 24.17 4.08
C ILE B 159 -34.47 23.74 3.58
N GLN B 160 -35.33 23.31 4.50
CA GLN B 160 -36.67 22.88 4.16
C GLN B 160 -37.54 23.06 5.39
N GLU B 161 -38.71 23.65 5.19
CA GLU B 161 -39.63 23.87 6.30
C GLU B 161 -40.14 22.58 6.91
N TYR B 162 -40.19 22.54 8.24
CA TYR B 162 -40.67 21.38 8.96
C TYR B 162 -42.05 21.67 9.54
N SER B 163 -43.02 20.81 9.21
CA SER B 163 -44.38 20.96 9.71
C SER B 163 -44.49 20.20 11.03
N ASP B 164 -44.67 20.95 12.12
CA ASP B 164 -44.80 20.34 13.44
C ASP B 164 -46.10 19.54 13.54
N LYS B 165 -47.15 20.03 12.87
CA LYS B 165 -48.45 19.39 12.89
C LYS B 165 -48.47 18.08 12.11
N GLU B 166 -47.93 18.11 10.90
CA GLU B 166 -47.88 16.94 10.04
C GLU B 166 -46.70 16.02 10.33
N GLN B 167 -45.81 16.48 11.20
CA GLN B 167 -44.61 15.74 11.60
C GLN B 167 -43.78 15.28 10.39
N LYS B 168 -43.49 16.21 9.50
CA LYS B 168 -42.71 15.90 8.30
C LYS B 168 -42.23 17.18 7.62
N LEU B 169 -41.24 17.05 6.75
CA LEU B 169 -40.74 18.20 6.00
C LEU B 169 -41.72 18.47 4.88
N ILE B 170 -42.02 19.75 4.64
CA ILE B 170 -42.95 20.14 3.60
C ILE B 170 -42.30 20.99 2.53
N GLY B 171 -42.98 21.13 1.39
CA GLY B 171 -42.45 21.91 0.29
C GLY B 171 -41.28 21.21 -0.38
N LYS B 172 -40.29 22.00 -0.80
CA LYS B 172 -39.11 21.47 -1.45
C LYS B 172 -37.86 22.09 -0.85
N PRO B 173 -36.79 21.28 -0.69
CA PRO B 173 -35.53 21.79 -0.12
C PRO B 173 -34.80 22.65 -1.15
N LYS B 174 -33.94 23.54 -0.66
CA LYS B 174 -33.17 24.40 -1.54
C LYS B 174 -31.87 24.87 -0.90
N VAL B 175 -30.82 24.96 -1.71
CA VAL B 175 -29.51 25.41 -1.25
C VAL B 175 -29.53 26.92 -0.98
N ILE B 176 -29.12 27.30 0.22
CA ILE B 176 -29.09 28.71 0.61
C ILE B 176 -27.68 29.24 0.85
N PHE B 177 -26.69 28.35 0.87
CA PHE B 177 -25.31 28.74 1.11
C PHE B 177 -24.35 27.68 0.56
N GLU B 178 -23.27 28.14 -0.06
CA GLU B 178 -22.29 27.21 -0.64
C GLU B 178 -20.90 27.30 0.00
N GLY B 179 -20.77 28.10 1.06
CA GLY B 179 -19.51 28.23 1.75
C GLY B 179 -18.44 29.12 1.12
N THR B 180 -17.26 29.11 1.73
CA THR B 180 -16.12 29.91 1.27
C THR B 180 -15.03 29.02 0.71
N ASP B 181 -13.84 29.56 0.52
CA ASP B 181 -12.71 28.80 0.00
C ASP B 181 -12.18 27.76 0.99
N ARG B 182 -12.67 27.82 2.23
CA ARG B 182 -12.28 26.86 3.27
C ARG B 182 -12.92 25.51 2.94
N LYS B 183 -14.05 25.57 2.23
CA LYS B 183 -14.80 24.39 1.81
C LYS B 183 -15.22 23.45 2.95
N LEU B 184 -15.68 22.25 2.57
CA LEU B 184 -16.16 21.25 3.54
C LEU B 184 -17.22 21.89 4.44
N THR B 185 -18.05 22.73 3.83
CA THR B 185 -19.12 23.45 4.53
C THR B 185 -20.12 22.49 5.15
N GLU B 186 -20.29 22.60 6.47
CA GLU B 186 -21.21 21.74 7.19
C GLU B 186 -21.67 22.43 8.48
N ALA B 187 -22.26 21.65 9.39
CA ALA B 187 -22.75 22.15 10.67
C ALA B 187 -23.61 23.43 10.60
N PRO B 188 -24.61 23.45 9.71
CA PRO B 188 -25.46 24.64 9.58
C PRO B 188 -26.36 24.91 10.79
N HIS B 189 -26.34 26.16 11.26
CA HIS B 189 -27.15 26.60 12.40
C HIS B 189 -27.68 27.99 12.07
N LEU B 190 -28.99 28.17 12.12
CA LEU B 190 -29.59 29.46 11.82
C LEU B 190 -30.02 30.19 13.08
N TYR B 191 -29.86 31.51 13.09
CA TYR B 191 -30.24 32.34 14.24
C TYR B 191 -30.86 33.65 13.73
N HIS B 192 -32.04 33.99 14.23
CA HIS B 192 -32.68 35.24 13.82
C HIS B 192 -32.40 36.28 14.90
N ILE B 193 -31.37 37.08 14.68
CA ILE B 193 -30.96 38.12 15.62
C ILE B 193 -31.12 39.50 15.00
N GLY B 194 -31.97 40.33 15.61
CA GLY B 194 -32.18 41.66 15.10
C GLY B 194 -32.84 41.65 13.74
N ASN B 195 -32.25 42.38 12.79
CA ASN B 195 -32.77 42.48 11.44
C ASN B 195 -32.13 41.50 10.46
N TYR B 196 -31.42 40.50 10.99
CA TYR B 196 -30.76 39.52 10.13
C TYR B 196 -30.92 38.07 10.55
N TYR B 197 -30.62 37.19 9.59
CA TYR B 197 -30.65 35.75 9.80
C TYR B 197 -29.20 35.30 9.73
N TYR B 198 -28.61 34.87 10.83
CA TYR B 198 -27.22 34.46 10.82
C TYR B 198 -27.04 32.97 10.63
N LEU B 199 -26.40 32.59 9.53
CA LEU B 199 -26.12 31.20 9.22
C LEU B 199 -24.71 30.86 9.65
N LEU B 200 -24.60 30.03 10.68
CA LEU B 200 -23.30 29.61 11.19
C LEU B 200 -22.97 28.24 10.60
N THR B 201 -21.74 28.07 10.16
CA THR B 201 -21.31 26.79 9.58
C THR B 201 -19.88 26.42 10.02
N ALA B 202 -19.49 25.19 9.73
CA ALA B 202 -18.15 24.71 10.04
C ALA B 202 -17.51 24.43 8.70
N GLU B 203 -16.24 24.78 8.55
CA GLU B 203 -15.53 24.56 7.29
C GLU B 203 -14.10 24.07 7.49
N GLY B 204 -13.53 23.50 6.44
CA GLY B 204 -12.16 23.01 6.49
C GLY B 204 -11.94 21.61 7.06
N GLY B 205 -13.02 20.93 7.42
CA GLY B 205 -12.87 19.59 7.98
C GLY B 205 -12.60 19.65 9.48
N THR B 206 -12.90 18.56 10.17
CA THR B 206 -12.73 18.52 11.62
C THR B 206 -11.28 18.33 12.09
N ARG B 207 -10.33 18.38 11.16
CA ARG B 207 -8.93 18.25 11.56
C ARG B 207 -8.38 19.63 11.91
N TYR B 208 -7.11 19.89 11.60
CA TYR B 208 -6.51 21.18 11.95
C TYR B 208 -6.91 22.38 11.09
N GLU B 209 -7.54 22.13 9.95
CA GLU B 209 -7.98 23.20 9.07
C GLU B 209 -9.39 23.66 9.48
N HIS B 210 -9.90 23.07 10.56
CA HIS B 210 -11.24 23.36 11.07
C HIS B 210 -11.45 24.84 11.39
N ALA B 211 -12.64 25.33 11.08
CA ALA B 211 -13.00 26.72 11.31
C ALA B 211 -14.52 26.87 11.42
N ALA B 212 -14.96 28.01 11.92
CA ALA B 212 -16.38 28.32 12.05
C ALA B 212 -16.62 29.61 11.29
N THR B 213 -17.47 29.55 10.27
CA THR B 213 -17.76 30.74 9.47
C THR B 213 -19.21 31.20 9.71
N ILE B 214 -19.47 32.48 9.49
CA ILE B 214 -20.82 33.01 9.67
C ILE B 214 -21.20 33.98 8.56
N ALA B 215 -22.46 33.97 8.17
CA ALA B 215 -22.98 34.84 7.13
C ALA B 215 -24.35 35.37 7.57
N ARG B 216 -24.82 36.44 6.93
CA ARG B 216 -26.11 37.01 7.28
C ARG B 216 -26.96 37.35 6.05
N SER B 217 -28.26 37.48 6.28
CA SER B 217 -29.21 37.81 5.22
C SER B 217 -30.48 38.35 5.84
N ALA B 218 -31.08 39.34 5.18
CA ALA B 218 -32.32 39.94 5.66
C ALA B 218 -33.44 38.91 5.58
N ASN B 219 -33.39 38.09 4.53
CA ASN B 219 -34.37 37.04 4.32
C ASN B 219 -33.76 35.66 4.55
N ILE B 220 -34.59 34.70 4.97
CA ILE B 220 -34.12 33.35 5.25
C ILE B 220 -33.57 32.58 4.04
N GLU B 221 -34.06 32.90 2.85
CA GLU B 221 -33.62 32.22 1.63
C GLU B 221 -32.23 32.66 1.18
N GLY B 222 -31.80 33.83 1.61
CA GLY B 222 -30.51 34.36 1.21
C GLY B 222 -30.61 35.14 -0.09
N PRO B 223 -29.48 35.36 -0.80
CA PRO B 223 -28.12 34.93 -0.50
C PRO B 223 -27.51 35.54 0.76
N TYR B 224 -26.62 34.77 1.39
CA TYR B 224 -25.96 35.20 2.60
C TYR B 224 -24.60 35.83 2.33
N GLU B 225 -24.32 36.93 3.01
CA GLU B 225 -23.04 37.63 2.89
C GLU B 225 -22.16 37.18 4.04
N VAL B 226 -20.94 36.73 3.75
CA VAL B 226 -20.03 36.27 4.80
C VAL B 226 -19.40 37.40 5.63
N HIS B 227 -19.02 37.07 6.85
CA HIS B 227 -18.40 38.00 7.80
C HIS B 227 -17.17 38.63 7.15
N PRO B 228 -16.97 39.95 7.35
CA PRO B 228 -15.82 40.67 6.77
C PRO B 228 -14.46 40.16 7.22
N ASP B 229 -14.42 39.53 8.40
CA ASP B 229 -13.18 38.97 8.93
C ASP B 229 -13.39 37.48 9.19
N ASN B 230 -13.91 36.81 8.18
CA ASN B 230 -14.20 35.38 8.25
C ASN B 230 -12.91 34.58 8.04
N PRO B 231 -12.76 33.44 8.73
CA PRO B 231 -13.67 32.80 9.70
C PRO B 231 -13.63 33.50 11.07
N ILE B 232 -14.75 33.47 11.77
CA ILE B 232 -14.82 34.09 13.10
C ILE B 232 -14.11 33.22 14.15
N LEU B 233 -13.81 31.97 13.78
CA LEU B 233 -13.13 31.05 14.68
C LEU B 233 -12.27 30.06 13.90
N THR B 234 -11.00 29.99 14.24
CA THR B 234 -10.06 29.07 13.61
C THR B 234 -8.65 29.28 14.15
N SER B 235 -7.91 28.19 14.30
CA SER B 235 -6.54 28.27 14.79
C SER B 235 -5.60 27.50 13.85
N TRP B 236 -6.04 27.28 12.62
CA TRP B 236 -5.23 26.58 11.64
C TRP B 236 -3.87 27.25 11.44
N HIS B 237 -3.90 28.58 11.28
CA HIS B 237 -2.71 29.38 11.07
C HIS B 237 -1.81 29.48 12.31
N ASP B 238 -2.30 29.02 13.46
CA ASP B 238 -1.54 29.11 14.70
C ASP B 238 -1.38 27.76 15.43
N PRO B 239 -0.35 26.98 15.08
CA PRO B 239 -0.10 25.68 15.71
C PRO B 239 0.29 25.78 17.19
N GLY B 240 0.66 26.98 17.62
CA GLY B 240 1.06 27.18 19.00
C GLY B 240 -0.10 27.44 19.95
N ASN B 241 -1.29 27.67 19.41
CA ASN B 241 -2.46 27.94 20.23
C ASN B 241 -2.87 26.70 21.03
N PRO B 242 -3.20 26.89 22.32
CA PRO B 242 -3.61 25.76 23.18
C PRO B 242 -4.81 24.98 22.63
N LEU B 243 -5.74 25.70 22.01
CA LEU B 243 -6.93 25.08 21.43
C LEU B 243 -6.78 24.95 19.91
N GLN B 244 -6.95 23.73 19.41
CA GLN B 244 -6.84 23.45 17.98
C GLN B 244 -8.14 22.90 17.42
N LYS B 245 -8.21 22.74 16.09
CA LYS B 245 -9.41 22.20 15.44
C LYS B 245 -10.68 22.95 15.86
N CYS B 246 -10.56 24.26 16.05
CA CYS B 246 -11.67 25.08 16.49
C CYS B 246 -12.76 25.29 15.42
N GLY B 247 -13.88 24.60 15.59
CA GLY B 247 -14.97 24.73 14.64
C GLY B 247 -16.24 24.04 15.12
N HIS B 248 -17.20 23.91 14.21
CA HIS B 248 -18.49 23.29 14.52
C HIS B 248 -19.08 23.90 15.78
N ALA B 249 -19.32 25.22 15.70
CA ALA B 249 -19.84 25.97 16.82
C ALA B 249 -21.36 26.16 16.86
N SER B 250 -21.85 26.69 17.98
CA SER B 250 -23.26 26.99 18.19
C SER B 250 -23.33 28.23 19.08
N ILE B 251 -24.23 29.15 18.77
CA ILE B 251 -24.37 30.39 19.53
C ILE B 251 -25.50 30.34 20.56
N VAL B 252 -25.27 30.99 21.70
CA VAL B 252 -26.28 31.04 22.76
C VAL B 252 -26.32 32.43 23.39
N GLN B 253 -27.54 32.91 23.64
CA GLN B 253 -27.73 34.20 24.28
C GLN B 253 -28.23 33.89 25.68
N THR B 254 -27.45 34.28 26.68
CA THR B 254 -27.81 34.04 28.07
C THR B 254 -29.01 34.89 28.49
N HIS B 255 -29.58 34.59 29.64
CA HIS B 255 -30.72 35.34 30.15
C HIS B 255 -30.24 36.70 30.64
N THR B 256 -28.92 36.86 30.72
CA THR B 256 -28.31 38.12 31.15
C THR B 256 -27.92 38.97 29.93
N ASP B 257 -28.43 38.58 28.76
CA ASP B 257 -28.18 39.26 27.50
C ASP B 257 -26.70 39.31 27.12
N GLU B 258 -26.03 38.16 27.22
CA GLU B 258 -24.63 38.03 26.87
C GLU B 258 -24.50 36.93 25.80
N TRP B 259 -23.49 37.04 24.96
CA TRP B 259 -23.31 36.09 23.88
C TRP B 259 -22.08 35.20 23.98
N TYR B 260 -22.27 33.90 23.79
CA TYR B 260 -21.18 32.93 23.86
C TYR B 260 -21.22 31.96 22.69
N LEU B 261 -20.05 31.41 22.36
CA LEU B 261 -19.91 30.48 21.25
C LEU B 261 -19.28 29.16 21.65
N ALA B 262 -20.09 28.10 21.74
CA ALA B 262 -19.59 26.78 22.09
C ALA B 262 -18.98 26.18 20.82
N HIS B 263 -17.92 25.40 20.96
CA HIS B 263 -17.28 24.79 19.79
C HIS B 263 -16.40 23.61 20.18
N LEU B 264 -16.15 22.72 19.24
CA LEU B 264 -15.30 21.58 19.52
C LEU B 264 -13.84 22.03 19.37
N THR B 265 -12.93 21.31 20.00
CA THR B 265 -11.51 21.66 19.96
C THR B 265 -10.66 20.43 20.29
N GLY B 266 -9.40 20.47 19.89
CA GLY B 266 -8.50 19.36 20.18
C GLY B 266 -7.23 19.87 20.81
N ARG B 267 -6.80 19.23 21.90
CA ARG B 267 -5.57 19.62 22.58
C ARG B 267 -4.53 18.52 22.31
N PRO B 268 -3.77 18.66 21.22
CA PRO B 268 -2.75 17.68 20.83
C PRO B 268 -1.45 17.67 21.63
N ILE B 269 -0.82 16.50 21.64
CA ILE B 269 0.48 16.30 22.28
C ILE B 269 1.46 16.15 21.11
N HIS B 270 2.73 16.41 21.36
CA HIS B 270 3.73 16.31 20.30
C HIS B 270 4.87 15.41 20.80
N PRO B 271 4.63 14.08 20.82
CA PRO B 271 5.59 13.07 21.28
C PRO B 271 6.71 12.63 20.32
N ASP B 272 6.46 12.87 19.04
CA ASP B 272 7.46 12.52 18.02
C ASP B 272 8.55 13.56 17.76
N ASP B 273 8.38 14.78 18.30
CA ASP B 273 9.37 15.85 18.13
C ASP B 273 9.49 16.26 16.64
N ASP B 274 8.38 16.16 15.93
CA ASP B 274 8.34 16.54 14.52
C ASP B 274 8.10 18.03 14.38
N SER B 275 8.00 18.58 13.17
CA SER B 275 7.67 19.99 12.90
C SER B 275 6.17 20.10 13.09
N ILE B 276 5.74 20.93 14.04
CA ILE B 276 4.32 21.11 14.32
C ILE B 276 3.54 21.60 13.10
N PHE B 277 4.21 22.33 12.20
CA PHE B 277 3.56 22.84 11.00
C PHE B 277 3.19 21.71 10.03
N GLN B 278 3.99 20.66 10.02
CA GLN B 278 3.75 19.51 9.16
C GLN B 278 2.86 18.50 9.89
N GLN B 279 3.32 18.08 11.07
CA GLN B 279 2.59 17.12 11.91
C GLN B 279 2.04 17.89 13.11
N ARG B 280 0.78 18.31 13.02
CA ARG B 280 0.14 19.11 14.06
C ARG B 280 -0.04 18.48 15.44
N GLY B 281 0.02 17.15 15.54
CA GLY B 281 -0.13 16.50 16.84
C GLY B 281 -1.20 15.42 16.91
N TYR B 282 -1.31 14.80 18.09
CA TYR B 282 -2.26 13.73 18.35
C TYR B 282 -3.14 14.06 19.55
N CYS B 283 -4.43 13.78 19.42
CA CYS B 283 -5.38 14.07 20.50
C CYS B 283 -6.05 12.81 21.05
N PRO B 284 -5.46 12.21 22.11
CA PRO B 284 -6.02 11.00 22.72
C PRO B 284 -7.36 11.29 23.37
N LEU B 285 -7.57 12.55 23.75
CA LEU B 285 -8.83 12.95 24.39
C LEU B 285 -9.90 13.26 23.34
N GLY B 286 -9.57 13.04 22.07
CA GLY B 286 -10.50 13.29 20.99
C GLY B 286 -10.84 14.76 20.85
N ARG B 287 -12.06 15.05 20.42
CA ARG B 287 -12.51 16.42 20.27
C ARG B 287 -13.37 16.79 21.47
N GLU B 288 -12.96 17.85 22.16
CA GLU B 288 -13.63 18.33 23.37
C GLU B 288 -14.44 19.60 23.08
N THR B 289 -15.21 20.06 24.06
CA THR B 289 -16.02 21.26 23.90
C THR B 289 -15.48 22.46 24.68
N ALA B 290 -15.37 23.60 24.00
CA ALA B 290 -14.90 24.83 24.61
C ALA B 290 -15.95 25.92 24.38
N ILE B 291 -15.90 26.99 25.16
CA ILE B 291 -16.86 28.09 25.04
C ILE B 291 -16.14 29.44 24.97
N GLN B 292 -16.34 30.16 23.86
CA GLN B 292 -15.74 31.48 23.69
C GLN B 292 -16.79 32.57 23.93
N LYS B 293 -16.33 33.77 24.28
CA LYS B 293 -17.25 34.87 24.50
C LYS B 293 -17.33 35.69 23.20
N LEU B 294 -18.50 36.23 22.90
CA LEU B 294 -18.69 37.01 21.69
C LEU B 294 -18.98 38.48 21.99
N TYR B 295 -18.71 39.33 21.00
CA TYR B 295 -18.98 40.74 21.10
C TYR B 295 -19.47 41.21 19.73
N TRP B 296 -20.41 42.15 19.74
CA TRP B 296 -20.98 42.63 18.49
C TRP B 296 -20.40 43.97 18.01
N LYS B 297 -20.26 44.07 16.69
CA LYS B 297 -19.73 45.28 16.06
C LYS B 297 -20.27 45.33 14.64
N ASP B 298 -21.03 46.39 14.33
CA ASP B 298 -21.62 46.58 13.01
C ASP B 298 -22.52 45.40 12.62
N GLU B 299 -23.24 44.88 13.61
CA GLU B 299 -24.15 43.75 13.42
C GLU B 299 -23.44 42.48 12.97
N TRP B 300 -22.23 42.29 13.47
CA TRP B 300 -21.42 41.12 13.17
C TRP B 300 -20.81 40.61 14.47
N PRO B 301 -20.89 39.29 14.73
CA PRO B 301 -20.33 38.73 15.96
C PRO B 301 -18.84 38.46 15.82
N TYR B 302 -18.08 38.67 16.89
CA TYR B 302 -16.64 38.44 16.89
C TYR B 302 -16.24 37.71 18.16
N VAL B 303 -15.21 36.86 18.06
CA VAL B 303 -14.74 36.12 19.22
C VAL B 303 -13.81 37.00 20.05
N VAL B 304 -14.11 37.14 21.33
CA VAL B 304 -13.30 37.95 22.24
C VAL B 304 -11.94 37.29 22.44
N GLY B 305 -10.87 38.06 22.24
CA GLY B 305 -9.54 37.53 22.40
C GLY B 305 -8.90 36.98 21.14
N GLY B 306 -9.63 37.03 20.03
CA GLY B 306 -9.10 36.53 18.78
C GLY B 306 -9.82 35.28 18.30
N LYS B 307 -9.81 35.06 16.99
CA LYS B 307 -10.48 33.91 16.39
C LYS B 307 -9.89 32.55 16.74
N GLU B 308 -8.65 32.54 17.23
CA GLU B 308 -7.99 31.29 17.60
C GLU B 308 -8.70 30.53 18.73
N GLY B 309 -9.23 31.27 19.69
CA GLY B 309 -9.91 30.66 20.81
C GLY B 309 -9.00 30.67 22.02
N SER B 310 -9.53 31.10 23.17
CA SER B 310 -8.72 31.17 24.38
C SER B 310 -9.11 30.16 25.45
N LEU B 311 -8.18 29.90 26.38
CA LEU B 311 -8.43 28.97 27.47
C LEU B 311 -9.27 29.62 28.56
N GLU B 312 -8.91 30.85 28.91
CA GLU B 312 -9.63 31.60 29.94
C GLU B 312 -10.59 32.58 29.27
N VAL B 313 -11.87 32.46 29.62
CA VAL B 313 -12.90 33.32 29.04
C VAL B 313 -13.78 33.93 30.14
N ASP B 314 -14.13 35.20 30.00
CA ASP B 314 -14.99 35.86 30.99
C ASP B 314 -16.34 35.16 31.08
N ALA B 315 -16.72 34.79 32.29
CA ALA B 315 -18.01 34.13 32.53
C ALA B 315 -19.12 35.16 32.56
N PRO B 316 -20.36 34.74 32.26
CA PRO B 316 -21.50 35.66 32.26
C PRO B 316 -21.79 36.15 33.68
N SER B 317 -22.55 37.24 33.78
CA SER B 317 -22.90 37.82 35.07
C SER B 317 -24.00 37.05 35.81
N ILE B 318 -23.77 35.76 36.04
CA ILE B 318 -24.74 34.93 36.73
C ILE B 318 -24.02 34.26 37.92
N PRO B 319 -24.70 34.18 39.08
CA PRO B 319 -24.10 33.55 40.26
C PRO B 319 -23.58 32.13 40.01
N GLU B 320 -22.46 31.81 40.63
CA GLU B 320 -21.83 30.51 40.50
C GLU B 320 -22.66 29.37 41.08
N THR B 321 -22.72 28.26 40.34
CA THR B 321 -23.45 27.08 40.77
C THR B 321 -22.59 25.84 40.46
N ILE B 322 -21.95 25.30 41.49
CA ILE B 322 -21.12 24.12 41.33
C ILE B 322 -21.95 22.85 41.54
N PHE B 323 -21.62 21.80 40.82
CA PHE B 323 -22.33 20.53 40.93
C PHE B 323 -21.43 19.46 41.52
N GLU B 324 -22.04 18.48 42.18
CA GLU B 324 -21.29 17.39 42.77
C GLU B 324 -20.80 16.48 41.64
N ALA B 325 -19.74 15.73 41.90
CA ALA B 325 -19.18 14.84 40.89
C ALA B 325 -20.22 13.81 40.44
N THR B 326 -20.25 13.57 39.13
CA THR B 326 -21.20 12.62 38.55
C THR B 326 -20.76 11.16 38.71
N TYR B 327 -19.54 10.97 39.22
CA TYR B 327 -19.00 9.62 39.43
C TYR B 327 -18.08 9.59 40.64
N PRO B 328 -18.06 8.46 41.38
CA PRO B 328 -17.19 8.35 42.55
C PRO B 328 -15.79 7.96 42.10
N GLU B 329 -14.77 8.37 42.83
CA GLU B 329 -13.39 8.03 42.47
C GLU B 329 -13.27 6.51 42.38
N VAL B 330 -13.88 5.82 43.34
CA VAL B 330 -13.88 4.36 43.36
C VAL B 330 -15.34 3.90 43.31
N ASP B 331 -15.74 3.32 42.18
CA ASP B 331 -17.10 2.83 42.01
C ASP B 331 -17.17 1.41 42.54
N GLU B 332 -17.85 1.24 43.68
CA GLU B 332 -18.00 -0.08 44.30
C GLU B 332 -19.18 -0.87 43.75
N PHE B 333 -19.81 -0.34 42.70
CA PHE B 333 -20.95 -0.99 42.05
C PHE B 333 -22.07 -1.36 43.03
N GLU B 334 -22.36 -0.47 43.97
CA GLU B 334 -23.39 -0.72 44.96
C GLU B 334 -24.78 -0.32 44.43
N ASP B 335 -24.81 0.49 43.38
CA ASP B 335 -26.06 0.91 42.77
C ASP B 335 -26.46 -0.05 41.67
N SER B 336 -27.76 -0.29 41.52
CA SER B 336 -28.25 -1.19 40.47
C SER B 336 -28.22 -0.54 39.09
N THR B 337 -27.83 0.73 39.04
CA THR B 337 -27.75 1.47 37.79
C THR B 337 -26.30 1.79 37.42
N LEU B 338 -25.91 1.50 36.18
CA LEU B 338 -24.56 1.78 35.73
C LEU B 338 -24.36 3.29 35.74
N ASN B 339 -23.19 3.73 36.22
CA ASN B 339 -22.87 5.15 36.29
C ASN B 339 -23.03 5.79 34.91
N ILE B 340 -23.60 6.98 34.88
CA ILE B 340 -23.86 7.71 33.63
C ILE B 340 -22.61 7.93 32.78
N ASN B 341 -21.44 7.90 33.40
CA ASN B 341 -20.18 8.09 32.69
C ASN B 341 -19.73 6.83 31.95
N PHE B 342 -20.42 5.72 32.20
CA PHE B 342 -20.13 4.44 31.55
C PHE B 342 -21.02 4.25 30.32
N GLN B 343 -20.42 3.73 29.26
CA GLN B 343 -21.14 3.46 28.02
C GLN B 343 -20.73 2.13 27.44
N THR B 344 -21.59 1.59 26.58
CA THR B 344 -21.34 0.32 25.91
C THR B 344 -21.20 0.58 24.41
N LEU B 345 -20.71 -0.41 23.67
CA LEU B 345 -20.54 -0.26 22.24
C LEU B 345 -21.76 -0.65 21.42
N ARG B 346 -22.31 0.34 20.72
CA ARG B 346 -23.45 0.16 19.82
C ARG B 346 -24.78 -0.16 20.45
N ILE B 347 -24.81 -1.28 21.18
CA ILE B 347 -25.99 -1.86 21.84
C ILE B 347 -26.18 -1.53 23.32
N PRO B 348 -27.43 -1.56 23.79
CA PRO B 348 -27.73 -1.27 25.20
C PRO B 348 -27.20 -2.33 26.16
N PHE B 349 -26.96 -1.92 27.41
CA PHE B 349 -26.47 -2.82 28.43
C PHE B 349 -27.67 -3.60 28.98
N THR B 350 -27.78 -4.86 28.59
CA THR B 350 -28.88 -5.70 29.05
C THR B 350 -28.40 -6.84 29.93
N ASN B 351 -29.34 -7.64 30.43
CA ASN B 351 -29.00 -8.79 31.29
C ASN B 351 -28.17 -9.80 30.52
N GLU B 352 -28.28 -9.75 29.19
CA GLU B 352 -27.53 -10.63 28.29
C GLU B 352 -26.04 -10.32 28.37
N LEU B 353 -25.70 -9.03 28.39
CA LEU B 353 -24.31 -8.58 28.46
C LEU B 353 -23.70 -8.61 29.86
N GLY B 354 -24.49 -8.21 30.86
CA GLY B 354 -23.98 -8.19 32.22
C GLY B 354 -25.04 -7.94 33.27
N SER B 355 -24.61 -7.79 34.52
CA SER B 355 -25.54 -7.58 35.62
C SER B 355 -24.90 -6.93 36.84
N LEU B 356 -25.69 -6.10 37.53
CA LEU B 356 -25.23 -5.43 38.74
C LEU B 356 -26.00 -5.99 39.95
N THR B 357 -26.90 -6.95 39.68
CA THR B 357 -27.69 -7.56 40.74
C THR B 357 -27.35 -9.01 41.05
N GLN B 358 -26.97 -9.79 40.04
CA GLN B 358 -26.61 -11.20 40.21
C GLN B 358 -25.49 -11.37 41.23
N ALA B 359 -24.47 -10.52 41.11
CA ALA B 359 -23.34 -10.54 42.02
C ALA B 359 -23.28 -9.18 42.70
N PRO B 360 -23.99 -9.02 43.83
CA PRO B 360 -24.05 -7.76 44.58
C PRO B 360 -22.68 -7.12 44.78
N ASN B 361 -22.63 -5.80 44.58
CA ASN B 361 -21.42 -4.99 44.73
C ASN B 361 -20.34 -5.41 43.74
N HIS B 362 -20.77 -5.86 42.56
CA HIS B 362 -19.88 -6.28 41.50
C HIS B 362 -20.52 -6.01 40.14
N LEU B 363 -19.69 -5.81 39.13
CA LEU B 363 -20.19 -5.62 37.77
C LEU B 363 -19.84 -6.91 37.05
N ARG B 364 -20.85 -7.76 36.86
CA ARG B 364 -20.65 -9.03 36.18
C ARG B 364 -20.80 -8.84 34.67
N LEU B 365 -19.83 -9.32 33.91
CA LEU B 365 -19.88 -9.22 32.46
C LEU B 365 -19.77 -10.60 31.83
N PHE B 366 -20.80 -11.00 31.11
CA PHE B 366 -20.83 -12.30 30.45
C PHE B 366 -20.05 -12.22 29.15
N GLY B 367 -19.05 -13.08 29.00
CA GLY B 367 -18.23 -13.10 27.81
C GLY B 367 -18.97 -13.21 26.48
N HIS B 368 -18.65 -12.31 25.56
CA HIS B 368 -19.26 -12.32 24.24
C HIS B 368 -18.19 -12.23 23.15
N GLU B 369 -18.45 -11.42 22.11
CA GLU B 369 -17.51 -11.27 21.01
C GLU B 369 -16.25 -10.48 21.34
N SER B 370 -15.21 -10.65 20.52
CA SER B 370 -13.93 -9.97 20.73
C SER B 370 -13.98 -8.46 20.55
N LEU B 371 -12.85 -7.82 20.85
CA LEU B 371 -12.71 -6.37 20.73
C LEU B 371 -12.71 -5.87 19.29
N THR B 372 -12.66 -6.80 18.33
CA THR B 372 -12.65 -6.41 16.93
C THR B 372 -14.04 -6.50 16.29
N SER B 373 -15.03 -6.85 17.11
CA SER B 373 -16.41 -7.00 16.63
C SER B 373 -17.27 -5.74 16.70
N THR B 374 -17.97 -5.45 15.60
CA THR B 374 -18.84 -4.30 15.53
C THR B 374 -20.28 -4.68 15.90
N PHE B 375 -20.44 -5.83 16.55
CA PHE B 375 -21.77 -6.29 16.93
C PHE B 375 -22.10 -6.35 18.42
N THR B 376 -21.67 -7.42 19.08
CA THR B 376 -21.97 -7.62 20.49
C THR B 376 -20.75 -7.79 21.41
N GLN B 377 -20.36 -6.72 22.08
CA GLN B 377 -19.21 -6.75 23.00
C GLN B 377 -19.62 -6.50 24.44
N ALA B 378 -19.17 -7.37 25.35
CA ALA B 378 -19.45 -7.21 26.78
C ALA B 378 -18.33 -6.30 27.29
N PHE B 379 -18.42 -5.02 26.94
CA PHE B 379 -17.41 -4.04 27.29
C PHE B 379 -18.06 -2.75 27.82
N VAL B 380 -17.78 -2.43 29.08
CA VAL B 380 -18.31 -1.23 29.70
C VAL B 380 -17.13 -0.29 29.93
N ALA B 381 -17.15 0.87 29.27
CA ALA B 381 -16.04 1.81 29.37
C ALA B 381 -16.41 3.27 29.62
N ARG B 382 -15.41 4.04 30.00
CA ARG B 382 -15.57 5.47 30.25
C ARG B 382 -14.44 6.21 29.53
N ARG B 383 -14.67 7.49 29.22
CA ARG B 383 -13.70 8.31 28.50
C ARG B 383 -12.43 8.70 29.24
N TRP B 384 -11.38 8.94 28.47
CA TRP B 384 -10.12 9.43 29.01
C TRP B 384 -10.24 10.95 29.05
N GLN B 385 -10.56 11.51 30.19
CA GLN B 385 -10.77 12.96 30.27
C GLN B 385 -9.59 13.79 30.77
N SER B 386 -8.40 13.21 30.69
CA SER B 386 -7.18 13.85 31.13
C SER B 386 -5.99 13.00 30.65
N LEU B 387 -4.85 13.65 30.46
CA LEU B 387 -3.66 12.91 30.05
C LEU B 387 -2.78 12.61 31.24
N HIS B 388 -3.37 12.65 32.43
CA HIS B 388 -2.66 12.37 33.66
C HIS B 388 -3.64 11.75 34.65
N PHE B 389 -3.89 10.45 34.50
CA PHE B 389 -4.81 9.77 35.40
C PHE B 389 -4.41 8.33 35.71
N GLU B 390 -5.18 7.69 36.56
CA GLU B 390 -4.93 6.32 36.98
C GLU B 390 -6.25 5.57 37.08
N ALA B 391 -6.42 4.54 36.24
CA ALA B 391 -7.64 3.73 36.25
C ALA B 391 -7.30 2.36 36.85
N GLU B 392 -8.23 1.79 37.61
CA GLU B 392 -7.99 0.50 38.25
C GLU B 392 -9.26 -0.33 38.42
N THR B 393 -9.10 -1.65 38.44
CA THR B 393 -10.22 -2.58 38.61
C THR B 393 -9.70 -3.90 39.16
N ALA B 394 -10.61 -4.72 39.69
CA ALA B 394 -10.25 -6.03 40.24
C ALA B 394 -11.23 -7.03 39.64
N VAL B 395 -10.71 -8.09 39.05
CA VAL B 395 -11.59 -9.08 38.41
C VAL B 395 -11.39 -10.51 38.90
N GLU B 396 -12.52 -11.18 39.17
CA GLU B 396 -12.53 -12.57 39.58
C GLU B 396 -12.86 -13.33 38.31
N PHE B 397 -11.93 -14.09 37.74
CA PHE B 397 -12.26 -14.73 36.47
C PHE B 397 -11.60 -16.11 36.49
N TYR B 398 -12.36 -17.13 36.09
CA TYR B 398 -11.84 -18.50 36.05
C TYR B 398 -12.05 -19.13 34.68
N PRO B 399 -11.29 -18.68 33.67
CA PRO B 399 -11.39 -19.20 32.31
C PRO B 399 -10.94 -20.66 32.20
N GLU B 400 -11.67 -21.43 31.40
CA GLU B 400 -11.37 -22.85 31.19
C GLU B 400 -10.76 -23.15 29.83
N ASN B 401 -10.88 -22.20 28.90
CA ASN B 401 -10.30 -22.33 27.56
C ASN B 401 -9.69 -21.01 27.09
N PHE B 402 -8.81 -21.10 26.10
CA PHE B 402 -8.11 -19.92 25.57
C PHE B 402 -8.99 -18.88 24.87
N GLN B 403 -10.24 -19.26 24.61
CA GLN B 403 -11.17 -18.35 23.95
C GLN B 403 -11.94 -17.49 24.95
N GLN B 404 -11.49 -17.52 26.21
CA GLN B 404 -12.12 -16.75 27.27
C GLN B 404 -11.10 -15.81 27.91
N ALA B 405 -11.40 -14.50 27.87
CA ALA B 405 -10.50 -13.50 28.45
C ALA B 405 -11.29 -12.33 29.03
N ALA B 406 -10.81 -11.76 30.13
CA ALA B 406 -11.48 -10.63 30.77
C ALA B 406 -10.49 -9.77 31.52
N GLY B 407 -10.60 -8.45 31.37
CA GLY B 407 -9.69 -7.55 32.07
C GLY B 407 -9.90 -6.07 31.84
N LEU B 408 -8.79 -5.32 31.91
CA LEU B 408 -8.79 -3.87 31.72
C LEU B 408 -8.44 -3.57 30.26
N VAL B 409 -9.20 -2.68 29.64
CA VAL B 409 -8.96 -2.34 28.24
C VAL B 409 -9.02 -0.87 27.83
N ASN B 410 -7.93 -0.36 27.27
CA ASN B 410 -7.87 0.99 26.75
C ASN B 410 -8.22 0.86 25.26
N TYR B 411 -9.31 1.52 24.85
CA TYR B 411 -9.82 1.35 23.50
C TYR B 411 -10.24 2.60 22.74
N TYR B 412 -10.02 2.58 21.42
CA TYR B 412 -10.45 3.67 20.55
C TYR B 412 -11.53 3.09 19.63
N ASN B 413 -11.15 2.11 18.81
CA ASN B 413 -12.08 1.43 17.91
C ASN B 413 -11.69 -0.05 17.77
N THR B 414 -12.46 -0.81 16.98
CA THR B 414 -12.19 -2.23 16.81
C THR B 414 -10.80 -2.58 16.26
N GLU B 415 -10.14 -1.60 15.66
CA GLU B 415 -8.82 -1.82 15.08
C GLU B 415 -7.68 -1.21 15.91
N ASN B 416 -8.04 -0.49 16.97
CA ASN B 416 -7.04 0.16 17.81
C ASN B 416 -7.36 0.05 19.30
N TRP B 417 -6.57 -0.76 20.00
CA TRP B 417 -6.76 -0.97 21.43
C TRP B 417 -5.63 -1.80 22.05
N THR B 418 -5.62 -1.83 23.38
CA THR B 418 -4.66 -2.62 24.14
C THR B 418 -5.49 -3.26 25.24
N ALA B 419 -5.18 -4.51 25.58
CA ALA B 419 -5.95 -5.21 26.60
C ALA B 419 -5.12 -6.11 27.50
N LEU B 420 -5.32 -5.95 28.80
CA LEU B 420 -4.63 -6.75 29.79
C LEU B 420 -5.73 -7.64 30.37
N GLN B 421 -5.76 -8.89 29.91
CA GLN B 421 -6.81 -9.81 30.35
C GLN B 421 -6.35 -11.11 30.99
N VAL B 422 -7.20 -11.63 31.87
CA VAL B 422 -6.96 -12.91 32.54
C VAL B 422 -7.50 -13.94 31.55
N THR B 423 -6.64 -14.88 31.14
CA THR B 423 -7.06 -15.90 30.18
C THR B 423 -6.55 -17.28 30.60
N HIS B 424 -6.80 -18.28 29.75
CA HIS B 424 -6.38 -19.65 30.05
C HIS B 424 -5.40 -20.23 29.04
N ASP B 425 -4.30 -20.77 29.54
CA ASP B 425 -3.29 -21.39 28.70
C ASP B 425 -3.36 -22.88 28.99
N GLU B 426 -3.30 -23.70 27.95
CA GLU B 426 -3.38 -25.15 28.10
C GLU B 426 -2.29 -25.74 28.99
N GLU B 427 -1.08 -25.21 28.88
CA GLU B 427 0.05 -25.70 29.67
C GLU B 427 0.25 -24.99 31.01
N LEU B 428 0.02 -23.67 31.02
CA LEU B 428 0.23 -22.87 32.23
C LEU B 428 -1.00 -22.57 33.08
N GLY B 429 -2.19 -22.82 32.56
CA GLY B 429 -3.40 -22.54 33.30
C GLY B 429 -3.74 -21.06 33.20
N ARG B 430 -4.25 -20.46 34.28
CA ARG B 430 -4.60 -19.04 34.25
C ARG B 430 -3.37 -18.15 34.10
N ILE B 431 -3.42 -17.26 33.12
CA ILE B 431 -2.32 -16.33 32.86
C ILE B 431 -2.88 -14.94 32.58
N LEU B 432 -2.03 -13.92 32.75
CA LEU B 432 -2.43 -12.54 32.48
C LEU B 432 -1.73 -12.17 31.18
N GLU B 433 -2.52 -11.97 30.13
CA GLU B 433 -1.98 -11.66 28.82
C GLU B 433 -2.26 -10.24 28.31
N LEU B 434 -1.29 -9.69 27.61
CA LEU B 434 -1.41 -8.36 27.02
C LEU B 434 -1.51 -8.51 25.50
N THR B 435 -2.63 -8.04 24.94
CA THR B 435 -2.86 -8.12 23.50
C THR B 435 -2.96 -6.70 22.95
N ILE B 436 -2.32 -6.45 21.81
CA ILE B 436 -2.33 -5.14 21.20
C ILE B 436 -2.86 -5.19 19.76
N CYS B 437 -3.69 -4.20 19.42
CA CYS B 437 -4.21 -4.10 18.07
C CYS B 437 -3.86 -2.69 17.61
N ASP B 438 -2.81 -2.59 16.81
CA ASP B 438 -2.32 -1.32 16.30
C ASP B 438 -2.73 -1.17 14.83
N ASN B 439 -3.83 -0.46 14.61
CA ASN B 439 -4.37 -0.25 13.26
C ASN B 439 -4.49 -1.59 12.53
N PHE B 440 -5.09 -2.54 13.25
CA PHE B 440 -5.31 -3.91 12.78
C PHE B 440 -4.06 -4.80 12.68
N SER B 441 -2.98 -4.38 13.33
CA SER B 441 -1.74 -5.14 13.38
C SER B 441 -1.70 -5.71 14.78
N PHE B 442 -2.00 -6.99 14.92
CA PHE B 442 -2.04 -7.69 16.19
C PHE B 442 -0.71 -8.18 16.75
N SER B 443 -0.59 -8.15 18.07
CA SER B 443 0.63 -8.61 18.74
C SER B 443 0.47 -8.82 20.25
N GLN B 444 1.14 -9.86 20.72
CA GLN B 444 1.14 -10.29 22.12
C GLN B 444 2.64 -10.37 22.49
N PRO B 445 3.24 -9.19 22.70
CA PRO B 445 4.65 -8.95 23.04
C PRO B 445 5.21 -9.62 24.27
N LEU B 446 4.42 -10.07 25.24
CA LEU B 446 5.03 -10.75 26.37
C LEU B 446 5.52 -12.16 26.06
N ASN B 447 6.84 -12.31 25.98
CA ASN B 447 7.46 -13.61 25.69
C ASN B 447 7.28 -14.53 26.89
N ASN B 448 7.54 -14.00 28.08
CA ASN B 448 7.40 -14.78 29.31
C ASN B 448 5.99 -14.50 29.87
N LYS B 449 5.09 -15.45 29.69
CA LYS B 449 3.71 -15.32 30.16
C LYS B 449 3.61 -15.16 31.68
N ILE B 450 2.73 -14.25 32.10
CA ILE B 450 2.51 -13.99 33.52
C ILE B 450 1.53 -15.02 34.07
N VAL B 451 2.03 -15.97 34.85
CA VAL B 451 1.16 -17.01 35.39
C VAL B 451 0.48 -16.57 36.68
N ILE B 452 -0.80 -16.90 36.81
CA ILE B 452 -1.59 -16.53 37.97
C ILE B 452 -1.84 -17.74 38.88
N PRO B 453 -1.44 -17.66 40.15
CA PRO B 453 -1.63 -18.75 41.11
C PRO B 453 -3.11 -19.10 41.24
N ARG B 454 -3.40 -20.39 41.44
CA ARG B 454 -4.78 -20.86 41.56
C ARG B 454 -5.55 -20.25 42.73
N GLU B 455 -4.86 -19.94 43.82
CA GLU B 455 -5.50 -19.38 45.00
C GLU B 455 -5.89 -17.90 44.90
N VAL B 456 -5.45 -17.23 43.85
CA VAL B 456 -5.78 -15.82 43.65
C VAL B 456 -7.24 -15.62 43.26
N LYS B 457 -7.99 -14.95 44.14
CA LYS B 457 -9.40 -14.69 43.90
C LYS B 457 -9.62 -13.49 42.98
N TYR B 458 -8.95 -12.37 43.30
CA TYR B 458 -9.06 -11.15 42.50
C TYR B 458 -7.73 -10.75 41.89
N VAL B 459 -7.74 -10.45 40.59
CA VAL B 459 -6.54 -10.00 39.90
C VAL B 459 -6.70 -8.50 39.67
N TYR B 460 -5.93 -7.72 40.40
CA TYR B 460 -5.96 -6.27 40.32
C TYR B 460 -5.23 -5.76 39.09
N LEU B 461 -5.92 -4.95 38.29
CA LEU B 461 -5.37 -4.40 37.06
C LEU B 461 -5.37 -2.88 37.10
N ARG B 462 -4.25 -2.26 36.75
CA ARG B 462 -4.16 -0.80 36.75
C ARG B 462 -3.46 -0.27 35.51
N VAL B 463 -3.75 0.99 35.17
CA VAL B 463 -3.13 1.64 34.03
C VAL B 463 -2.85 3.10 34.40
N ASN B 464 -1.63 3.54 34.14
CA ASN B 464 -1.22 4.90 34.47
C ASN B 464 -0.92 5.69 33.21
N ILE B 465 -1.75 6.68 32.91
CA ILE B 465 -1.55 7.53 31.74
C ILE B 465 -0.68 8.73 32.13
N GLU B 466 0.44 8.88 31.44
CA GLU B 466 1.36 9.97 31.69
C GLU B 466 1.69 10.72 30.40
N LYS B 467 0.72 11.52 29.96
CA LYS B 467 0.83 12.34 28.75
C LYS B 467 0.99 11.53 27.46
N ASP B 468 2.22 11.42 26.96
CA ASP B 468 2.49 10.69 25.73
C ASP B 468 2.60 9.17 25.86
N LYS B 469 2.70 8.69 27.10
CA LYS B 469 2.84 7.25 27.35
C LYS B 469 1.99 6.77 28.52
N TYR B 470 1.63 5.49 28.49
CA TYR B 470 0.86 4.88 29.58
C TYR B 470 1.38 3.48 29.85
N TYR B 471 1.26 3.03 31.10
CA TYR B 471 1.78 1.72 31.50
C TYR B 471 0.75 0.88 32.26
N TYR B 472 0.84 -0.43 32.10
CA TYR B 472 -0.05 -1.36 32.78
C TYR B 472 0.62 -1.92 34.03
N PHE B 473 -0.18 -2.15 35.07
CA PHE B 473 0.29 -2.70 36.33
C PHE B 473 -0.69 -3.78 36.79
N TYR B 474 -0.20 -4.76 37.52
CA TYR B 474 -1.06 -5.83 38.02
C TYR B 474 -0.66 -6.23 39.43
N SER B 475 -1.56 -6.88 40.14
CA SER B 475 -1.31 -7.32 41.51
C SER B 475 -2.22 -8.48 41.88
N PHE B 476 -1.72 -9.36 42.73
CA PHE B 476 -2.49 -10.50 43.18
C PHE B 476 -2.97 -10.31 44.61
N ASN B 477 -2.48 -9.30 45.31
CA ASN B 477 -2.89 -9.08 46.71
C ASN B 477 -3.18 -7.64 47.08
N LYS B 478 -3.26 -6.75 46.09
CA LYS B 478 -3.56 -5.35 46.35
C LYS B 478 -2.55 -4.59 47.23
N GLU B 479 -1.32 -5.11 47.33
CA GLU B 479 -0.27 -4.44 48.11
C GLU B 479 0.91 -4.26 47.15
N ASP B 480 1.44 -5.40 46.72
CA ASP B 480 2.52 -5.47 45.75
C ASP B 480 2.14 -5.40 44.26
N TRP B 481 2.47 -4.28 43.63
CA TRP B 481 2.18 -4.07 42.22
C TRP B 481 3.37 -4.41 41.33
N HIS B 482 3.08 -4.98 40.16
CA HIS B 482 4.12 -5.35 39.21
C HIS B 482 3.89 -4.60 37.90
N LYS B 483 4.92 -3.95 37.42
CA LYS B 483 4.83 -3.17 36.19
C LYS B 483 5.17 -3.97 34.93
N ILE B 484 4.30 -3.87 33.93
CA ILE B 484 4.55 -4.53 32.65
C ILE B 484 5.37 -3.57 31.84
N ASP B 485 6.68 -3.83 31.86
CA ASP B 485 7.74 -3.07 31.21
C ASP B 485 7.60 -2.80 29.71
N ILE B 486 6.54 -2.09 29.34
CA ILE B 486 6.27 -1.72 27.95
C ILE B 486 5.63 -0.33 27.97
N ALA B 487 6.34 0.65 27.42
CA ALA B 487 5.84 2.03 27.38
C ALA B 487 4.91 2.20 26.18
N LEU B 488 3.62 2.00 26.42
CA LEU B 488 2.61 2.14 25.37
C LEU B 488 2.41 3.62 25.02
N GLU B 489 2.21 3.89 23.74
CA GLU B 489 2.03 5.26 23.27
C GLU B 489 0.58 5.69 23.23
N SER B 490 0.29 6.81 23.90
CA SER B 490 -1.05 7.36 23.98
C SER B 490 -1.56 7.87 22.63
N LYS B 491 -0.64 8.19 21.72
CA LYS B 491 -1.00 8.68 20.40
C LYS B 491 -1.71 7.62 19.57
N LYS B 492 -1.47 6.36 19.89
CA LYS B 492 -2.09 5.27 19.15
C LYS B 492 -3.59 5.12 19.45
N LEU B 493 -4.07 5.90 20.40
CA LEU B 493 -5.49 5.89 20.74
C LEU B 493 -6.04 7.30 20.52
N SER B 494 -5.62 7.93 19.42
CA SER B 494 -6.07 9.28 19.09
C SER B 494 -6.75 9.37 17.72
N ASP B 495 -7.51 10.45 17.52
CA ASP B 495 -8.21 10.70 16.26
C ASP B 495 -7.22 10.82 15.11
N ASP B 496 -6.06 11.39 15.41
CA ASP B 496 -5.02 11.64 14.41
C ASP B 496 -4.14 10.46 14.03
N TYR B 497 -4.31 9.33 14.71
CA TYR B 497 -3.51 8.15 14.43
C TYR B 497 -4.25 7.04 13.69
N ILE B 498 -5.48 6.76 14.11
CA ILE B 498 -6.27 5.70 13.52
C ILE B 498 -6.63 5.90 12.04
N ARG B 499 -6.69 4.80 11.30
CA ARG B 499 -7.00 4.84 9.87
C ARG B 499 -8.51 4.76 9.62
N GLY B 500 -8.92 5.15 8.42
CA GLY B 500 -10.33 5.10 8.07
C GLY B 500 -10.99 6.46 7.92
N GLY B 501 -12.16 6.47 7.30
CA GLY B 501 -12.90 7.70 7.10
C GLY B 501 -13.51 8.22 8.39
N GLY B 502 -13.65 7.34 9.36
CA GLY B 502 -14.22 7.72 10.65
C GLY B 502 -13.16 7.76 11.74
N PHE B 503 -12.92 8.96 12.26
CA PHE B 503 -11.93 9.19 13.32
C PHE B 503 -12.52 10.26 14.23
N PHE B 504 -13.73 10.03 14.69
CA PHE B 504 -14.44 11.01 15.48
C PHE B 504 -14.82 10.66 16.90
N THR B 505 -14.05 9.83 17.60
CA THR B 505 -14.35 9.49 18.97
C THR B 505 -13.26 9.94 19.95
N GLY B 506 -12.58 8.98 20.57
CA GLY B 506 -11.54 9.29 21.53
C GLY B 506 -11.22 8.06 22.35
N ALA B 507 -10.15 8.12 23.14
CA ALA B 507 -9.73 7.00 23.97
C ALA B 507 -10.69 6.72 25.12
N PHE B 508 -10.92 5.44 25.37
CA PHE B 508 -11.79 4.96 26.44
C PHE B 508 -11.03 3.94 27.28
N VAL B 509 -11.43 3.79 28.53
CA VAL B 509 -10.83 2.81 29.44
C VAL B 509 -11.98 2.11 30.17
N GLY B 510 -11.94 0.79 30.23
CA GLY B 510 -13.01 0.07 30.90
C GLY B 510 -12.80 -1.40 31.20
N MET B 511 -13.88 -2.04 31.65
CA MET B 511 -13.87 -3.47 32.00
C MET B 511 -14.46 -4.27 30.84
N GLN B 512 -13.84 -5.39 30.52
CA GLN B 512 -14.31 -6.21 29.41
C GLN B 512 -14.19 -7.72 29.65
N CYS B 513 -15.01 -8.48 28.96
CA CYS B 513 -15.00 -9.94 29.03
C CYS B 513 -15.45 -10.52 27.71
N GLN B 514 -14.65 -11.43 27.17
CA GLN B 514 -14.98 -12.07 25.91
C GLN B 514 -14.95 -13.59 26.04
N ASP B 515 -15.88 -14.24 25.35
CA ASP B 515 -15.95 -15.69 25.35
C ASP B 515 -16.33 -16.09 23.93
N THR B 516 -15.32 -16.34 23.11
CA THR B 516 -15.54 -16.74 21.73
C THR B 516 -15.72 -18.26 21.62
N GLY B 517 -15.91 -18.91 22.77
CA GLY B 517 -16.13 -20.34 22.79
C GLY B 517 -17.62 -20.66 22.79
N GLY B 518 -18.42 -19.72 23.27
CA GLY B 518 -19.87 -19.89 23.31
C GLY B 518 -20.45 -20.13 24.69
N ASN B 519 -19.59 -20.22 25.69
CA ASN B 519 -20.03 -20.46 27.07
C ASN B 519 -20.50 -19.23 27.86
N HIS B 520 -20.30 -18.04 27.30
CA HIS B 520 -20.70 -16.79 27.96
C HIS B 520 -20.25 -16.74 29.42
N ILE B 521 -19.00 -17.13 29.66
CA ILE B 521 -18.44 -17.15 31.01
C ILE B 521 -18.45 -15.76 31.65
N PRO B 522 -18.96 -15.67 32.88
CA PRO B 522 -19.02 -14.39 33.61
C PRO B 522 -17.68 -13.98 34.21
N ALA B 523 -17.49 -12.67 34.34
CA ALA B 523 -16.29 -12.07 34.92
C ALA B 523 -16.80 -11.04 35.93
N ASP B 524 -16.41 -11.18 37.20
CA ASP B 524 -16.85 -10.25 38.24
C ASP B 524 -15.83 -9.16 38.58
N PHE B 525 -16.20 -7.91 38.30
CA PHE B 525 -15.34 -6.77 38.60
C PHE B 525 -15.80 -6.14 39.92
N ARG B 526 -14.93 -6.19 40.93
CA ARG B 526 -15.25 -5.67 42.26
C ARG B 526 -15.46 -4.15 42.31
N TYR B 527 -14.67 -3.41 41.52
CA TYR B 527 -14.77 -1.95 41.50
C TYR B 527 -14.08 -1.38 40.27
N PHE B 528 -14.25 -0.08 40.09
CA PHE B 528 -13.59 0.62 38.99
C PHE B 528 -13.20 2.00 39.47
N ARG B 529 -11.89 2.23 39.59
CA ARG B 529 -11.38 3.50 40.05
C ARG B 529 -10.85 4.34 38.89
N TYR B 530 -11.10 5.64 38.96
CA TYR B 530 -10.64 6.59 37.97
C TYR B 530 -10.28 7.87 38.72
N LYS B 531 -9.00 8.21 38.73
CA LYS B 531 -8.55 9.41 39.43
C LYS B 531 -7.58 10.23 38.60
N GLU B 532 -7.99 11.45 38.26
CA GLU B 532 -7.15 12.35 37.49
C GLU B 532 -6.19 13.06 38.44
N LYS B 533 -4.98 13.30 37.96
CA LYS B 533 -3.92 13.95 38.72
C LYS B 533 -4.22 15.44 38.89
N LYS C 2 7.62 46.65 -10.93
CA LYS C 2 8.79 46.56 -11.84
C LYS C 2 9.34 45.15 -12.03
N ILE C 3 9.62 44.45 -10.94
CA ILE C 3 10.10 43.07 -11.02
C ILE C 3 8.87 42.17 -10.97
N THR C 4 8.70 41.35 -12.01
CA THR C 4 7.56 40.44 -12.07
C THR C 4 8.01 39.02 -11.77
N ASN C 5 7.54 38.46 -10.67
CA ASN C 5 7.88 37.10 -10.27
C ASN C 5 6.93 36.05 -10.82
N PRO C 6 7.42 34.82 -11.05
CA PRO C 6 8.81 34.38 -10.84
C PRO C 6 9.74 34.94 -11.90
N VAL C 7 10.96 35.25 -11.49
CA VAL C 7 11.96 35.81 -12.38
C VAL C 7 12.54 34.68 -13.26
N LEU C 8 12.68 33.50 -12.67
CA LEU C 8 13.16 32.31 -13.38
C LEU C 8 12.00 31.33 -13.37
N LYS C 9 11.31 31.21 -14.50
CA LYS C 9 10.16 30.33 -14.61
C LYS C 9 10.51 28.88 -14.91
N GLY C 10 9.66 27.97 -14.47
CA GLY C 10 9.92 26.56 -14.68
C GLY C 10 10.94 26.03 -13.67
N PHE C 11 11.34 24.78 -13.85
CA PHE C 11 12.31 24.11 -12.99
C PHE C 11 13.60 24.92 -12.80
N ASN C 12 13.65 25.69 -11.71
CA ASN C 12 14.78 26.55 -11.36
C ASN C 12 14.74 26.80 -9.85
N PRO C 13 14.99 25.76 -9.04
CA PRO C 13 14.97 25.86 -7.58
C PRO C 13 16.28 26.29 -6.91
N ASP C 14 16.20 26.43 -5.58
CA ASP C 14 17.33 26.80 -4.73
C ASP C 14 18.25 27.89 -5.30
N PRO C 15 17.70 29.10 -5.52
CA PRO C 15 18.47 30.21 -6.08
C PRO C 15 19.60 30.71 -5.16
N SER C 16 20.79 30.85 -5.73
CA SER C 16 21.96 31.35 -5.03
C SER C 16 22.39 32.58 -5.81
N ILE C 17 21.94 33.75 -5.34
CA ILE C 17 22.26 35.01 -6.00
C ILE C 17 23.56 35.61 -5.50
N CYS C 18 24.33 36.16 -6.43
CA CYS C 18 25.60 36.78 -6.07
C CYS C 18 25.94 37.91 -7.03
N ARG C 19 26.62 38.93 -6.51
CA ARG C 19 27.00 40.08 -7.32
C ARG C 19 28.49 40.08 -7.66
N ALA C 20 28.79 40.47 -8.88
CA ALA C 20 30.15 40.57 -9.36
C ALA C 20 30.24 41.93 -10.05
N GLY C 21 30.57 42.96 -9.27
CA GLY C 21 30.65 44.31 -9.83
C GLY C 21 29.24 44.81 -10.05
N GLU C 22 28.86 45.00 -11.30
CA GLU C 22 27.51 45.46 -11.62
C GLU C 22 26.71 44.36 -12.33
N ASP C 23 27.18 43.13 -12.22
CA ASP C 23 26.53 41.97 -12.82
C ASP C 23 25.92 41.12 -11.72
N TYR C 24 24.77 40.53 -12.01
CA TYR C 24 24.08 39.68 -11.03
C TYR C 24 23.86 38.28 -11.60
N TYR C 25 24.09 37.27 -10.78
CA TYR C 25 23.93 35.88 -11.20
C TYR C 25 23.14 35.07 -10.19
N ILE C 26 22.39 34.09 -10.70
CA ILE C 26 21.61 33.20 -9.85
C ILE C 26 21.88 31.76 -10.29
N ALA C 27 22.47 30.98 -9.39
CA ALA C 27 22.76 29.58 -9.66
C ALA C 27 21.62 28.75 -9.08
N VAL C 28 21.10 27.82 -9.85
CA VAL C 28 20.00 26.97 -9.40
C VAL C 28 20.34 25.48 -9.54
N SER C 29 19.62 24.65 -8.78
CA SER C 29 19.83 23.21 -8.79
C SER C 29 19.30 22.56 -10.07
N THR C 30 19.95 21.49 -10.49
CA THR C 30 19.57 20.78 -11.71
C THR C 30 19.29 19.30 -11.48
N PHE C 31 19.78 18.78 -10.35
CA PHE C 31 19.60 17.39 -9.97
C PHE C 31 20.13 16.43 -11.02
N GLU C 32 19.27 15.58 -11.58
CA GLU C 32 19.73 14.62 -12.58
C GLU C 32 19.95 15.19 -13.98
N TRP C 33 19.51 16.42 -14.23
CA TRP C 33 19.67 17.01 -15.56
C TRP C 33 21.09 17.50 -15.84
N PHE C 34 21.59 17.16 -17.03
CA PHE C 34 22.95 17.51 -17.45
C PHE C 34 22.95 18.46 -18.64
N PRO C 35 23.90 19.43 -18.67
CA PRO C 35 24.96 19.72 -17.71
C PRO C 35 24.40 20.35 -16.44
N GLY C 36 25.11 20.11 -15.34
CA GLY C 36 24.77 20.58 -14.00
C GLY C 36 24.91 22.09 -13.72
N VAL C 37 23.97 22.53 -12.88
CA VAL C 37 23.79 23.87 -12.34
C VAL C 37 23.52 24.91 -13.42
N GLN C 38 22.32 25.51 -13.38
CA GLN C 38 21.97 26.55 -14.34
C GLN C 38 22.33 27.89 -13.71
N ILE C 39 22.99 28.76 -14.48
CA ILE C 39 23.34 30.07 -13.98
C ILE C 39 22.72 31.13 -14.89
N HIS C 40 21.91 32.00 -14.29
CA HIS C 40 21.25 33.07 -15.04
C HIS C 40 21.93 34.40 -14.73
N HIS C 41 21.90 35.32 -15.69
CA HIS C 41 22.52 36.63 -15.52
C HIS C 41 21.52 37.77 -15.64
N SER C 42 21.86 38.91 -15.03
CA SER C 42 21.01 40.09 -15.05
C SER C 42 21.79 41.34 -14.67
N LYS C 43 21.29 42.49 -15.11
CA LYS C 43 21.90 43.79 -14.80
C LYS C 43 20.98 44.58 -13.88
N ASP C 44 19.67 44.48 -14.12
CA ASP C 44 18.66 45.21 -13.36
C ASP C 44 17.77 44.40 -12.41
N LEU C 45 18.02 43.10 -12.31
CA LEU C 45 17.25 42.18 -11.47
C LEU C 45 15.82 41.95 -11.97
N VAL C 46 15.45 42.64 -13.05
CA VAL C 46 14.13 42.50 -13.64
C VAL C 46 14.19 41.52 -14.81
N ASN C 47 15.13 41.78 -15.72
CA ASN C 47 15.33 40.96 -16.91
C ASN C 47 16.47 39.96 -16.73
N TRP C 48 16.17 38.69 -16.98
CA TRP C 48 17.16 37.63 -16.83
C TRP C 48 17.33 36.77 -18.09
N HIS C 49 18.42 36.02 -18.15
CA HIS C 49 18.69 35.12 -19.27
C HIS C 49 19.68 34.03 -18.89
N LEU C 50 19.41 32.82 -19.35
CA LEU C 50 20.27 31.67 -19.07
C LEU C 50 21.58 31.84 -19.80
N VAL C 51 22.69 31.77 -19.07
CA VAL C 51 24.01 31.95 -19.67
C VAL C 51 25.01 30.81 -19.51
N ALA C 52 24.84 29.94 -18.52
CA ALA C 52 25.81 28.86 -18.32
C ALA C 52 25.34 27.66 -17.49
N HIS C 53 26.16 26.62 -17.57
CA HIS C 53 26.04 25.33 -16.91
C HIS C 53 27.47 24.88 -16.64
N PRO C 54 28.04 25.29 -15.50
CA PRO C 54 29.41 24.96 -15.07
C PRO C 54 29.86 23.51 -15.17
N LEU C 55 29.03 22.60 -14.66
CA LEU C 55 29.36 21.18 -14.65
C LEU C 55 29.08 20.47 -15.98
N GLN C 56 30.03 20.56 -16.89
CA GLN C 56 29.90 19.97 -18.23
C GLN C 56 30.71 18.70 -18.44
N ARG C 57 31.64 18.41 -17.53
CA ARG C 57 32.48 17.23 -17.66
C ARG C 57 32.13 16.13 -16.67
N VAL C 58 32.34 14.88 -17.09
CA VAL C 58 32.06 13.72 -16.25
C VAL C 58 32.97 13.73 -15.02
N SER C 59 34.18 14.25 -15.18
CA SER C 59 35.13 14.34 -14.07
C SER C 59 34.60 15.27 -12.98
N GLN C 60 33.76 16.23 -13.39
CA GLN C 60 33.16 17.17 -12.45
C GLN C 60 31.85 16.59 -11.90
N LEU C 61 31.05 16.02 -12.80
CA LEU C 61 29.77 15.46 -12.43
C LEU C 61 29.47 14.16 -13.17
N ASP C 62 29.47 13.06 -12.42
CA ASP C 62 29.20 11.74 -12.98
C ASP C 62 27.90 11.26 -12.33
N MET C 63 26.80 11.38 -13.06
CA MET C 63 25.49 10.99 -12.52
C MET C 63 24.85 9.76 -13.16
N LYS C 64 25.62 8.95 -13.86
CA LYS C 64 25.08 7.75 -14.48
C LYS C 64 24.62 6.80 -13.38
N GLY C 65 23.33 6.46 -13.40
CA GLY C 65 22.78 5.56 -12.39
C GLY C 65 22.15 6.28 -11.21
N ASN C 66 22.32 7.60 -11.15
CA ASN C 66 21.75 8.40 -10.05
C ASN C 66 20.24 8.26 -9.95
N PRO C 67 19.71 8.17 -8.73
CA PRO C 67 18.26 8.05 -8.55
C PRO C 67 17.57 9.35 -8.95
N ASN C 68 16.27 9.29 -9.19
CA ASN C 68 15.52 10.48 -9.57
C ASN C 68 15.61 11.52 -8.45
N SER C 69 15.81 12.77 -8.85
CA SER C 69 15.97 13.89 -7.93
C SER C 69 17.20 13.78 -7.05
N GLY C 70 18.19 13.03 -7.54
CA GLY C 70 19.43 12.88 -6.84
C GLY C 70 20.34 13.92 -7.45
N GLY C 71 21.62 13.58 -7.57
CA GLY C 71 22.62 14.47 -8.14
C GLY C 71 22.76 15.86 -7.54
N VAL C 72 22.78 16.86 -8.42
CA VAL C 72 22.95 18.25 -8.03
C VAL C 72 21.81 18.91 -7.26
N TRP C 73 21.99 19.05 -5.95
CA TRP C 73 20.99 19.70 -5.11
C TRP C 73 21.32 21.19 -5.06
N ALA C 74 20.86 21.87 -4.00
CA ALA C 74 21.11 23.31 -3.86
C ALA C 74 22.58 23.70 -3.99
N PRO C 75 22.90 24.58 -4.95
CA PRO C 75 24.26 25.05 -5.17
C PRO C 75 24.53 26.36 -4.46
N CYS C 76 25.80 26.77 -4.40
CA CYS C 76 26.17 28.03 -3.78
C CYS C 76 27.17 28.74 -4.69
N LEU C 77 26.75 29.88 -5.24
CA LEU C 77 27.60 30.66 -6.13
C LEU C 77 28.05 31.93 -5.43
N SER C 78 29.35 32.16 -5.39
CA SER C 78 29.89 33.36 -4.76
C SER C 78 31.02 33.96 -5.61
N TYR C 79 31.36 35.21 -5.31
CA TYR C 79 32.42 35.91 -6.04
C TYR C 79 33.38 36.52 -5.03
N SER C 80 34.65 36.20 -5.17
CA SER C 80 35.68 36.69 -4.26
C SER C 80 37.07 36.45 -4.82
N ASP C 81 37.99 37.37 -4.51
CA ASP C 81 39.37 37.26 -4.97
C ASP C 81 39.51 37.16 -6.48
N GLY C 82 38.65 37.88 -7.20
CA GLY C 82 38.69 37.89 -8.64
C GLY C 82 38.23 36.65 -9.38
N LYS C 83 37.36 35.85 -8.75
CA LYS C 83 36.84 34.64 -9.38
C LYS C 83 35.57 34.14 -8.73
N PHE C 84 34.86 33.27 -9.45
CA PHE C 84 33.62 32.70 -8.95
C PHE C 84 33.89 31.37 -8.26
N TRP C 85 33.17 31.12 -7.19
CA TRP C 85 33.31 29.89 -6.41
C TRP C 85 31.98 29.16 -6.44
N LEU C 86 31.97 27.91 -6.92
CA LEU C 86 30.74 27.15 -6.97
C LEU C 86 30.79 25.89 -6.10
N ILE C 87 29.90 25.85 -5.11
CA ILE C 87 29.80 24.71 -4.22
C ILE C 87 28.60 23.90 -4.70
N TYR C 88 28.81 22.61 -4.98
CA TYR C 88 27.71 21.76 -5.43
C TYR C 88 27.76 20.40 -4.74
N THR C 89 26.65 19.68 -4.81
CA THR C 89 26.53 18.37 -4.19
C THR C 89 26.08 17.31 -5.19
N ASP C 90 26.49 16.07 -4.95
CA ASP C 90 26.11 14.94 -5.79
C ASP C 90 25.47 13.94 -4.84
N VAL C 91 24.14 13.97 -4.77
CA VAL C 91 23.40 13.07 -3.88
C VAL C 91 23.17 11.72 -4.55
N LYS C 92 23.66 10.67 -3.91
CA LYS C 92 23.52 9.31 -4.42
C LYS C 92 22.31 8.56 -3.87
N VAL C 93 21.91 8.89 -2.64
CA VAL C 93 20.77 8.24 -1.99
C VAL C 93 19.75 9.31 -1.55
N VAL C 94 18.52 9.18 -2.03
CA VAL C 94 17.46 10.14 -1.70
C VAL C 94 16.32 9.56 -0.86
N ASP C 95 16.48 8.31 -0.42
CA ASP C 95 15.46 7.65 0.39
C ASP C 95 16.08 6.84 1.52
N GLY C 96 15.30 6.63 2.58
CA GLY C 96 15.79 5.86 3.70
C GLY C 96 16.38 6.71 4.80
N ALA C 97 17.08 6.05 5.73
CA ALA C 97 17.70 6.72 6.86
C ALA C 97 18.87 7.61 6.44
N TRP C 98 19.58 7.20 5.39
CA TRP C 98 20.72 7.96 4.91
C TRP C 98 20.40 8.83 3.70
N LYS C 99 21.31 9.75 3.41
CA LYS C 99 21.20 10.66 2.28
C LYS C 99 22.62 10.87 1.76
N ASP C 100 23.28 9.77 1.40
CA ASP C 100 24.65 9.79 0.90
C ASP C 100 24.86 10.85 -0.18
N CYS C 101 25.75 11.79 0.10
CA CYS C 101 26.06 12.87 -0.83
C CYS C 101 27.48 13.34 -0.62
N HIS C 102 28.02 14.05 -1.60
CA HIS C 102 29.39 14.57 -1.51
C HIS C 102 29.43 16.01 -2.01
N ASN C 103 30.06 16.88 -1.24
CA ASN C 103 30.16 18.29 -1.59
C ASN C 103 31.50 18.59 -2.27
N TYR C 104 31.45 19.42 -3.31
CA TYR C 104 32.66 19.78 -4.06
C TYR C 104 32.75 21.29 -4.30
N LEU C 105 33.92 21.73 -4.76
CA LEU C 105 34.17 23.13 -5.07
C LEU C 105 34.89 23.27 -6.41
N VAL C 106 34.36 24.11 -7.28
CA VAL C 106 34.96 24.38 -8.58
C VAL C 106 35.01 25.91 -8.75
N THR C 107 36.07 26.42 -9.36
CA THR C 107 36.20 27.85 -9.56
C THR C 107 36.43 28.23 -11.03
N CYS C 108 36.24 29.51 -11.33
CA CYS C 108 36.44 30.02 -12.68
C CYS C 108 36.40 31.54 -12.64
N GLU C 109 37.31 32.18 -13.37
CA GLU C 109 37.36 33.63 -13.39
C GLU C 109 36.13 34.22 -14.08
N THR C 110 35.57 33.47 -15.01
CA THR C 110 34.38 33.90 -15.73
C THR C 110 33.22 32.95 -15.45
N ILE C 111 31.99 33.46 -15.56
CA ILE C 111 30.82 32.65 -15.29
C ILE C 111 30.59 31.54 -16.32
N ASN C 112 30.94 31.79 -17.58
CA ASN C 112 30.75 30.79 -18.62
C ASN C 112 32.03 30.21 -19.21
N GLY C 113 33.12 30.31 -18.45
CA GLY C 113 34.40 29.77 -18.90
C GLY C 113 34.51 28.30 -18.51
N ASP C 114 35.70 27.74 -18.64
CA ASP C 114 35.91 26.34 -18.27
C ASP C 114 36.24 26.25 -16.79
N TRP C 115 35.28 25.76 -16.01
CA TRP C 115 35.47 25.62 -14.57
C TRP C 115 36.50 24.55 -14.26
N SER C 116 37.13 24.68 -13.10
CA SER C 116 38.18 23.77 -12.66
C SER C 116 37.66 22.39 -12.25
N GLU C 117 38.60 21.48 -11.99
CA GLU C 117 38.25 20.14 -11.54
C GLU C 117 37.80 20.29 -10.09
N PRO C 118 36.82 19.47 -9.66
CA PRO C 118 36.31 19.52 -8.29
C PRO C 118 37.30 19.27 -7.16
N ILE C 119 37.11 20.01 -6.07
CA ILE C 119 37.92 19.89 -4.86
C ILE C 119 37.00 19.26 -3.81
N LYS C 120 37.35 18.08 -3.31
CA LYS C 120 36.53 17.41 -2.31
C LYS C 120 36.49 18.18 -1.00
N LEU C 121 35.28 18.41 -0.49
CA LEU C 121 35.08 19.14 0.76
C LEU C 121 34.70 18.19 1.90
N ASN C 122 33.42 17.82 1.96
CA ASN C 122 32.92 16.90 2.99
C ASN C 122 31.67 16.17 2.49
N SER C 123 31.06 15.37 3.37
CA SER C 123 29.86 14.61 3.00
C SER C 123 28.82 14.58 4.13
N SER C 124 29.08 15.30 5.22
CA SER C 124 28.17 15.33 6.37
C SER C 124 26.74 15.79 6.13
N GLY C 125 26.48 16.39 4.97
CA GLY C 125 25.14 16.83 4.66
C GLY C 125 25.10 17.66 3.40
N PHE C 126 23.89 17.95 2.93
CA PHE C 126 23.71 18.75 1.71
C PHE C 126 23.61 20.25 2.02
N ASP C 127 23.30 21.03 0.99
CA ASP C 127 23.17 22.48 1.10
C ASP C 127 24.45 23.16 1.57
N ALA C 128 25.58 22.73 1.03
CA ALA C 128 26.88 23.30 1.39
C ALA C 128 26.97 24.72 0.80
N SER C 129 27.61 25.62 1.53
CA SER C 129 27.73 27.01 1.11
C SER C 129 29.08 27.60 1.56
N LEU C 130 29.73 28.35 0.66
CA LEU C 130 31.01 28.98 0.98
C LEU C 130 30.83 30.45 1.37
N PHE C 131 31.30 30.79 2.57
CA PHE C 131 31.21 32.14 3.10
C PHE C 131 32.58 32.84 3.09
N HIS C 132 32.64 34.00 2.46
CA HIS C 132 33.87 34.78 2.39
C HIS C 132 33.79 35.92 3.40
N ASP C 133 34.44 35.76 4.54
CA ASP C 133 34.41 36.77 5.59
C ASP C 133 35.26 38.00 5.23
N THR C 134 34.93 39.13 5.83
CA THR C 134 35.62 40.39 5.59
C THR C 134 37.10 40.41 5.97
N ASP C 135 37.51 39.44 6.80
CA ASP C 135 38.91 39.36 7.23
C ASP C 135 39.79 38.50 6.32
N GLY C 136 39.21 37.98 5.25
CA GLY C 136 39.96 37.15 4.33
C GLY C 136 39.81 35.65 4.58
N LYS C 137 39.12 35.29 5.65
CA LYS C 137 38.89 33.88 5.97
C LYS C 137 37.66 33.35 5.26
N LYS C 138 37.68 32.05 4.97
CA LYS C 138 36.56 31.41 4.27
C LYS C 138 36.02 30.26 5.11
N TYR C 139 34.70 30.07 5.10
CA TYR C 139 34.07 29.02 5.87
C TYR C 139 33.03 28.26 5.06
N LEU C 140 32.93 26.96 5.30
CA LEU C 140 31.95 26.13 4.61
C LEU C 140 30.81 25.81 5.57
N LEU C 141 29.59 26.07 5.12
CA LEU C 141 28.39 25.81 5.89
C LEU C 141 27.60 24.71 5.19
N ASN C 142 26.87 23.93 5.97
CA ASN C 142 26.04 22.84 5.45
C ASN C 142 25.21 22.24 6.57
N MET C 143 24.10 21.61 6.20
CA MET C 143 23.24 20.98 7.21
C MET C 143 23.82 19.62 7.58
N LEU C 144 23.57 19.20 8.81
CA LEU C 144 24.07 17.92 9.29
C LEU C 144 22.97 16.86 9.20
N TRP C 145 23.20 15.82 8.40
CA TRP C 145 22.21 14.76 8.25
C TRP C 145 22.41 13.66 9.30
N ASP C 146 21.40 13.46 10.14
CA ASP C 146 21.45 12.44 11.18
C ASP C 146 20.59 11.25 10.77
N HIS C 147 21.24 10.11 10.54
CA HIS C 147 20.56 8.89 10.13
C HIS C 147 19.99 8.06 11.29
N ARG C 148 20.45 8.36 12.49
CA ARG C 148 20.01 7.65 13.69
C ARG C 148 18.52 7.74 13.95
N ILE C 149 17.91 6.59 14.22
CA ILE C 149 16.48 6.45 14.46
C ILE C 149 15.83 7.37 15.50
N ASP C 150 16.45 7.53 16.66
CA ASP C 150 15.90 8.36 17.72
C ASP C 150 16.15 9.86 17.62
N ARG C 151 16.53 10.35 16.44
CA ARG C 151 16.81 11.77 16.25
C ARG C 151 16.32 12.25 14.88
N HIS C 152 16.18 13.56 14.84
CA HIS C 152 15.73 14.16 13.59
C HIS C 152 16.84 14.03 12.54
N SER C 153 16.39 13.87 11.31
CA SER C 153 17.39 13.83 10.26
C SER C 153 18.14 15.15 10.10
N PHE C 154 17.47 16.25 10.40
CA PHE C 154 18.12 17.57 10.30
C PHE C 154 18.78 17.90 11.64
N GLY C 155 20.05 17.55 11.76
CA GLY C 155 20.80 17.77 12.98
C GLY C 155 21.41 19.14 13.21
N GLY C 156 20.98 20.14 12.45
CA GLY C 156 21.52 21.48 12.62
C GLY C 156 22.47 21.97 11.56
N ILE C 157 22.97 23.18 11.74
CA ILE C 157 23.90 23.80 10.80
C ILE C 157 25.34 23.74 11.32
N VAL C 158 26.23 23.16 10.52
CA VAL C 158 27.63 23.06 10.90
C VAL C 158 28.49 24.01 10.09
N ILE C 159 29.61 24.42 10.67
CA ILE C 159 30.54 25.33 9.98
C ILE C 159 31.95 24.81 10.20
N GLN C 160 32.82 25.04 9.21
CA GLN C 160 34.20 24.62 9.28
C GLN C 160 35.01 25.51 8.35
N GLU C 161 36.14 26.01 8.84
CA GLU C 161 36.99 26.88 8.05
C GLU C 161 37.56 26.17 6.83
N TYR C 162 37.59 26.87 5.71
CA TYR C 162 38.14 26.32 4.48
C TYR C 162 39.46 27.02 4.16
N SER C 163 40.50 26.23 3.95
CA SER C 163 41.82 26.75 3.61
C SER C 163 41.94 26.83 2.09
N ASP C 164 41.97 28.04 1.56
CA ASP C 164 42.08 28.25 0.11
C ASP C 164 43.43 27.77 -0.40
N LYS C 165 44.46 27.95 0.43
CA LYS C 165 45.82 27.55 0.08
C LYS C 165 46.00 26.04 0.05
N GLU C 166 45.52 25.37 1.08
CA GLU C 166 45.63 23.92 1.20
C GLU C 166 44.52 23.18 0.47
N GLN C 167 43.54 23.94 -0.05
CA GLN C 167 42.40 23.39 -0.76
C GLN C 167 41.68 22.27 0.00
N LYS C 168 41.36 22.55 1.26
CA LYS C 168 40.67 21.58 2.11
C LYS C 168 40.12 22.24 3.38
N LEU C 169 39.18 21.57 4.03
CA LEU C 169 38.62 22.08 5.27
C LEU C 169 39.63 21.82 6.37
N ILE C 170 39.81 22.80 7.26
CA ILE C 170 40.76 22.66 8.36
C ILE C 170 40.08 22.74 9.73
N GLY C 171 40.83 22.37 10.76
CA GLY C 171 40.29 22.39 12.11
C GLY C 171 39.21 21.34 12.29
N LYS C 172 38.18 21.68 13.05
CA LYS C 172 37.07 20.75 13.31
C LYS C 172 35.73 21.46 13.11
N PRO C 173 34.74 20.76 12.55
CA PRO C 173 33.41 21.34 12.33
C PRO C 173 32.63 21.43 13.64
N LYS C 174 31.68 22.36 13.70
CA LYS C 174 30.86 22.52 14.89
C LYS C 174 29.49 23.12 14.57
N VAL C 175 28.49 22.69 15.34
CA VAL C 175 27.12 23.19 15.14
C VAL C 175 26.99 24.60 15.70
N ILE C 176 26.50 25.52 14.87
CA ILE C 176 26.33 26.91 15.26
C ILE C 176 24.86 27.34 15.33
N PHE C 177 23.96 26.49 14.87
CA PHE C 177 22.53 26.79 14.86
C PHE C 177 21.69 25.52 14.77
N GLU C 178 20.62 25.46 15.55
CA GLU C 178 19.75 24.28 15.54
C GLU C 178 18.33 24.54 15.03
N GLY C 179 18.08 25.76 14.55
CA GLY C 179 16.77 26.10 14.02
C GLY C 179 15.67 26.43 15.01
N THR C 180 14.47 26.61 14.46
CA THR C 180 13.29 26.94 15.26
C THR C 180 12.28 25.78 15.24
N ASP C 181 11.07 26.06 15.69
CA ASP C 181 10.03 25.03 15.71
C ASP C 181 9.56 24.63 14.31
N ARG C 182 9.99 25.37 13.30
CA ARG C 182 9.65 25.08 11.91
C ARG C 182 10.42 23.85 11.48
N LYS C 183 11.54 23.60 12.15
CA LYS C 183 12.42 22.46 11.90
C LYS C 183 12.89 22.29 10.46
N LEU C 184 13.46 21.12 10.15
CA LEU C 184 14.00 20.82 8.83
C LEU C 184 14.96 21.93 8.40
N THR C 185 15.73 22.42 9.35
CA THR C 185 16.69 23.49 9.12
C THR C 185 17.76 23.12 8.11
N GLU C 186 17.87 23.93 7.06
CA GLU C 186 18.83 23.68 5.99
C GLU C 186 19.17 24.99 5.27
N ALA C 187 19.77 24.87 4.09
CA ALA C 187 20.14 26.02 3.26
C ALA C 187 20.89 27.14 4.00
N PRO C 188 21.92 26.79 4.79
CA PRO C 188 22.66 27.82 5.51
C PRO C 188 23.47 28.76 4.62
N HIS C 189 23.33 30.05 4.89
CA HIS C 189 24.04 31.11 4.16
C HIS C 189 24.43 32.17 5.19
N LEU C 190 25.71 32.52 5.23
CA LEU C 190 26.19 33.51 6.18
C LEU C 190 26.53 34.83 5.49
N TYR C 191 26.22 35.93 6.16
CA TYR C 191 26.48 37.27 5.64
C TYR C 191 26.99 38.16 6.77
N HIS C 192 28.11 38.83 6.55
CA HIS C 192 28.65 39.73 7.57
C HIS C 192 28.23 41.14 7.20
N ILE C 193 27.14 41.62 7.80
CA ILE C 193 26.61 42.95 7.52
C ILE C 193 26.69 43.81 8.77
N GLY C 194 27.40 44.93 8.68
CA GLY C 194 27.52 45.82 9.82
C GLY C 194 28.22 45.15 10.98
N ASN C 195 27.61 45.22 12.16
CA ASN C 195 28.18 44.64 13.37
C ASN C 195 27.67 43.22 13.67
N TYR C 196 27.07 42.57 12.68
CA TYR C 196 26.55 41.22 12.90
C TYR C 196 26.82 40.22 11.78
N TYR C 197 26.66 38.94 12.13
CA TYR C 197 26.79 37.83 11.19
C TYR C 197 25.36 37.30 11.02
N TYR C 198 24.81 37.41 9.82
CA TYR C 198 23.44 36.96 9.63
C TYR C 198 23.40 35.58 8.99
N LEU C 199 22.85 34.62 9.74
CA LEU C 199 22.73 33.25 9.25
C LEU C 199 21.32 33.05 8.70
N LEU C 200 21.23 32.89 7.39
CA LEU C 200 19.96 32.67 6.71
C LEU C 200 19.80 31.17 6.50
N THR C 201 18.61 30.65 6.78
CA THR C 201 18.34 29.22 6.60
C THR C 201 16.92 28.99 6.06
N ALA C 202 16.67 27.76 5.61
CA ALA C 202 15.36 27.38 5.10
C ALA C 202 14.82 26.37 6.10
N GLU C 203 13.52 26.44 6.38
CA GLU C 203 12.91 25.53 7.33
C GLU C 203 11.52 25.06 6.88
N GLY C 204 11.04 24.00 7.50
CA GLY C 204 9.73 23.46 7.18
C GLY C 204 9.62 22.57 5.96
N GLY C 205 10.74 22.27 5.30
CA GLY C 205 10.68 21.43 4.12
C GLY C 205 10.34 22.23 2.89
N THR C 206 10.72 21.72 1.73
CA THR C 206 10.47 22.42 0.47
C THR C 206 9.03 22.38 -0.05
N ARG C 207 8.11 21.82 0.74
CA ARG C 207 6.71 21.79 0.33
C ARG C 207 6.02 23.08 0.77
N TYR C 208 4.73 22.99 1.14
CA TYR C 208 4.00 24.19 1.54
C TYR C 208 4.32 24.79 2.91
N GLU C 209 5.05 24.05 3.74
CA GLU C 209 5.44 24.56 5.06
C GLU C 209 6.76 25.32 4.95
N HIS C 210 7.28 25.43 3.72
CA HIS C 210 8.55 26.09 3.45
C HIS C 210 8.61 27.52 3.96
N ALA C 211 9.78 27.89 4.49
CA ALA C 211 10.00 29.22 5.03
C ALA C 211 11.50 29.57 5.03
N ALA C 212 11.80 30.84 5.22
CA ALA C 212 13.18 31.31 5.28
C ALA C 212 13.34 32.03 6.61
N THR C 213 14.24 31.51 7.45
CA THR C 213 14.46 32.12 8.76
C THR C 213 15.84 32.76 8.83
N ILE C 214 15.99 33.78 9.68
CA ILE C 214 17.27 34.45 9.81
C ILE C 214 17.60 34.74 11.26
N ALA C 215 18.88 34.66 11.59
CA ALA C 215 19.36 34.91 12.94
C ALA C 215 20.66 35.71 12.86
N ARG C 216 21.05 36.34 13.97
CA ARG C 216 22.27 37.14 13.99
C ARG C 216 23.14 36.87 15.21
N SER C 217 24.42 37.23 15.10
CA SER C 217 25.37 37.04 16.18
C SER C 217 26.57 37.96 15.94
N ALA C 218 27.13 38.51 17.02
CA ALA C 218 28.29 39.39 16.92
C ALA C 218 29.48 38.58 16.44
N ASN C 219 29.55 37.33 16.91
CA ASN C 219 30.63 36.42 16.55
C ASN C 219 30.14 35.32 15.62
N ILE C 220 31.03 34.80 14.79
CA ILE C 220 30.67 33.76 13.83
C ILE C 220 30.23 32.42 14.43
N GLU C 221 30.74 32.09 15.62
CA GLU C 221 30.41 30.84 16.29
C GLU C 221 29.01 30.85 16.90
N GLY C 222 28.48 32.03 17.17
CA GLY C 222 27.18 32.15 17.78
C GLY C 222 27.27 32.14 19.29
N PRO C 223 26.18 31.83 20.01
CA PRO C 223 24.84 31.48 19.52
C PRO C 223 24.12 32.59 18.76
N TYR C 224 23.28 32.19 17.82
CA TYR C 224 22.51 33.12 17.01
C TYR C 224 21.11 33.38 17.55
N GLU C 225 20.72 34.64 17.57
CA GLU C 225 19.39 35.05 18.03
C GLU C 225 18.50 35.17 16.79
N VAL C 226 17.35 34.50 16.80
CA VAL C 226 16.43 34.56 15.66
C VAL C 226 15.67 35.88 15.53
N HIS C 227 15.27 36.19 14.30
CA HIS C 227 14.52 37.41 13.99
C HIS C 227 13.27 37.47 14.87
N PRO C 228 12.95 38.67 15.41
CA PRO C 228 11.78 38.84 16.28
C PRO C 228 10.44 38.53 15.62
N ASP C 229 10.38 38.63 14.29
CA ASP C 229 9.17 38.33 13.55
C ASP C 229 9.49 37.23 12.53
N ASN C 230 10.15 36.19 13.02
CA ASN C 230 10.53 35.05 12.20
C ASN C 230 9.32 34.15 11.94
N PRO C 231 9.24 33.52 10.75
CA PRO C 231 10.17 33.58 9.61
C PRO C 231 10.01 34.87 8.84
N ILE C 232 11.09 35.33 8.21
CA ILE C 232 11.03 36.55 7.42
C ILE C 232 10.34 36.32 6.08
N LEU C 233 10.20 35.04 5.71
CA LEU C 233 9.57 34.67 4.45
C LEU C 233 8.86 33.32 4.58
N THR C 234 7.57 33.30 4.24
CA THR C 234 6.75 32.09 4.28
C THR C 234 5.29 32.41 3.93
N SER C 235 4.65 31.50 3.20
CA SER C 235 3.27 31.69 2.82
C SER C 235 2.42 30.47 3.23
N TRP C 236 2.94 29.67 4.15
CA TRP C 236 2.23 28.49 4.63
C TRP C 236 0.83 28.83 5.15
N HIS C 237 0.76 29.88 5.97
CA HIS C 237 -0.49 30.33 6.57
C HIS C 237 -1.44 30.99 5.57
N ASP C 238 -0.99 31.19 4.34
CA ASP C 238 -1.80 31.84 3.32
C ASP C 238 -1.87 31.04 2.01
N PRO C 239 -2.82 30.10 1.91
CA PRO C 239 -2.98 29.28 0.71
C PRO C 239 -3.42 30.08 -0.52
N GLY C 240 -3.94 31.28 -0.29
CA GLY C 240 -4.40 32.11 -1.38
C GLY C 240 -3.31 32.94 -2.05
N ASN C 241 -2.14 33.01 -1.42
CA ASN C 241 -1.05 33.80 -1.99
C ASN C 241 -0.55 33.22 -3.31
N PRO C 242 -0.32 34.08 -4.31
CA PRO C 242 0.16 33.63 -5.62
C PRO C 242 1.45 32.81 -5.56
N LEU C 243 2.34 33.19 -4.65
CA LEU C 243 3.62 32.49 -4.48
C LEU C 243 3.55 31.57 -3.26
N GLN C 244 3.85 30.29 -3.46
CA GLN C 244 3.82 29.30 -2.39
C GLN C 244 5.21 28.69 -2.18
N LYS C 245 5.35 27.86 -1.13
CA LYS C 245 6.62 27.20 -0.84
C LYS C 245 7.79 28.19 -0.80
N CYS C 246 7.55 29.38 -0.27
CA CYS C 246 8.57 30.42 -0.22
C CYS C 246 9.70 30.18 0.79
N GLY C 247 10.84 29.75 0.29
CA GLY C 247 11.98 29.49 1.17
C GLY C 247 13.28 29.28 0.42
N HIS C 248 14.30 28.80 1.13
CA HIS C 248 15.63 28.56 0.55
C HIS C 248 16.10 29.80 -0.20
N ALA C 249 16.20 30.89 0.54
CA ALA C 249 16.60 32.18 -0.02
C ALA C 249 18.09 32.51 0.06
N SER C 250 18.46 33.59 -0.60
CA SER C 250 19.83 34.11 -0.61
C SER C 250 19.72 35.64 -0.70
N ILE C 251 20.56 36.33 0.05
CA ILE C 251 20.54 37.80 0.06
C ILE C 251 21.61 38.43 -0.82
N VAL C 252 21.26 39.56 -1.45
CA VAL C 252 22.18 40.28 -2.31
C VAL C 252 22.07 41.78 -2.09
N GLN C 253 23.21 42.46 -2.05
CA GLN C 253 23.25 43.90 -1.90
C GLN C 253 23.75 44.45 -3.24
N THR C 254 22.89 45.19 -3.92
CA THR C 254 23.21 45.78 -5.21
C THR C 254 24.30 46.83 -5.11
N HIS C 255 24.84 47.25 -6.25
CA HIS C 255 25.88 48.28 -6.27
C HIS C 255 25.25 49.63 -5.97
N THR C 256 23.91 49.67 -5.97
CA THR C 256 23.17 50.89 -5.67
C THR C 256 22.75 50.93 -4.20
N ASP C 257 23.34 50.01 -3.40
CA ASP C 257 23.08 49.90 -1.98
C ASP C 257 21.61 49.59 -1.65
N GLU C 258 21.07 48.59 -2.33
CA GLU C 258 19.70 48.15 -2.13
C GLU C 258 19.72 46.65 -1.80
N TRP C 259 18.76 46.18 -1.02
CA TRP C 259 18.73 44.78 -0.63
C TRP C 259 17.59 43.97 -1.22
N TYR C 260 17.91 42.78 -1.72
CA TYR C 260 16.92 41.89 -2.31
C TYR C 260 17.08 40.45 -1.83
N LEU C 261 15.99 39.70 -1.85
CA LEU C 261 15.99 38.32 -1.39
C LEU C 261 15.48 37.34 -2.43
N ALA C 262 16.40 36.60 -3.06
CA ALA C 262 16.03 35.59 -4.05
C ALA C 262 15.55 34.35 -3.29
N HIS C 263 14.55 33.65 -3.81
CA HIS C 263 14.03 32.46 -3.15
C HIS C 263 13.25 31.59 -4.12
N LEU C 264 13.12 30.30 -3.79
CA LEU C 264 12.35 29.40 -4.64
C LEU C 264 10.88 29.57 -4.27
N THR C 265 10.00 29.20 -5.19
CA THR C 265 8.56 29.33 -4.98
C THR C 265 7.81 28.38 -5.92
N GLY C 266 6.57 28.06 -5.58
CA GLY C 266 5.77 27.18 -6.41
C GLY C 266 4.43 27.82 -6.69
N ARG C 267 3.99 27.77 -7.95
CA ARG C 267 2.70 28.35 -8.33
C ARG C 267 1.79 27.17 -8.68
N PRO C 268 1.09 26.61 -7.68
CA PRO C 268 0.19 25.48 -7.85
C PRO C 268 -1.15 25.74 -8.53
N ILE C 269 -1.66 24.69 -9.17
CA ILE C 269 -2.96 24.73 -9.82
C ILE C 269 -3.86 23.91 -8.90
N HIS C 270 -5.18 24.11 -9.00
CA HIS C 270 -6.12 23.38 -8.16
C HIS C 270 -7.18 22.77 -9.06
N PRO C 271 -6.85 21.64 -9.73
CA PRO C 271 -7.74 20.93 -10.64
C PRO C 271 -8.72 19.92 -9.99
N ASP C 272 -8.45 19.45 -8.79
CA ASP C 272 -9.32 18.49 -8.11
C ASP C 272 -10.53 19.04 -7.37
N ASP C 273 -10.64 20.36 -7.24
CA ASP C 273 -11.77 21.00 -6.55
C ASP C 273 -11.82 20.71 -5.04
N ASP C 274 -10.68 20.34 -4.47
CA ASP C 274 -10.59 20.05 -3.04
C ASP C 274 -10.47 21.35 -2.24
N SER C 275 -10.34 21.22 -0.94
CA SER C 275 -10.11 22.35 -0.05
C SER C 275 -8.62 22.66 -0.13
N ILE C 276 -8.31 23.90 -0.50
CA ILE C 276 -6.91 24.33 -0.63
C ILE C 276 -6.12 24.21 0.68
N PHE C 277 -6.83 24.22 1.81
CA PHE C 277 -6.18 24.11 3.11
C PHE C 277 -5.68 22.69 3.37
N GLN C 278 -6.39 21.71 2.83
CA GLN C 278 -5.99 20.30 2.97
C GLN C 278 -5.07 19.92 1.83
N GLN C 279 -5.53 20.15 0.59
CA GLN C 279 -4.75 19.85 -0.60
C GLN C 279 -4.29 21.19 -1.19
N ARG C 280 -3.06 21.57 -0.88
CA ARG C 280 -2.51 22.85 -1.34
C ARG C 280 -2.31 23.07 -2.84
N GLY C 281 -2.27 21.99 -3.63
CA GLY C 281 -2.10 22.15 -5.07
C GLY C 281 -0.93 21.40 -5.69
N TYR C 282 -0.84 21.47 -7.01
CA TYR C 282 0.21 20.80 -7.77
C TYR C 282 0.99 21.79 -8.63
N CYS C 283 2.32 21.63 -8.67
CA CYS C 283 3.16 22.54 -9.44
C CYS C 283 3.88 21.83 -10.58
N PRO C 284 3.29 21.82 -11.78
CA PRO C 284 3.91 21.17 -12.94
C PRO C 284 5.20 21.88 -13.36
N LEU C 285 5.29 23.17 -13.03
CA LEU C 285 6.46 23.96 -13.36
C LEU C 285 7.56 23.79 -12.30
N GLY C 286 7.30 22.91 -11.34
CA GLY C 286 8.26 22.66 -10.28
C GLY C 286 8.46 23.86 -9.38
N ARG C 287 9.67 24.02 -8.87
CA ARG C 287 10.02 25.14 -8.02
C ARG C 287 10.77 26.18 -8.84
N GLU C 288 10.24 27.39 -8.86
CA GLU C 288 10.81 28.49 -9.62
C GLU C 288 11.52 29.49 -8.69
N THR C 289 12.18 30.49 -9.29
CA THR C 289 12.90 31.50 -8.50
C THR C 289 12.21 32.86 -8.54
N ALA C 290 12.03 33.47 -7.37
CA ALA C 290 11.42 34.80 -7.26
C ALA C 290 12.36 35.70 -6.47
N ILE C 291 12.18 37.01 -6.59
CA ILE C 291 13.01 37.97 -5.88
C ILE C 291 12.18 39.00 -5.11
N GLN C 292 12.39 39.06 -3.81
CA GLN C 292 11.67 40.00 -2.95
C GLN C 292 12.61 41.16 -2.58
N LYS C 293 12.03 42.30 -2.23
CA LYS C 293 12.82 43.45 -1.82
C LYS C 293 12.89 43.45 -0.30
N LEU C 294 14.03 43.90 0.24
CA LEU C 294 14.21 43.95 1.69
C LEU C 294 14.32 45.37 2.21
N TYR C 295 14.02 45.53 3.50
CA TYR C 295 14.14 46.83 4.17
C TYR C 295 14.65 46.55 5.58
N TRP C 296 15.51 47.42 6.08
CA TRP C 296 16.07 47.23 7.41
C TRP C 296 15.41 48.06 8.49
N LYS C 297 15.33 47.48 9.69
CA LYS C 297 14.73 48.10 10.85
C LYS C 297 15.32 47.45 12.10
N ASP C 298 16.00 48.27 12.92
CA ASP C 298 16.64 47.79 14.15
C ASP C 298 17.64 46.68 13.87
N GLU C 299 18.37 46.83 12.76
CA GLU C 299 19.39 45.86 12.33
C GLU C 299 18.82 44.47 12.04
N TRP C 300 17.62 44.45 11.48
CA TRP C 300 16.94 43.21 11.10
C TRP C 300 16.33 43.42 9.73
N PRO C 301 16.51 42.46 8.81
CA PRO C 301 15.94 42.58 7.46
C PRO C 301 14.49 42.10 7.42
N TYR C 302 13.67 42.77 6.63
CA TYR C 302 12.26 42.43 6.50
C TYR C 302 11.86 42.43 5.03
N VAL C 303 10.92 41.56 4.66
CA VAL C 303 10.46 41.50 3.28
C VAL C 303 9.41 42.58 3.03
N VAL C 304 9.63 43.37 2.00
CA VAL C 304 8.71 44.45 1.63
C VAL C 304 7.40 43.85 1.13
N GLY C 305 6.29 44.29 1.71
CA GLY C 305 4.98 43.80 1.30
C GLY C 305 4.47 42.60 2.08
N GLY C 306 5.23 42.15 3.07
CA GLY C 306 4.80 41.01 3.86
C GLY C 306 5.67 39.79 3.62
N LYS C 307 5.75 38.91 4.61
CA LYS C 307 6.56 37.70 4.52
C LYS C 307 6.08 36.67 3.48
N GLU C 308 4.83 36.78 3.06
CA GLU C 308 4.27 35.84 2.09
C GLU C 308 5.00 35.88 0.74
N GLY C 309 5.39 37.07 0.32
CA GLY C 309 6.07 37.22 -0.96
C GLY C 309 5.10 37.76 -2.00
N SER C 310 5.54 38.75 -2.76
CA SER C 310 4.68 39.36 -3.77
C SER C 310 5.11 39.10 -5.21
N LEU C 311 4.17 39.27 -6.14
CA LEU C 311 4.44 39.08 -7.56
C LEU C 311 5.16 40.29 -8.14
N GLU C 312 4.69 41.48 -7.77
CA GLU C 312 5.27 42.74 -8.25
C GLU C 312 6.17 43.32 -7.17
N VAL C 313 7.44 43.52 -7.49
CA VAL C 313 8.41 44.06 -6.54
C VAL C 313 9.17 45.25 -7.15
N ASP C 314 9.40 46.28 -6.35
CA ASP C 314 10.12 47.46 -6.84
C ASP C 314 11.54 47.09 -7.25
N ALA C 315 11.88 47.40 -8.50
CA ALA C 315 13.20 47.12 -9.04
C ALA C 315 14.23 48.11 -8.51
N PRO C 316 15.51 47.73 -8.48
CA PRO C 316 16.56 48.62 -8.00
C PRO C 316 16.74 49.82 -8.93
N SER C 317 17.36 50.88 -8.42
CA SER C 317 17.58 52.09 -9.21
C SER C 317 18.72 51.96 -10.23
N ILE C 318 18.62 50.97 -11.09
CA ILE C 318 19.62 50.75 -12.13
C ILE C 318 18.92 50.72 -13.49
N PRO C 319 19.55 51.30 -14.53
CA PRO C 319 18.96 51.32 -15.88
C PRO C 319 18.58 49.94 -16.41
N GLU C 320 17.46 49.89 -17.12
CA GLU C 320 16.96 48.65 -17.70
C GLU C 320 17.87 48.09 -18.79
N THR C 321 18.10 46.78 -18.74
CA THR C 321 18.93 46.09 -19.71
C THR C 321 18.23 44.79 -20.11
N ILE C 322 17.59 44.80 -21.28
CA ILE C 322 16.89 43.61 -21.77
C ILE C 322 17.83 42.74 -22.59
N PHE C 323 17.58 41.44 -22.59
CA PHE C 323 18.42 40.51 -23.34
C PHE C 323 17.60 39.83 -24.43
N GLU C 324 18.27 39.40 -25.49
CA GLU C 324 17.60 38.71 -26.59
C GLU C 324 17.25 37.30 -26.13
N ALA C 325 16.23 36.71 -26.75
CA ALA C 325 15.78 35.36 -26.40
C ALA C 325 16.92 34.35 -26.52
N THR C 326 17.02 33.48 -25.52
CA THR C 326 18.06 32.46 -25.51
C THR C 326 17.75 31.28 -26.42
N TYR C 327 16.54 31.26 -26.97
CA TYR C 327 16.10 30.19 -27.87
C TYR C 327 15.10 30.69 -28.91
N PRO C 328 15.14 30.12 -30.12
CA PRO C 328 14.21 30.52 -31.18
C PRO C 328 12.87 29.81 -30.96
N GLU C 329 11.78 30.42 -31.40
CA GLU C 329 10.46 29.78 -31.26
C GLU C 329 10.50 28.43 -31.97
N VAL C 330 11.08 28.41 -33.16
CA VAL C 330 11.22 27.19 -33.94
C VAL C 330 12.71 26.92 -34.15
N ASP C 331 13.21 25.90 -33.49
CA ASP C 331 14.62 25.53 -33.61
C ASP C 331 14.78 24.61 -34.82
N GLU C 332 15.40 25.13 -35.87
CA GLU C 332 15.61 24.36 -37.09
C GLU C 332 16.89 23.52 -37.05
N PHE C 333 17.54 23.49 -35.89
CA PHE C 333 18.77 22.73 -35.69
C PHE C 333 19.84 23.03 -36.75
N GLU C 334 20.03 24.31 -37.04
CA GLU C 334 21.02 24.73 -38.03
C GLU C 334 22.39 24.96 -37.39
N ASP C 335 22.43 25.10 -36.07
CA ASP C 335 23.68 25.29 -35.35
C ASP C 335 24.22 23.95 -34.89
N SER C 336 25.54 23.82 -34.85
CA SER C 336 26.18 22.59 -34.41
C SER C 336 26.14 22.44 -32.88
N THR C 337 25.62 23.46 -32.21
CA THR C 337 25.53 23.47 -30.75
C THR C 337 24.08 23.29 -30.30
N LEU C 338 23.85 22.36 -29.37
CA LEU C 338 22.51 22.15 -28.85
C LEU C 338 22.17 23.40 -28.05
N ASN C 339 20.96 23.91 -28.24
CA ASN C 339 20.50 25.11 -27.53
C ASN C 339 20.68 24.94 -26.03
N ILE C 340 21.16 26.00 -25.37
CA ILE C 340 21.40 26.00 -23.93
C ILE C 340 20.20 25.58 -23.09
N ASN C 341 19.00 25.77 -23.63
CA ASN C 341 17.75 25.43 -22.93
C ASN C 341 17.48 23.92 -22.96
N PHE C 342 18.25 23.20 -23.77
CA PHE C 342 18.12 21.75 -23.89
C PHE C 342 19.08 21.04 -22.94
N GLN C 343 18.60 19.98 -22.31
CA GLN C 343 19.41 19.20 -21.39
C GLN C 343 19.16 17.71 -21.60
N THR C 344 20.10 16.91 -21.12
CA THR C 344 19.99 15.46 -21.23
C THR C 344 19.92 14.87 -19.83
N LEU C 345 19.54 13.60 -19.74
CA LEU C 345 19.43 12.96 -18.44
C LEU C 345 20.73 12.32 -17.97
N ARG C 346 21.24 12.84 -16.84
CA ARG C 346 22.43 12.35 -16.16
C ARG C 346 23.77 12.40 -16.91
N ILE C 347 23.78 12.07 -18.20
CA ILE C 347 25.04 12.00 -18.92
C ILE C 347 25.11 13.07 -19.99
N PRO C 348 26.33 13.42 -20.44
CA PRO C 348 26.50 14.44 -21.48
C PRO C 348 26.02 13.99 -22.85
N PHE C 349 25.68 14.96 -23.69
CA PHE C 349 25.22 14.70 -25.05
C PHE C 349 26.46 14.47 -25.91
N THR C 350 26.69 13.21 -26.28
CA THR C 350 27.84 12.86 -27.09
C THR C 350 27.41 12.29 -28.45
N ASN C 351 28.39 11.99 -29.29
CA ASN C 351 28.12 11.44 -30.62
C ASN C 351 27.42 10.08 -30.50
N GLU C 352 27.62 9.44 -29.34
CA GLU C 352 27.01 8.15 -29.04
C GLU C 352 25.50 8.29 -28.96
N LEU C 353 25.05 9.34 -28.28
CA LEU C 353 23.62 9.59 -28.11
C LEU C 353 22.94 10.23 -29.32
N GLY C 354 23.63 11.19 -29.95
CA GLY C 354 23.05 11.86 -31.10
C GLY C 354 24.02 12.72 -31.88
N SER C 355 23.49 13.47 -32.85
CA SER C 355 24.34 14.31 -33.69
C SER C 355 23.57 15.42 -34.39
N LEU C 356 24.23 16.57 -34.56
CA LEU C 356 23.65 17.71 -35.24
C LEU C 356 24.42 17.93 -36.54
N THR C 357 25.45 17.11 -36.78
CA THR C 357 26.27 17.23 -37.98
C THR C 357 26.08 16.12 -39.02
N GLN C 358 25.75 14.90 -38.56
CA GLN C 358 25.54 13.78 -39.47
C GLN C 358 24.41 14.07 -40.46
N ALA C 359 23.32 14.61 -39.95
CA ALA C 359 22.16 14.96 -40.77
C ALA C 359 21.91 16.45 -40.59
N PRO C 360 22.61 17.29 -41.37
CA PRO C 360 22.48 18.75 -41.32
C PRO C 360 21.03 19.23 -41.22
N ASN C 361 20.82 20.22 -40.34
CA ASN C 361 19.50 20.82 -40.10
C ASN C 361 18.53 19.82 -39.47
N HIS C 362 19.07 18.88 -38.69
CA HIS C 362 18.29 17.86 -38.01
C HIS C 362 18.98 17.47 -36.71
N LEU C 363 18.18 17.00 -35.74
CA LEU C 363 18.73 16.52 -34.49
C LEU C 363 18.56 15.01 -34.55
N ARG C 364 19.64 14.31 -34.88
CA ARG C 364 19.61 12.86 -34.95
C ARG C 364 19.85 12.23 -33.59
N LEU C 365 18.94 11.37 -33.16
CA LEU C 365 19.06 10.70 -31.88
C LEU C 365 19.12 9.19 -32.10
N PHE C 366 20.22 8.57 -31.67
CA PHE C 366 20.38 7.13 -31.80
C PHE C 366 19.67 6.44 -30.65
N GLY C 367 18.78 5.53 -30.97
CA GLY C 367 18.02 4.82 -29.96
C GLY C 367 18.83 4.10 -28.91
N HIS C 368 18.52 4.36 -27.64
CA HIS C 368 19.20 3.71 -26.52
C HIS C 368 18.17 3.10 -25.55
N GLU C 369 18.41 3.26 -24.26
CA GLU C 369 17.53 2.71 -23.25
C GLU C 369 16.18 3.42 -23.11
N SER C 370 15.21 2.73 -22.53
CA SER C 370 13.86 3.26 -22.35
C SER C 370 13.80 4.44 -21.38
N LEU C 371 12.61 5.01 -21.28
CA LEU C 371 12.34 6.16 -20.41
C LEU C 371 12.37 5.82 -18.92
N THR C 372 12.47 4.53 -18.59
CA THR C 372 12.51 4.12 -17.19
C THR C 372 13.94 3.87 -16.70
N SER C 373 14.91 4.09 -17.59
CA SER C 373 16.31 3.87 -17.26
C SER C 373 17.03 5.06 -16.64
N THR C 374 17.78 4.78 -15.57
CA THR C 374 18.54 5.82 -14.89
C THR C 374 19.98 5.86 -15.41
N PHE C 375 20.21 5.26 -16.58
CA PHE C 375 21.55 5.24 -17.15
C PHE C 375 21.77 5.99 -18.45
N THR C 376 21.45 5.36 -19.58
CA THR C 376 21.67 5.98 -20.89
C THR C 376 20.42 6.18 -21.75
N GLN C 377 19.89 7.40 -21.75
CA GLN C 377 18.71 7.73 -22.55
C GLN C 377 19.02 8.74 -23.63
N ALA C 378 18.58 8.45 -24.86
CA ALA C 378 18.76 9.38 -25.98
C ALA C 378 17.54 10.27 -25.92
N PHE C 379 17.52 11.17 -24.94
CA PHE C 379 16.41 12.07 -24.72
C PHE C 379 16.93 13.51 -24.50
N VAL C 380 16.54 14.41 -25.40
CA VAL C 380 16.91 15.83 -25.33
C VAL C 380 15.64 16.61 -25.03
N ALA C 381 15.57 17.20 -23.84
CA ALA C 381 14.37 17.94 -23.45
C ALA C 381 14.59 19.33 -22.87
N ARG C 382 13.50 20.08 -22.79
CA ARG C 382 13.52 21.43 -22.25
C ARG C 382 12.37 21.58 -21.23
N ARG C 383 12.52 22.51 -20.29
CA ARG C 383 11.52 22.73 -19.25
C ARG C 383 10.19 23.31 -19.67
N TRP C 384 9.15 22.99 -18.89
CA TRP C 384 7.82 23.56 -19.09
C TRP C 384 7.87 24.90 -18.32
N GLN C 385 8.02 26.00 -19.04
CA GLN C 385 8.09 27.28 -18.34
C GLN C 385 6.83 28.13 -18.33
N SER C 386 5.70 27.47 -18.55
CA SER C 386 4.39 28.11 -18.59
C SER C 386 3.32 27.01 -18.61
N LEU C 387 2.13 27.32 -18.10
CA LEU C 387 1.04 26.36 -18.12
C LEU C 387 0.11 26.64 -19.30
N HIS C 388 0.64 27.34 -20.29
CA HIS C 388 -0.10 27.69 -21.49
C HIS C 388 0.88 27.79 -22.66
N PHE C 389 1.27 26.64 -23.21
CA PHE C 389 2.19 26.63 -24.33
C PHE C 389 1.89 25.54 -25.35
N GLU C 390 2.70 25.53 -26.41
CA GLU C 390 2.54 24.56 -27.49
C GLU C 390 3.92 24.11 -27.96
N ALA C 391 4.19 22.81 -27.82
CA ALA C 391 5.48 22.24 -28.24
C ALA C 391 5.23 21.36 -29.47
N GLU C 392 6.17 21.38 -30.41
CA GLU C 392 6.01 20.60 -31.63
C GLU C 392 7.34 20.15 -32.24
N THR C 393 7.31 19.01 -32.92
CA THR C 393 8.49 18.45 -33.57
C THR C 393 8.06 17.57 -34.74
N ALA C 394 8.99 17.26 -35.63
CA ALA C 394 8.72 16.41 -36.78
C ALA C 394 9.83 15.37 -36.81
N VAL C 395 9.45 14.09 -36.88
CA VAL C 395 10.45 13.03 -36.88
C VAL C 395 10.37 12.05 -38.05
N GLU C 396 11.53 11.74 -38.63
CA GLU C 396 11.63 10.78 -39.72
C GLU C 396 12.26 9.51 -39.07
N PHE C 397 11.39 8.52 -38.89
CA PHE C 397 11.75 7.28 -38.23
C PHE C 397 11.23 6.04 -38.96
N TYR C 398 12.10 5.06 -39.17
CA TYR C 398 11.72 3.83 -39.85
C TYR C 398 12.08 2.59 -39.00
N PRO C 399 11.35 2.38 -37.90
CA PRO C 399 11.60 1.24 -37.01
C PRO C 399 11.28 -0.10 -37.69
N GLU C 400 12.13 -1.08 -37.44
CA GLU C 400 11.97 -2.41 -38.00
C GLU C 400 11.47 -3.45 -37.00
N ASN C 401 11.50 -3.11 -35.72
CA ASN C 401 11.01 -3.99 -34.67
C ASN C 401 10.29 -3.21 -33.56
N PHE C 402 9.51 -3.91 -32.74
CA PHE C 402 8.74 -3.27 -31.67
C PHE C 402 9.57 -2.68 -30.53
N GLN C 403 10.86 -2.94 -30.51
CA GLN C 403 11.74 -2.42 -29.47
C GLN C 403 12.36 -1.08 -29.87
N GLN C 404 11.87 -0.50 -30.97
CA GLN C 404 12.37 0.78 -31.46
C GLN C 404 11.23 1.79 -31.51
N ALA C 405 11.39 2.90 -30.79
CA ALA C 405 10.36 3.95 -30.76
C ALA C 405 10.99 5.33 -30.62
N ALA C 406 10.38 6.33 -31.25
CA ALA C 406 10.89 7.69 -31.18
C ALA C 406 9.78 8.71 -31.36
N GLY C 407 9.78 9.75 -30.52
CA GLY C 407 8.75 10.77 -30.63
C GLY C 407 8.84 11.92 -29.64
N LEU C 408 7.66 12.49 -29.33
CA LEU C 408 7.54 13.60 -28.41
C LEU C 408 7.25 13.05 -27.01
N VAL C 409 7.96 13.55 -26.02
CA VAL C 409 7.79 13.09 -24.64
C VAL C 409 7.72 14.14 -23.56
N ASN C 410 6.68 14.09 -22.73
CA ASN C 410 6.49 15.01 -21.61
C ASN C 410 6.84 14.19 -20.40
N TYR C 411 7.92 14.59 -19.72
CA TYR C 411 8.54 13.81 -18.65
C TYR C 411 8.87 14.51 -17.33
N TYR C 412 8.81 13.71 -16.26
CA TYR C 412 9.14 14.30 -14.95
C TYR C 412 10.38 13.50 -14.47
N ASN C 413 10.12 12.20 -14.30
CA ASN C 413 11.10 11.19 -13.90
C ASN C 413 10.87 9.81 -14.54
N THR C 414 11.75 8.85 -14.27
CA THR C 414 11.63 7.52 -14.87
C THR C 414 10.32 6.79 -14.58
N GLU C 415 9.59 7.24 -13.58
CA GLU C 415 8.33 6.61 -13.22
C GLU C 415 7.10 7.44 -13.60
N ASN C 416 7.33 8.65 -14.10
CA ASN C 416 6.24 9.55 -14.46
C ASN C 416 6.48 10.27 -15.79
N TRP C 417 5.75 9.86 -16.82
CA TRP C 417 5.86 10.45 -18.13
C TRP C 417 4.81 9.95 -19.11
N THR C 418 4.71 10.62 -20.24
CA THR C 418 3.80 10.23 -21.31
C THR C 418 4.62 10.37 -22.59
N ALA C 419 4.39 9.46 -23.55
CA ALA C 419 5.16 9.51 -24.78
C ALA C 419 4.37 9.13 -26.01
N LEU C 420 4.46 9.96 -27.04
CA LEU C 420 3.79 9.71 -28.31
C LEU C 420 4.93 9.38 -29.26
N GLN C 421 5.10 8.09 -29.53
CA GLN C 421 6.20 7.65 -30.39
C GLN C 421 5.84 6.84 -31.62
N VAL C 422 6.68 6.96 -32.64
CA VAL C 422 6.52 6.21 -33.89
C VAL C 422 7.22 4.88 -33.61
N THR C 423 6.49 3.78 -33.75
CA THR C 423 7.06 2.47 -33.49
C THR C 423 6.67 1.45 -34.57
N HIS C 424 7.05 0.19 -34.38
CA HIS C 424 6.74 -0.86 -35.33
C HIS C 424 5.87 -1.98 -34.77
N ASP C 425 4.84 -2.34 -35.51
CA ASP C 425 3.94 -3.42 -35.14
C ASP C 425 4.13 -4.51 -36.18
N GLU C 426 4.18 -5.76 -35.73
CA GLU C 426 4.39 -6.90 -36.62
C GLU C 426 3.32 -7.04 -37.70
N GLU C 427 2.07 -6.77 -37.34
CA GLU C 427 0.95 -6.89 -38.27
C GLU C 427 0.62 -5.60 -39.03
N LEU C 428 0.69 -4.47 -38.34
CA LEU C 428 0.35 -3.18 -38.95
C LEU C 428 1.51 -2.36 -39.52
N GLY C 429 2.74 -2.69 -39.17
CA GLY C 429 3.88 -1.93 -39.66
C GLY C 429 4.10 -0.71 -38.78
N ARG C 430 4.47 0.42 -39.37
CA ARG C 430 4.68 1.63 -38.58
C ARG C 430 3.39 2.14 -37.98
N ILE C 431 3.40 2.39 -36.68
CA ILE C 431 2.24 2.90 -35.96
C ILE C 431 2.66 4.00 -35.00
N LEU C 432 1.71 4.86 -34.61
CA LEU C 432 1.98 5.92 -33.67
C LEU C 432 1.35 5.49 -32.35
N GLU C 433 2.18 5.23 -31.35
CA GLU C 433 1.68 4.76 -30.07
C GLU C 433 1.85 5.72 -28.89
N LEU C 434 0.87 5.71 -27.99
CA LEU C 434 0.89 6.53 -26.79
C LEU C 434 1.14 5.61 -25.59
N THR C 435 2.22 5.87 -24.86
CA THR C 435 2.55 5.08 -23.68
C THR C 435 2.55 5.98 -22.47
N ILE C 436 1.95 5.52 -21.38
CA ILE C 436 1.85 6.29 -20.15
C ILE C 436 2.46 5.56 -18.96
N CYS C 437 3.23 6.30 -18.16
CA CYS C 437 3.81 5.73 -16.95
C CYS C 437 3.37 6.67 -15.82
N ASP C 438 2.36 6.22 -15.09
CA ASP C 438 1.77 6.96 -13.99
C ASP C 438 2.26 6.38 -12.66
N ASN C 439 3.27 6.99 -12.07
CA ASN C 439 3.86 6.52 -10.82
C ASN C 439 4.15 5.02 -10.92
N PHE C 440 4.81 4.66 -12.01
CA PHE C 440 5.19 3.30 -12.35
C PHE C 440 4.05 2.35 -12.76
N SER C 441 2.90 2.92 -13.07
CA SER C 441 1.74 2.15 -13.52
C SER C 441 1.68 2.34 -15.04
N PHE C 442 2.13 1.35 -15.80
CA PHE C 442 2.11 1.49 -17.25
C PHE C 442 0.81 1.21 -17.98
N SER C 443 0.60 1.90 -19.10
CA SER C 443 -0.59 1.73 -19.91
C SER C 443 -0.51 2.43 -21.27
N GLN C 444 -1.04 1.72 -22.26
CA GLN C 444 -1.13 2.10 -23.67
C GLN C 444 -2.63 2.07 -23.98
N PRO C 445 -3.38 3.11 -23.57
CA PRO C 445 -4.84 3.27 -23.70
C PRO C 445 -5.46 3.30 -25.11
N LEU C 446 -4.70 3.53 -26.16
CA LEU C 446 -5.25 3.52 -27.51
C LEU C 446 -5.63 2.12 -27.98
N ASN C 447 -6.93 1.84 -28.03
CA ASN C 447 -7.42 0.53 -28.48
C ASN C 447 -7.22 0.39 -29.98
N ASN C 448 -7.56 1.45 -30.71
CA ASN C 448 -7.39 1.46 -32.17
C ASN C 448 -6.04 2.08 -32.47
N LYS C 449 -5.09 1.26 -32.89
CA LYS C 449 -3.75 1.75 -33.19
C LYS C 449 -3.74 2.68 -34.40
N ILE C 450 -2.95 3.73 -34.30
CA ILE C 450 -2.81 4.72 -35.37
C ILE C 450 -1.77 4.23 -36.38
N VAL C 451 -2.23 3.82 -37.55
CA VAL C 451 -1.34 3.31 -38.59
C VAL C 451 -0.74 4.44 -39.43
N ILE C 452 0.57 4.39 -39.64
CA ILE C 452 1.29 5.39 -40.42
C ILE C 452 1.59 4.85 -41.82
N PRO C 453 1.08 5.53 -42.87
CA PRO C 453 1.32 5.09 -44.24
C PRO C 453 2.83 5.03 -44.55
N ARG C 454 3.21 4.11 -45.42
CA ARG C 454 4.62 3.94 -45.78
C ARG C 454 5.26 5.14 -46.47
N GLU C 455 4.48 5.91 -47.22
CA GLU C 455 4.99 7.07 -47.93
C GLU C 455 5.24 8.31 -47.07
N VAL C 456 4.82 8.25 -45.81
CA VAL C 456 5.00 9.37 -44.88
C VAL C 456 6.47 9.51 -44.46
N LYS C 457 7.08 10.63 -44.84
CA LYS C 457 8.48 10.89 -44.49
C LYS C 457 8.61 11.45 -43.08
N TYR C 458 7.84 12.50 -42.78
CA TYR C 458 7.86 13.11 -41.47
C TYR C 458 6.54 12.98 -40.73
N VAL C 459 6.63 12.59 -39.45
CA VAL C 459 5.45 12.45 -38.61
C VAL C 459 5.48 13.62 -37.64
N TYR C 460 4.56 14.56 -37.83
CA TYR C 460 4.48 15.75 -36.99
C TYR C 460 3.77 15.46 -35.68
N LEU C 461 4.43 15.80 -34.57
CA LEU C 461 3.89 15.56 -33.23
C LEU C 461 3.78 16.88 -32.47
N ARG C 462 2.63 17.11 -31.84
CA ARG C 462 2.43 18.34 -31.09
C ARG C 462 1.73 18.08 -29.75
N VAL C 463 1.94 18.99 -28.80
CA VAL C 463 1.32 18.89 -27.50
C VAL C 463 0.88 20.27 -27.06
N ASN C 464 -0.35 20.37 -26.58
CA ASN C 464 -0.91 21.65 -26.13
C ASN C 464 -1.19 21.63 -24.65
N ILE C 465 -0.44 22.43 -23.88
CA ILE C 465 -0.63 22.50 -22.44
C ILE C 465 -1.63 23.61 -22.14
N GLU C 466 -2.72 23.25 -21.47
CA GLU C 466 -3.77 24.18 -21.12
C GLU C 466 -4.10 24.11 -19.63
N LYS C 467 -3.20 24.67 -18.82
CA LYS C 467 -3.32 24.71 -17.37
C LYS C 467 -3.32 23.34 -16.69
N ASP C 468 -4.51 22.84 -16.37
CA ASP C 468 -4.64 21.54 -15.69
C ASP C 468 -4.64 20.33 -16.61
N LYS C 469 -4.74 20.55 -17.92
CA LYS C 469 -4.76 19.46 -18.88
C LYS C 469 -3.93 19.76 -20.13
N TYR C 470 -3.45 18.71 -20.78
CA TYR C 470 -2.68 18.84 -22.01
C TYR C 470 -3.08 17.74 -22.99
N TYR C 471 -3.00 18.03 -24.28
CA TYR C 471 -3.42 17.07 -25.31
C TYR C 471 -2.36 16.88 -26.40
N TYR C 472 -2.30 15.67 -26.93
CA TYR C 472 -1.37 15.35 -28.02
C TYR C 472 -2.06 15.45 -29.36
N PHE C 473 -1.30 15.86 -30.38
CA PHE C 473 -1.81 15.99 -31.74
C PHE C 473 -0.77 15.41 -32.69
N TYR C 474 -1.21 14.94 -33.85
CA TYR C 474 -0.27 14.39 -34.83
C TYR C 474 -0.73 14.69 -36.26
N SER C 475 0.20 14.63 -37.19
CA SER C 475 -0.10 14.92 -38.59
C SER C 475 0.91 14.26 -39.50
N PHE C 476 0.47 13.92 -40.71
CA PHE C 476 1.35 13.29 -41.68
C PHE C 476 1.70 14.26 -42.80
N ASN C 477 1.15 15.46 -42.80
CA ASN C 477 1.43 16.39 -43.90
C ASN C 477 1.58 17.87 -43.52
N LYS C 478 1.69 18.14 -42.22
CA LYS C 478 1.88 19.51 -41.74
C LYS C 478 0.73 20.48 -42.06
N GLU C 479 -0.48 19.94 -42.29
CA GLU C 479 -1.66 20.75 -42.60
C GLU C 479 -2.88 20.26 -41.82
N ASP C 480 -3.07 18.95 -41.90
CA ASP C 480 -4.22 18.31 -41.27
C ASP C 480 -3.80 17.63 -39.97
N TRP C 481 -4.21 18.22 -38.85
CA TRP C 481 -3.88 17.67 -37.55
C TRP C 481 -4.97 16.75 -37.00
N HIS C 482 -4.57 15.76 -36.21
CA HIS C 482 -5.51 14.83 -35.61
C HIS C 482 -5.27 14.81 -34.11
N LYS C 483 -6.35 15.01 -33.35
CA LYS C 483 -6.26 15.04 -31.90
C LYS C 483 -6.49 13.73 -31.17
N ILE C 484 -5.51 13.30 -30.37
CA ILE C 484 -5.63 12.08 -29.60
C ILE C 484 -6.60 12.42 -28.47
N ASP C 485 -7.82 11.91 -28.57
CA ASP C 485 -8.86 12.20 -27.60
C ASP C 485 -8.66 11.63 -26.19
N ILE C 486 -7.69 12.19 -25.48
CA ILE C 486 -7.37 11.81 -24.11
C ILE C 486 -6.86 13.06 -23.38
N ALA C 487 -7.64 13.53 -22.42
CA ALA C 487 -7.27 14.72 -21.65
C ALA C 487 -6.29 14.35 -20.54
N LEU C 488 -5.01 14.46 -20.84
CA LEU C 488 -3.97 14.14 -19.88
C LEU C 488 -3.89 15.23 -18.81
N GLU C 489 -3.65 14.81 -17.57
CA GLU C 489 -3.57 15.75 -16.46
C GLU C 489 -2.16 16.25 -16.19
N SER C 490 -2.00 17.57 -16.18
CA SER C 490 -0.71 18.20 -15.95
C SER C 490 -0.19 17.98 -14.53
N LYS C 491 -1.09 17.69 -13.60
CA LYS C 491 -0.72 17.44 -12.21
C LYS C 491 0.14 16.20 -12.06
N LYS C 492 0.04 15.27 -13.00
CA LYS C 492 0.81 14.05 -12.95
C LYS C 492 2.29 14.24 -13.25
N LEU C 493 2.65 15.45 -13.69
CA LEU C 493 4.03 15.78 -13.97
C LEU C 493 4.46 16.90 -13.04
N SER C 494 4.05 16.80 -11.77
CA SER C 494 4.39 17.82 -10.79
C SER C 494 5.11 17.25 -9.56
N ASP C 495 5.75 18.13 -8.80
CA ASP C 495 6.48 17.75 -7.60
C ASP C 495 5.56 17.14 -6.56
N ASP C 496 4.34 17.67 -6.50
CA ASP C 496 3.34 17.24 -5.53
C ASP C 496 2.60 15.95 -5.83
N TYR C 497 2.83 15.37 -6.99
CA TYR C 497 2.15 14.14 -7.38
C TYR C 497 3.03 12.90 -7.34
N ILE C 498 4.25 13.01 -7.85
CA ILE C 498 5.18 11.88 -7.91
C ILE C 498 5.58 11.33 -6.54
N ARG C 499 5.79 10.02 -6.49
CA ARG C 499 6.17 9.33 -5.25
C ARG C 499 7.69 9.30 -5.08
N GLY C 500 8.13 9.04 -3.85
CA GLY C 500 9.54 8.97 -3.57
C GLY C 500 10.09 10.12 -2.74
N GLY C 501 11.27 9.92 -2.20
CA GLY C 501 11.91 10.95 -1.38
C GLY C 501 12.41 12.12 -2.23
N GLY C 502 12.57 11.87 -3.52
CA GLY C 502 13.04 12.90 -4.43
C GLY C 502 11.93 13.41 -5.34
N PHE C 503 11.55 14.67 -5.12
CA PHE C 503 10.47 15.33 -5.89
C PHE C 503 10.91 16.77 -6.08
N PHE C 504 12.11 16.95 -6.61
CA PHE C 504 12.68 18.28 -6.76
C PHE C 504 12.96 18.76 -8.17
N THR C 505 12.27 18.29 -9.20
CA THR C 505 12.58 18.79 -10.54
C THR C 505 11.40 19.57 -11.13
N GLY C 506 10.77 19.01 -12.15
CA GLY C 506 9.65 19.66 -12.81
C GLY C 506 9.40 19.01 -14.16
N ALA C 507 8.29 19.39 -14.81
CA ALA C 507 7.93 18.84 -16.10
C ALA C 507 8.84 19.30 -17.24
N PHE C 508 9.19 18.37 -18.12
CA PHE C 508 10.03 18.64 -19.28
C PHE C 508 9.31 18.15 -20.54
N VAL C 509 9.71 18.67 -21.69
CA VAL C 509 9.15 18.27 -22.97
C VAL C 509 10.30 18.20 -23.97
N GLY C 510 10.38 17.09 -24.71
CA GLY C 510 11.46 16.96 -25.67
C GLY C 510 11.37 15.83 -26.68
N MET C 511 12.46 15.65 -27.40
CA MET C 511 12.57 14.63 -28.44
C MET C 511 13.29 13.40 -27.88
N GLN C 512 12.79 12.22 -28.21
CA GLN C 512 13.39 11.00 -27.70
C GLN C 512 13.40 9.86 -28.70
N CYS C 513 14.32 8.92 -28.50
CA CYS C 513 14.44 7.74 -29.33
C CYS C 513 15.02 6.61 -28.51
N GLN C 514 14.37 5.46 -28.56
CA GLN C 514 14.83 4.30 -27.83
C GLN C 514 14.92 3.09 -28.74
N ASP C 515 15.93 2.27 -28.49
CA ASP C 515 16.15 1.05 -29.24
C ASP C 515 16.66 0.03 -28.25
N THR C 516 15.73 -0.73 -27.69
CA THR C 516 16.07 -1.77 -26.73
C THR C 516 16.38 -3.08 -27.44
N GLY C 517 16.60 -3.00 -28.75
CA GLY C 517 16.94 -4.17 -29.55
C GLY C 517 18.45 -4.29 -29.72
N GLY C 518 19.12 -3.14 -29.63
CA GLY C 518 20.57 -3.12 -29.75
C GLY C 518 21.10 -2.51 -31.04
N ASN C 519 20.19 -2.17 -31.95
CA ASN C 519 20.57 -1.60 -33.25
C ASN C 519 20.89 -0.10 -33.25
N HIS C 520 20.58 0.59 -32.15
CA HIS C 520 20.83 2.03 -32.04
C HIS C 520 20.27 2.79 -33.25
N ILE C 521 19.05 2.45 -33.65
CA ILE C 521 18.42 3.08 -34.80
C ILE C 521 18.25 4.59 -34.64
N PRO C 522 18.70 5.36 -35.64
CA PRO C 522 18.59 6.83 -35.61
C PRO C 522 17.20 7.36 -35.89
N ALA C 523 16.90 8.52 -35.31
CA ALA C 523 15.62 9.20 -35.48
C ALA C 523 15.95 10.66 -35.76
N ASP C 524 15.53 11.15 -36.93
CA ASP C 524 15.82 12.53 -37.31
C ASP C 524 14.69 13.50 -37.03
N PHE C 525 14.95 14.46 -36.15
CA PHE C 525 13.97 15.48 -35.80
C PHE C 525 14.31 16.74 -36.59
N ARG C 526 13.41 17.15 -37.48
CA ARG C 526 13.61 18.32 -38.33
C ARG C 526 13.64 19.65 -37.58
N TYR C 527 12.86 19.76 -36.51
CA TYR C 527 12.81 20.99 -35.72
C TYR C 527 12.11 20.77 -34.39
N PHE C 528 12.20 21.77 -33.52
CA PHE C 528 11.53 21.72 -32.23
C PHE C 528 10.98 23.10 -31.91
N ARG C 529 9.66 23.22 -31.91
CA ARG C 529 9.00 24.48 -31.63
C ARG C 529 8.46 24.53 -30.20
N TYR C 530 8.60 25.69 -29.57
CA TYR C 530 8.12 25.91 -28.21
C TYR C 530 7.61 27.35 -28.18
N LYS C 531 6.29 27.50 -28.03
CA LYS C 531 5.69 28.82 -27.99
C LYS C 531 4.71 28.99 -26.84
N GLU C 532 5.04 29.90 -25.92
CA GLU C 532 4.17 30.17 -24.79
C GLU C 532 3.10 31.16 -25.22
N LYS C 533 1.89 30.97 -24.69
CA LYS C 533 0.74 31.82 -24.98
C LYS C 533 0.89 33.18 -24.32
N LYS D 2 27.34 -40.78 -5.44
CA LYS D 2 28.70 -40.20 -5.68
C LYS D 2 28.73 -38.68 -5.76
N ILE D 3 27.85 -38.09 -6.57
CA ILE D 3 27.78 -36.63 -6.68
C ILE D 3 26.75 -36.18 -5.64
N THR D 4 27.16 -35.29 -4.74
CA THR D 4 26.25 -34.79 -3.72
C THR D 4 25.88 -33.34 -4.01
N ASN D 5 24.60 -33.12 -4.31
CA ASN D 5 24.09 -31.79 -4.60
C ASN D 5 23.63 -31.04 -3.36
N PRO D 6 23.73 -29.70 -3.38
CA PRO D 6 24.22 -28.86 -4.48
C PRO D 6 25.74 -28.97 -4.59
N VAL D 7 26.23 -28.99 -5.82
CA VAL D 7 27.65 -29.07 -6.09
C VAL D 7 28.31 -27.72 -5.80
N LEU D 8 27.59 -26.63 -6.09
CA LEU D 8 28.07 -25.28 -5.83
C LEU D 8 27.08 -24.69 -4.82
N LYS D 9 27.49 -24.65 -3.56
CA LYS D 9 26.63 -24.15 -2.48
C LYS D 9 26.63 -22.63 -2.36
N GLY D 10 25.53 -22.09 -1.86
CA GLY D 10 25.42 -20.64 -1.71
C GLY D 10 25.06 -19.98 -3.02
N PHE D 11 25.08 -18.65 -3.03
CA PHE D 11 24.76 -17.84 -4.21
C PHE D 11 25.61 -18.23 -5.43
N ASN D 12 25.06 -19.10 -6.26
CA ASN D 12 25.71 -19.61 -7.48
C ASN D 12 24.62 -20.06 -8.44
N PRO D 13 23.85 -19.12 -9.01
CA PRO D 13 22.75 -19.44 -9.94
C PRO D 13 23.14 -19.53 -11.41
N ASP D 14 22.14 -19.88 -12.22
CA ASP D 14 22.28 -19.98 -13.68
C ASP D 14 23.58 -20.63 -14.14
N PRO D 15 23.78 -21.92 -13.80
CA PRO D 15 25.00 -22.64 -14.18
C PRO D 15 25.12 -22.90 -15.68
N SER D 16 26.29 -22.58 -16.22
CA SER D 16 26.60 -22.79 -17.63
C SER D 16 27.80 -23.72 -17.64
N ILE D 17 27.54 -25.01 -17.82
CA ILE D 17 28.59 -26.01 -17.83
C ILE D 17 29.14 -26.26 -19.23
N CYS D 18 30.45 -26.43 -19.32
CA CYS D 18 31.09 -26.70 -20.61
C CYS D 18 32.34 -27.53 -20.39
N ARG D 19 32.72 -28.29 -21.41
CA ARG D 19 33.90 -29.13 -21.32
C ARG D 19 35.01 -28.64 -22.23
N ALA D 20 36.24 -28.70 -21.73
CA ALA D 20 37.42 -28.31 -22.47
C ALA D 20 38.40 -29.46 -22.31
N GLY D 21 38.33 -30.42 -23.23
CA GLY D 21 39.19 -31.59 -23.16
C GLY D 21 38.69 -32.47 -22.04
N GLU D 22 39.48 -32.58 -20.96
CA GLU D 22 39.09 -33.39 -19.81
C GLU D 22 38.84 -32.53 -18.58
N ASP D 23 38.63 -31.24 -18.81
CA ASP D 23 38.35 -30.28 -17.74
C ASP D 23 36.92 -29.80 -17.87
N TYR D 24 36.26 -29.60 -16.72
CA TYR D 24 34.88 -29.14 -16.71
C TYR D 24 34.75 -27.82 -15.95
N TYR D 25 33.96 -26.90 -16.50
CA TYR D 25 33.77 -25.59 -15.89
C TYR D 25 32.29 -25.20 -15.80
N ILE D 26 31.94 -24.45 -14.77
CA ILE D 26 30.58 -23.97 -14.60
C ILE D 26 30.63 -22.47 -14.29
N ALA D 27 30.05 -21.68 -15.18
CA ALA D 27 29.99 -20.24 -15.01
C ALA D 27 28.63 -19.90 -14.39
N VAL D 28 28.64 -19.05 -13.37
CA VAL D 28 27.39 -18.66 -12.70
C VAL D 28 27.23 -17.14 -12.66
N SER D 29 26.00 -16.69 -12.47
CA SER D 29 25.70 -15.26 -12.41
C SER D 29 26.17 -14.64 -11.09
N THR D 30 26.53 -13.36 -11.16
CA THR D 30 27.02 -12.63 -9.98
C THR D 30 26.22 -11.36 -9.69
N PHE D 31 25.49 -10.88 -10.69
CA PHE D 31 24.67 -9.69 -10.59
C PHE D 31 25.46 -8.45 -10.18
N GLU D 32 25.14 -7.85 -9.04
CA GLU D 32 25.86 -6.66 -8.61
C GLU D 32 27.24 -6.92 -7.97
N TRP D 33 27.54 -8.17 -7.64
CA TRP D 33 28.83 -8.49 -7.04
C TRP D 33 30.01 -8.49 -8.01
N PHE D 34 31.10 -7.84 -7.59
CA PHE D 34 32.30 -7.68 -8.41
C PHE D 34 33.51 -8.39 -7.77
N PRO D 35 34.39 -9.00 -8.59
CA PRO D 35 34.38 -9.12 -10.06
C PRO D 35 33.29 -10.04 -10.59
N GLY D 36 32.82 -9.73 -11.80
CA GLY D 36 31.75 -10.48 -12.42
C GLY D 36 31.99 -11.92 -12.84
N VAL D 37 30.91 -12.69 -12.78
CA VAL D 37 30.82 -14.11 -13.11
C VAL D 37 31.83 -15.04 -12.50
N GLN D 38 31.33 -15.96 -11.67
CA GLN D 38 32.17 -16.95 -11.01
C GLN D 38 32.30 -18.19 -11.89
N ILE D 39 33.51 -18.71 -11.99
CA ILE D 39 33.73 -19.92 -12.77
C ILE D 39 34.37 -20.99 -11.88
N HIS D 40 33.72 -22.14 -11.82
CA HIS D 40 34.22 -23.24 -11.00
C HIS D 40 34.79 -24.32 -11.91
N HIS D 41 35.76 -25.07 -11.40
CA HIS D 41 36.41 -26.12 -12.17
C HIS D 41 36.28 -27.49 -11.51
N SER D 42 36.34 -28.54 -12.33
CA SER D 42 36.24 -29.92 -11.85
C SER D 42 36.80 -30.89 -12.87
N LYS D 43 37.19 -32.07 -12.38
CA LYS D 43 37.72 -33.13 -13.23
C LYS D 43 36.76 -34.31 -13.24
N ASP D 44 36.10 -34.54 -12.10
CA ASP D 44 35.16 -35.66 -11.95
C ASP D 44 33.68 -35.31 -11.77
N LEU D 45 33.36 -34.02 -11.83
CA LEU D 45 31.99 -33.51 -11.65
C LEU D 45 31.47 -33.68 -10.22
N VAL D 46 32.29 -34.27 -9.36
CA VAL D 46 31.93 -34.47 -7.96
C VAL D 46 32.54 -33.37 -7.10
N ASN D 47 33.85 -33.18 -7.27
CA ASN D 47 34.61 -32.19 -6.52
C ASN D 47 34.82 -30.93 -7.35
N TRP D 48 34.48 -29.78 -6.76
CA TRP D 48 34.62 -28.50 -7.45
C TRP D 48 35.41 -27.48 -6.63
N HIS D 49 35.84 -26.41 -7.30
CA HIS D 49 36.57 -25.33 -6.65
C HIS D 49 36.51 -24.05 -7.48
N LEU D 50 36.34 -22.93 -6.80
CA LEU D 50 36.26 -21.62 -7.46
C LEU D 50 37.64 -21.27 -8.02
N VAL D 51 37.71 -20.98 -9.31
CA VAL D 51 38.98 -20.67 -9.96
C VAL D 51 39.11 -19.30 -10.63
N ALA D 52 38.00 -18.67 -11.00
CA ALA D 52 38.11 -17.37 -11.68
C ALA D 52 36.86 -16.51 -11.65
N HIS D 53 37.07 -15.25 -12.02
CA HIS D 53 36.09 -14.18 -12.18
C HIS D 53 36.58 -13.36 -13.38
N PRO D 54 36.16 -13.72 -14.59
CA PRO D 54 36.54 -13.05 -15.84
C PRO D 54 36.44 -11.53 -15.89
N LEU D 55 35.29 -11.00 -15.48
CA LEU D 55 35.06 -9.56 -15.51
C LEU D 55 35.66 -8.81 -14.33
N GLN D 56 36.94 -8.46 -14.48
CA GLN D 56 37.68 -7.77 -13.43
C GLN D 56 37.92 -6.27 -13.71
N ARG D 57 37.71 -5.85 -14.95
CA ARG D 57 37.93 -4.46 -15.34
C ARG D 57 36.63 -3.67 -15.56
N VAL D 58 36.67 -2.38 -15.26
CA VAL D 58 35.51 -1.50 -15.44
C VAL D 58 35.13 -1.41 -16.92
N SER D 59 36.11 -1.52 -17.80
CA SER D 59 35.87 -1.46 -19.24
C SER D 59 35.03 -2.65 -19.69
N GLN D 60 35.10 -3.74 -18.93
CA GLN D 60 34.35 -4.95 -19.21
C GLN D 60 33.01 -4.91 -18.48
N LEU D 61 33.05 -4.47 -17.22
CA LEU D 61 31.85 -4.40 -16.41
C LEU D 61 31.83 -3.17 -15.51
N ASP D 62 30.94 -2.23 -15.85
CA ASP D 62 30.78 -0.99 -15.09
C ASP D 62 29.41 -1.05 -14.44
N MET D 63 29.37 -1.40 -13.15
CA MET D 63 28.10 -1.51 -12.45
C MET D 63 27.83 -0.48 -11.36
N LYS D 64 28.57 0.62 -11.38
CA LYS D 64 28.35 1.67 -10.37
C LYS D 64 26.97 2.28 -10.59
N GLY D 65 26.13 2.21 -9.56
CA GLY D 65 24.78 2.75 -9.65
C GLY D 65 23.74 1.73 -10.07
N ASN D 66 24.18 0.52 -10.43
CA ASN D 66 23.26 -0.54 -10.84
C ASN D 66 22.27 -0.91 -9.73
N PRO D 67 21.01 -1.17 -10.11
CA PRO D 67 19.99 -1.55 -9.12
C PRO D 67 20.28 -2.93 -8.54
N ASN D 68 19.70 -3.23 -7.38
CA ASN D 68 19.91 -4.53 -6.74
C ASN D 68 19.44 -5.63 -7.69
N SER D 69 20.25 -6.68 -7.79
CA SER D 69 19.98 -7.83 -8.65
C SER D 69 20.01 -7.47 -10.13
N GLY D 70 20.71 -6.38 -10.43
CA GLY D 70 20.89 -5.96 -11.80
C GLY D 70 22.23 -6.51 -12.23
N GLY D 71 22.88 -5.83 -13.17
CA GLY D 71 24.19 -6.26 -13.62
C GLY D 71 24.25 -7.61 -14.32
N VAL D 72 25.20 -8.44 -13.90
CA VAL D 72 25.42 -9.75 -14.50
C VAL D 72 24.36 -10.81 -14.23
N TRP D 73 23.54 -11.09 -15.23
CA TRP D 73 22.52 -12.12 -15.10
C TRP D 73 23.11 -13.45 -15.60
N ALA D 74 22.27 -14.37 -16.05
CA ALA D 74 22.75 -15.66 -16.54
C ALA D 74 23.82 -15.57 -17.63
N PRO D 75 25.01 -16.13 -17.37
CA PRO D 75 26.11 -16.11 -18.34
C PRO D 75 26.13 -17.39 -19.19
N CYS D 76 26.94 -17.40 -20.24
CA CYS D 76 27.08 -18.56 -21.10
C CYS D 76 28.56 -18.79 -21.38
N LEU D 77 29.08 -19.92 -20.89
CA LEU D 77 30.49 -20.27 -21.08
C LEU D 77 30.61 -21.43 -22.05
N SER D 78 31.40 -21.23 -23.11
CA SER D 78 31.61 -22.28 -24.10
C SER D 78 33.09 -22.38 -24.46
N TYR D 79 33.45 -23.49 -25.11
CA TYR D 79 34.83 -23.69 -25.54
C TYR D 79 34.84 -24.13 -26.99
N SER D 80 35.55 -23.37 -27.82
CA SER D 80 35.64 -23.66 -29.24
C SER D 80 36.82 -22.92 -29.86
N ASP D 81 37.38 -23.50 -30.92
CA ASP D 81 38.50 -22.91 -31.64
C ASP D 81 39.70 -22.60 -30.74
N GLY D 82 39.92 -23.45 -29.74
CA GLY D 82 41.04 -23.27 -28.83
C GLY D 82 40.94 -22.14 -27.82
N LYS D 83 39.73 -21.72 -27.48
CA LYS D 83 39.54 -20.66 -26.49
C LYS D 83 38.15 -20.67 -25.87
N PHE D 84 38.02 -19.99 -24.74
CA PHE D 84 36.76 -19.91 -24.04
C PHE D 84 35.99 -18.67 -24.49
N TRP D 85 34.67 -18.83 -24.63
CA TRP D 85 33.80 -17.74 -25.05
C TRP D 85 32.83 -17.45 -23.91
N LEU D 86 32.81 -16.22 -23.43
CA LEU D 86 31.90 -15.86 -22.35
C LEU D 86 30.89 -14.79 -22.77
N ILE D 87 29.61 -15.15 -22.72
CA ILE D 87 28.54 -14.24 -23.05
C ILE D 87 27.94 -13.79 -21.72
N TYR D 88 27.89 -12.48 -21.48
CA TYR D 88 27.33 -11.96 -20.26
C TYR D 88 26.43 -10.76 -20.53
N THR D 89 25.61 -10.43 -19.54
CA THR D 89 24.66 -9.32 -19.67
C THR D 89 24.84 -8.31 -18.53
N ASP D 90 24.50 -7.06 -18.80
CA ASP D 90 24.57 -5.99 -17.80
C ASP D 90 23.16 -5.39 -17.81
N VAL D 91 22.35 -5.81 -16.84
CA VAL D 91 20.97 -5.33 -16.72
C VAL D 91 20.90 -4.04 -15.91
N LYS D 92 20.41 -2.98 -16.55
CA LYS D 92 20.29 -1.67 -15.90
C LYS D 92 18.95 -1.43 -15.24
N VAL D 93 17.89 -2.06 -15.75
CA VAL D 93 16.55 -1.91 -15.21
C VAL D 93 15.96 -3.28 -14.87
N VAL D 94 15.59 -3.47 -13.61
CA VAL D 94 15.01 -4.73 -13.15
C VAL D 94 13.54 -4.65 -12.76
N ASP D 95 12.93 -3.48 -12.95
CA ASP D 95 11.53 -3.28 -12.61
C ASP D 95 10.77 -2.53 -13.71
N GLY D 96 9.45 -2.73 -13.73
CA GLY D 96 8.63 -2.05 -14.71
C GLY D 96 8.39 -2.83 -15.99
N ALA D 97 7.90 -2.13 -17.01
CA ALA D 97 7.61 -2.73 -18.30
C ALA D 97 8.87 -3.14 -19.06
N TRP D 98 9.95 -2.40 -18.85
CA TRP D 98 11.21 -2.68 -19.52
C TRP D 98 12.22 -3.40 -18.66
N LYS D 99 13.25 -3.96 -19.31
CA LYS D 99 14.31 -4.68 -18.63
C LYS D 99 15.59 -4.35 -19.41
N ASP D 100 15.88 -3.05 -19.51
CA ASP D 100 17.06 -2.58 -20.23
C ASP D 100 18.35 -3.33 -19.86
N CYS D 101 18.93 -3.99 -20.85
CA CYS D 101 20.14 -4.76 -20.65
C CYS D 101 20.95 -4.81 -21.94
N HIS D 102 22.23 -5.16 -21.82
CA HIS D 102 23.11 -5.25 -22.98
C HIS D 102 23.96 -6.50 -22.89
N ASN D 103 24.04 -7.22 -24.01
CA ASN D 103 24.82 -8.46 -24.06
C ASN D 103 26.19 -8.23 -24.67
N TYR D 104 27.20 -8.90 -24.10
CA TYR D 104 28.57 -8.77 -24.57
C TYR D 104 29.27 -10.12 -24.69
N LEU D 105 30.41 -10.11 -25.37
CA LEU D 105 31.22 -11.31 -25.56
C LEU D 105 32.68 -11.02 -25.25
N VAL D 106 33.29 -11.87 -24.43
CA VAL D 106 34.71 -11.75 -24.08
C VAL D 106 35.32 -13.13 -24.22
N THR D 107 36.57 -13.19 -24.71
CA THR D 107 37.24 -14.45 -24.91
C THR D 107 38.58 -14.54 -24.15
N CYS D 108 39.13 -15.75 -24.05
CA CYS D 108 40.41 -15.98 -23.38
C CYS D 108 40.81 -17.44 -23.60
N GLU D 109 42.08 -17.65 -23.95
CA GLU D 109 42.58 -18.99 -24.19
C GLU D 109 42.62 -19.80 -22.89
N THR D 110 42.74 -19.12 -21.76
CA THR D 110 42.75 -19.78 -20.45
C THR D 110 41.54 -19.31 -19.64
N ILE D 111 41.09 -20.15 -18.71
CA ILE D 111 39.93 -19.81 -17.90
C ILE D 111 40.20 -18.69 -16.88
N ASN D 112 41.43 -18.59 -16.41
CA ASN D 112 41.80 -17.57 -15.43
C ASN D 112 42.80 -16.52 -15.93
N GLY D 113 42.93 -16.40 -17.24
CA GLY D 113 43.84 -15.42 -17.82
C GLY D 113 43.17 -14.07 -17.93
N ASP D 114 43.74 -13.18 -18.73
CA ASP D 114 43.17 -11.85 -18.91
C ASP D 114 42.20 -11.88 -20.09
N TRP D 115 40.91 -11.85 -19.78
CA TRP D 115 39.87 -11.86 -20.81
C TRP D 115 39.91 -10.59 -21.66
N SER D 116 39.47 -10.71 -22.90
CA SER D 116 39.45 -9.60 -23.84
C SER D 116 38.44 -8.51 -23.49
N GLU D 117 38.51 -7.42 -24.24
CA GLU D 117 37.57 -6.33 -24.06
C GLU D 117 36.25 -6.80 -24.66
N PRO D 118 35.11 -6.38 -24.09
CA PRO D 118 33.79 -6.79 -24.58
C PRO D 118 33.44 -6.42 -26.02
N ILE D 119 32.71 -7.32 -26.66
CA ILE D 119 32.23 -7.13 -28.03
C ILE D 119 30.72 -6.98 -27.91
N LYS D 120 30.19 -5.83 -28.33
CA LYS D 120 28.76 -5.57 -28.25
C LYS D 120 27.97 -6.51 -29.17
N LEU D 121 26.98 -7.18 -28.62
CA LEU D 121 26.15 -8.10 -29.37
C LEU D 121 24.78 -7.49 -29.69
N ASN D 122 23.86 -7.58 -28.74
CA ASN D 122 22.52 -7.02 -28.88
C ASN D 122 21.94 -6.65 -27.51
N SER D 123 20.70 -6.21 -27.48
CA SER D 123 20.05 -5.81 -26.24
C SER D 123 18.59 -6.27 -26.16
N SER D 124 18.13 -7.00 -27.17
CA SER D 124 16.73 -7.45 -27.24
C SER D 124 16.21 -8.28 -26.06
N GLY D 125 17.12 -8.78 -25.22
CA GLY D 125 16.70 -9.57 -24.07
C GLY D 125 17.88 -10.19 -23.36
N PHE D 126 17.63 -10.75 -22.18
CA PHE D 126 18.69 -11.38 -21.40
C PHE D 126 18.86 -12.87 -21.73
N ASP D 127 19.67 -13.55 -20.94
CA ASP D 127 19.97 -14.98 -21.13
C ASP D 127 20.58 -15.30 -22.49
N ALA D 128 21.49 -14.45 -22.94
CA ALA D 128 22.16 -14.66 -24.22
C ALA D 128 23.07 -15.88 -24.13
N SER D 129 23.18 -16.63 -25.22
CA SER D 129 23.99 -17.85 -25.25
C SER D 129 24.61 -18.03 -26.63
N LEU D 130 25.88 -18.44 -26.67
CA LEU D 130 26.57 -18.68 -27.94
C LEU D 130 26.62 -20.17 -28.27
N PHE D 131 26.07 -20.53 -29.43
CA PHE D 131 26.04 -21.90 -29.89
C PHE D 131 27.05 -22.14 -31.01
N HIS D 132 27.89 -23.14 -30.86
CA HIS D 132 28.89 -23.47 -31.87
C HIS D 132 28.42 -24.72 -32.61
N ASP D 133 27.91 -24.53 -33.83
CA ASP D 133 27.41 -25.64 -34.63
C ASP D 133 28.54 -26.48 -35.22
N THR D 134 28.21 -27.71 -35.60
CA THR D 134 29.16 -28.65 -36.16
C THR D 134 29.69 -28.30 -37.55
N ASP D 135 29.13 -27.24 -38.15
CA ASP D 135 29.57 -26.80 -39.48
C ASP D 135 30.49 -25.58 -39.43
N GLY D 136 30.87 -25.17 -38.22
CA GLY D 136 31.74 -24.02 -38.06
C GLY D 136 31.00 -22.71 -37.85
N LYS D 137 29.68 -22.72 -38.01
CA LYS D 137 28.89 -21.51 -37.81
C LYS D 137 28.56 -21.31 -36.35
N LYS D 138 28.42 -20.04 -35.94
CA LYS D 138 28.10 -19.71 -34.56
C LYS D 138 26.80 -18.90 -34.53
N TYR D 139 25.99 -19.12 -33.50
CA TYR D 139 24.71 -18.43 -33.37
C TYR D 139 24.49 -17.93 -31.96
N LEU D 140 23.87 -16.76 -31.84
CA LEU D 140 23.56 -16.18 -30.53
C LEU D 140 22.07 -16.37 -30.26
N LEU D 141 21.77 -16.93 -29.09
CA LEU D 141 20.39 -17.16 -28.67
C LEU D 141 20.13 -16.27 -27.47
N ASN D 142 18.87 -15.88 -27.29
CA ASN D 142 18.47 -15.06 -26.16
C ASN D 142 16.95 -14.91 -26.16
N MET D 143 16.39 -14.60 -24.99
CA MET D 143 14.94 -14.42 -24.90
C MET D 143 14.60 -13.01 -25.36
N LEU D 144 13.40 -12.86 -25.91
CA LEU D 144 12.93 -11.57 -26.39
C LEU D 144 12.03 -10.92 -25.34
N TRP D 145 12.44 -9.75 -24.85
CA TRP D 145 11.65 -9.05 -23.84
C TRP D 145 10.62 -8.13 -24.47
N ASP D 146 9.35 -8.37 -24.19
CA ASP D 146 8.27 -7.55 -24.73
C ASP D 146 7.71 -6.62 -23.64
N HIS D 147 7.92 -5.32 -23.84
CA HIS D 147 7.46 -4.32 -22.88
C HIS D 147 6.00 -3.93 -23.06
N ARG D 148 5.43 -4.22 -24.22
CA ARG D 148 4.05 -3.87 -24.53
C ARG D 148 3.02 -4.44 -23.56
N ILE D 149 2.12 -3.57 -23.12
CA ILE D 149 1.07 -3.90 -22.16
C ILE D 149 0.19 -5.11 -22.46
N ASP D 150 -0.29 -5.22 -23.69
CA ASP D 150 -1.16 -6.34 -24.06
C ASP D 150 -0.48 -7.67 -24.38
N ARG D 151 0.78 -7.81 -24.01
CA ARG D 151 1.52 -9.06 -24.30
C ARG D 151 2.42 -9.50 -23.14
N HIS D 152 2.62 -10.80 -23.07
CA HIS D 152 3.49 -11.34 -22.02
C HIS D 152 4.94 -10.89 -22.26
N SER D 153 5.67 -10.47 -21.20
CA SER D 153 7.04 -9.99 -21.31
C SER D 153 8.01 -10.95 -22.00
N PHE D 154 7.77 -12.25 -21.86
CA PHE D 154 8.63 -13.23 -22.49
C PHE D 154 8.09 -13.55 -23.89
N GLY D 155 8.60 -12.82 -24.87
CA GLY D 155 8.16 -12.98 -26.25
C GLY D 155 8.76 -14.10 -27.07
N GLY D 156 9.41 -15.06 -26.40
CA GLY D 156 9.99 -16.17 -27.13
C GLY D 156 11.51 -16.18 -27.23
N ILE D 157 12.04 -17.18 -27.94
CA ILE D 157 13.47 -17.34 -28.12
C ILE D 157 13.90 -16.92 -29.52
N VAL D 158 14.85 -15.99 -29.60
CA VAL D 158 15.35 -15.53 -30.90
C VAL D 158 16.75 -16.06 -31.16
N ILE D 159 17.11 -16.15 -32.44
CA ILE D 159 18.43 -16.62 -32.83
C ILE D 159 18.95 -15.76 -33.97
N GLN D 160 20.26 -15.56 -34.00
CA GLN D 160 20.89 -14.76 -35.04
C GLN D 160 22.33 -15.23 -35.16
N GLU D 161 22.78 -15.44 -36.39
CA GLU D 161 24.14 -15.89 -36.62
C GLU D 161 25.18 -14.85 -36.20
N TYR D 162 26.24 -15.32 -35.54
CA TYR D 162 27.31 -14.46 -35.10
C TYR D 162 28.54 -14.66 -35.99
N SER D 163 29.03 -13.57 -36.56
CA SER D 163 30.21 -13.62 -37.42
C SER D 163 31.45 -13.42 -36.55
N ASP D 164 32.23 -14.49 -36.41
CA ASP D 164 33.45 -14.44 -35.62
C ASP D 164 34.48 -13.50 -36.24
N LYS D 165 34.51 -13.47 -37.57
CA LYS D 165 35.45 -12.62 -38.30
C LYS D 165 35.12 -11.14 -38.20
N GLU D 166 33.86 -10.80 -38.41
CA GLU D 166 33.41 -9.41 -38.35
C GLU D 166 33.10 -8.95 -36.93
N GLN D 167 33.13 -9.89 -35.99
CA GLN D 167 32.85 -9.63 -34.58
C GLN D 167 31.51 -8.91 -34.36
N LYS D 168 30.47 -9.45 -34.98
CA LYS D 168 29.12 -8.87 -34.86
C LYS D 168 28.06 -9.85 -35.34
N LEU D 169 26.82 -9.60 -34.96
CA LEU D 169 25.71 -10.44 -35.41
C LEU D 169 25.39 -10.06 -36.84
N ILE D 170 25.14 -11.06 -37.68
CA ILE D 170 24.82 -10.81 -39.09
C ILE D 170 23.41 -11.27 -39.44
N GLY D 171 22.94 -10.84 -40.61
CA GLY D 171 21.61 -11.21 -41.05
C GLY D 171 20.54 -10.56 -40.21
N LYS D 172 19.46 -11.30 -39.98
CA LYS D 172 18.34 -10.82 -39.18
C LYS D 172 17.93 -11.86 -38.14
N PRO D 173 17.55 -11.42 -36.93
CA PRO D 173 17.14 -12.35 -35.88
C PRO D 173 15.73 -12.87 -36.16
N LYS D 174 15.41 -14.05 -35.62
CA LYS D 174 14.09 -14.63 -35.81
C LYS D 174 13.70 -15.57 -34.67
N VAL D 175 12.42 -15.56 -34.32
CA VAL D 175 11.90 -16.40 -33.26
C VAL D 175 11.84 -17.85 -33.73
N ILE D 176 12.42 -18.75 -32.95
CA ILE D 176 12.43 -20.18 -33.29
C ILE D 176 11.66 -21.04 -32.29
N PHE D 177 11.24 -20.43 -31.18
CA PHE D 177 10.51 -21.16 -30.14
C PHE D 177 9.71 -20.20 -29.27
N GLU D 178 8.49 -20.59 -28.92
CA GLU D 178 7.65 -19.74 -28.08
C GLU D 178 7.28 -20.34 -26.74
N GLY D 179 7.86 -21.49 -26.42
CA GLY D 179 7.60 -22.13 -25.14
C GLY D 179 6.30 -22.90 -24.99
N THR D 180 6.06 -23.39 -23.78
CA THR D 180 4.86 -24.16 -23.46
C THR D 180 3.95 -23.35 -22.54
N ASP D 181 2.96 -24.02 -21.94
CA ASP D 181 2.03 -23.36 -21.03
C ASP D 181 2.68 -22.93 -19.71
N ARG D 182 3.92 -23.36 -19.49
CA ARG D 182 4.67 -22.98 -18.28
C ARG D 182 5.08 -21.51 -18.42
N LYS D 183 5.20 -21.07 -19.67
CA LYS D 183 5.57 -19.69 -20.00
C LYS D 183 6.88 -19.21 -19.37
N LEU D 184 7.10 -17.89 -19.44
CA LEU D 184 8.34 -17.27 -18.94
C LEU D 184 9.54 -17.99 -19.54
N THR D 185 9.42 -18.32 -20.82
CA THR D 185 10.46 -19.02 -21.57
C THR D 185 11.74 -18.19 -21.66
N GLU D 186 12.83 -18.77 -21.18
CA GLU D 186 14.12 -18.10 -21.17
C GLU D 186 15.26 -19.11 -21.15
N ALA D 187 16.46 -18.65 -20.83
CA ALA D 187 17.65 -19.51 -20.77
C ALA D 187 17.85 -20.45 -21.97
N PRO D 188 17.76 -19.92 -23.20
CA PRO D 188 17.94 -20.76 -24.39
C PRO D 188 19.36 -21.29 -24.57
N HIS D 189 19.47 -22.60 -24.81
CA HIS D 189 20.75 -23.25 -25.04
C HIS D 189 20.52 -24.27 -26.15
N LEU D 190 21.35 -24.20 -27.20
CA LEU D 190 21.20 -25.13 -28.32
C LEU D 190 22.30 -26.18 -28.31
N TYR D 191 21.96 -27.40 -28.71
CA TYR D 191 22.90 -28.51 -28.76
C TYR D 191 22.62 -29.36 -30.01
N HIS D 192 23.65 -29.61 -30.80
CA HIS D 192 23.47 -30.44 -31.99
C HIS D 192 23.94 -31.85 -31.64
N ILE D 193 22.98 -32.71 -31.27
CA ILE D 193 23.28 -34.08 -30.89
C ILE D 193 22.63 -35.06 -31.88
N GLY D 194 23.47 -35.86 -32.54
CA GLY D 194 22.94 -36.82 -33.50
C GLY D 194 22.27 -36.14 -34.68
N ASN D 195 21.04 -36.56 -34.97
CA ASN D 195 20.28 -36.01 -36.09
C ASN D 195 19.33 -34.87 -35.69
N TYR D 196 19.51 -34.32 -34.50
CA TYR D 196 18.64 -33.25 -34.04
C TYR D 196 19.35 -32.06 -33.38
N TYR D 197 18.61 -30.96 -33.31
CA TYR D 197 19.07 -29.73 -32.65
C TYR D 197 18.21 -29.61 -31.40
N TYR D 198 18.82 -29.76 -30.23
CA TYR D 198 18.03 -29.70 -29.00
C TYR D 198 18.04 -28.32 -28.36
N LEU D 199 16.88 -27.69 -28.28
CA LEU D 199 16.76 -26.37 -27.66
C LEU D 199 16.30 -26.52 -26.21
N LEU D 200 17.21 -26.22 -25.29
CA LEU D 200 16.91 -26.29 -23.87
C LEU D 200 16.53 -24.90 -23.36
N THR D 201 15.46 -24.82 -22.57
CA THR D 201 15.02 -23.54 -22.03
C THR D 201 14.55 -23.67 -20.57
N ALA D 202 14.35 -22.53 -19.93
CA ALA D 202 13.88 -22.50 -18.55
C ALA D 202 12.51 -21.84 -18.62
N GLU D 203 11.55 -22.36 -17.86
CA GLU D 203 10.20 -21.81 -17.86
C GLU D 203 9.60 -21.77 -16.47
N GLY D 204 8.55 -20.96 -16.32
CA GLY D 204 7.86 -20.84 -15.05
C GLY D 204 8.45 -19.86 -14.04
N GLY D 205 9.49 -19.13 -14.44
CA GLY D 205 10.09 -18.19 -13.52
C GLY D 205 11.07 -18.88 -12.59
N THR D 206 12.01 -18.12 -12.04
CA THR D 206 13.02 -18.67 -11.17
C THR D 206 12.56 -18.99 -9.74
N ARG D 207 11.26 -18.88 -9.48
CA ARG D 207 10.75 -19.20 -8.15
C ARG D 207 10.41 -20.69 -8.09
N TYR D 208 9.36 -21.05 -7.36
CA TYR D 208 9.00 -22.46 -7.24
C TYR D 208 8.35 -23.11 -8.45
N GLU D 209 7.90 -22.31 -9.41
CA GLU D 209 7.30 -22.85 -10.62
C GLU D 209 8.37 -23.15 -11.68
N HIS D 210 9.62 -22.94 -11.30
CA HIS D 210 10.76 -23.14 -12.20
C HIS D 210 10.84 -24.54 -12.78
N ALA D 211 11.22 -24.61 -14.06
CA ALA D 211 11.34 -25.87 -14.77
C ALA D 211 12.32 -25.74 -15.94
N ALA D 212 12.74 -26.88 -16.47
CA ALA D 212 13.64 -26.91 -17.62
C ALA D 212 12.94 -27.72 -18.69
N THR D 213 12.69 -27.09 -19.84
CA THR D 213 12.02 -27.79 -20.93
C THR D 213 12.97 -27.99 -22.11
N ILE D 214 12.71 -29.00 -22.93
CA ILE D 214 13.56 -29.26 -24.08
C ILE D 214 12.73 -29.63 -25.31
N ALA D 215 13.20 -29.22 -26.48
CA ALA D 215 12.53 -29.48 -27.73
C ALA D 215 13.58 -29.83 -28.78
N ARG D 216 13.17 -30.47 -29.87
CA ARG D 216 14.12 -30.84 -30.91
C ARG D 216 13.63 -30.49 -32.31
N SER D 217 14.56 -30.43 -33.25
CA SER D 217 14.24 -30.10 -34.63
C SER D 217 15.39 -30.56 -35.53
N ALA D 218 15.04 -31.09 -36.70
CA ALA D 218 16.05 -31.55 -37.65
C ALA D 218 16.87 -30.37 -38.15
N ASN D 219 16.19 -29.24 -38.34
CA ASN D 219 16.83 -28.01 -38.79
C ASN D 219 16.90 -26.98 -37.66
N ILE D 220 17.92 -26.13 -37.70
CA ILE D 220 18.12 -25.12 -36.66
C ILE D 220 17.00 -24.06 -36.54
N GLU D 221 16.33 -23.78 -37.65
CA GLU D 221 15.24 -22.79 -37.66
C GLU D 221 13.96 -23.29 -36.98
N GLY D 222 13.81 -24.60 -36.89
CA GLY D 222 12.62 -25.16 -36.30
C GLY D 222 11.53 -25.37 -37.34
N PRO D 223 10.26 -25.52 -36.93
CA PRO D 223 9.74 -25.52 -35.55
C PRO D 223 10.23 -26.68 -34.69
N TYR D 224 10.33 -26.42 -33.40
CA TYR D 224 10.79 -27.42 -32.43
C TYR D 224 9.62 -28.16 -31.76
N GLU D 225 9.76 -29.47 -31.65
CA GLU D 225 8.76 -30.31 -31.01
C GLU D 225 9.21 -30.54 -29.56
N VAL D 226 8.33 -30.28 -28.61
CA VAL D 226 8.68 -30.45 -27.20
C VAL D 226 8.71 -31.91 -26.75
N HIS D 227 9.52 -32.18 -25.72
CA HIS D 227 9.68 -33.51 -25.13
C HIS D 227 8.30 -34.07 -24.76
N PRO D 228 8.08 -35.37 -25.02
CA PRO D 228 6.80 -36.02 -24.71
C PRO D 228 6.43 -36.03 -23.22
N ASP D 229 7.43 -35.95 -22.35
CA ASP D 229 7.20 -35.91 -20.91
C ASP D 229 7.81 -34.64 -20.35
N ASN D 230 7.52 -33.53 -21.02
CA ASN D 230 8.02 -32.23 -20.61
C ASN D 230 7.23 -31.69 -19.42
N PRO D 231 7.90 -30.95 -18.51
CA PRO D 231 9.31 -30.57 -18.47
C PRO D 231 10.21 -31.72 -18.03
N ILE D 232 11.43 -31.75 -18.54
CA ILE D 232 12.38 -32.80 -18.17
C ILE D 232 12.92 -32.60 -16.75
N LEU D 233 12.72 -31.40 -16.21
CA LEU D 233 13.18 -31.07 -14.87
C LEU D 233 12.25 -30.04 -14.22
N THR D 234 11.75 -30.35 -13.03
CA THR D 234 10.87 -29.47 -12.27
C THR D 234 10.40 -30.16 -11.00
N SER D 235 10.31 -29.39 -9.91
CA SER D 235 9.83 -29.94 -8.65
C SER D 235 8.69 -29.09 -8.09
N TRP D 236 8.04 -28.32 -8.96
CA TRP D 236 6.93 -27.47 -8.57
C TRP D 236 5.82 -28.27 -7.89
N HIS D 237 5.48 -29.40 -8.49
CA HIS D 237 4.43 -30.29 -7.99
C HIS D 237 4.81 -31.06 -6.73
N ASP D 238 6.08 -30.97 -6.33
CA ASP D 238 6.57 -31.71 -5.16
C ASP D 238 7.30 -30.81 -4.14
N PRO D 239 6.55 -30.18 -3.22
CA PRO D 239 7.14 -29.31 -2.20
C PRO D 239 8.04 -30.04 -1.20
N GLY D 240 7.92 -31.36 -1.15
CA GLY D 240 8.72 -32.15 -0.23
C GLY D 240 10.10 -32.53 -0.75
N ASN D 241 10.34 -32.29 -2.03
CA ASN D 241 11.63 -32.61 -2.63
C ASN D 241 12.74 -31.73 -2.07
N PRO D 242 13.91 -32.33 -1.74
CA PRO D 242 15.04 -31.58 -1.20
C PRO D 242 15.50 -30.42 -2.08
N LEU D 243 15.43 -30.62 -3.39
CA LEU D 243 15.82 -29.59 -4.36
C LEU D 243 14.60 -28.91 -4.95
N GLN D 244 14.55 -27.58 -4.85
CA GLN D 244 13.42 -26.81 -5.37
C GLN D 244 13.89 -25.83 -6.45
N LYS D 245 12.94 -25.15 -7.09
CA LYS D 245 13.26 -24.17 -8.13
C LYS D 245 14.20 -24.74 -9.20
N CYS D 246 14.02 -26.02 -9.52
CA CYS D 246 14.88 -26.69 -10.49
C CYS D 246 14.66 -26.25 -11.94
N GLY D 247 15.61 -25.47 -12.44
CA GLY D 247 15.52 -24.99 -13.81
C GLY D 247 16.78 -24.29 -14.27
N HIS D 248 16.68 -23.62 -15.42
CA HIS D 248 17.82 -22.90 -16.02
C HIS D 248 19.03 -23.83 -16.09
N ALA D 249 18.85 -24.93 -16.80
CA ALA D 249 19.89 -25.94 -16.94
C ALA D 249 20.78 -25.81 -18.19
N SER D 250 21.84 -26.62 -18.20
CA SER D 250 22.79 -26.69 -19.30
C SER D 250 23.28 -28.14 -19.38
N ILE D 251 23.40 -28.66 -20.60
CA ILE D 251 23.82 -30.04 -20.82
C ILE D 251 25.31 -30.17 -21.15
N VAL D 252 25.93 -31.23 -20.66
CA VAL D 252 27.35 -31.48 -20.93
C VAL D 252 27.60 -32.96 -21.21
N GLN D 253 28.42 -33.23 -22.22
CA GLN D 253 28.79 -34.59 -22.55
C GLN D 253 30.23 -34.75 -22.11
N THR D 254 30.46 -35.66 -21.17
CA THR D 254 31.79 -35.92 -20.66
C THR D 254 32.67 -36.59 -21.71
N HIS D 255 33.97 -36.66 -21.45
CA HIS D 255 34.88 -37.30 -22.38
C HIS D 255 34.70 -38.82 -22.32
N THR D 256 33.95 -39.27 -21.33
CA THR D 256 33.66 -40.69 -21.15
C THR D 256 32.32 -41.05 -21.80
N ASP D 257 31.80 -40.12 -22.60
CA ASP D 257 30.52 -40.27 -23.32
C ASP D 257 29.33 -40.48 -22.38
N GLU D 258 29.24 -39.64 -21.36
CA GLU D 258 28.16 -39.68 -20.38
C GLU D 258 27.46 -38.32 -20.38
N TRP D 259 26.18 -38.29 -20.05
CA TRP D 259 25.42 -37.05 -20.07
C TRP D 259 24.94 -36.56 -18.72
N TYR D 260 25.18 -35.28 -18.45
CA TYR D 260 24.76 -34.66 -17.20
C TYR D 260 24.07 -33.32 -17.43
N LEU D 261 23.23 -32.94 -16.48
CA LEU D 261 22.47 -31.70 -16.57
C LEU D 261 22.66 -30.79 -15.36
N ALA D 262 23.42 -29.71 -15.54
CA ALA D 262 23.65 -28.76 -14.45
C ALA D 262 22.43 -27.84 -14.40
N HIS D 263 22.02 -27.43 -13.20
CA HIS D 263 20.86 -26.56 -13.05
C HIS D 263 20.89 -25.84 -11.71
N LEU D 264 20.17 -24.71 -11.62
CA LEU D 264 20.11 -23.98 -10.36
C LEU D 264 19.02 -24.64 -9.51
N THR D 265 19.08 -24.41 -8.20
CA THR D 265 18.11 -25.00 -7.29
C THR D 265 18.10 -24.20 -5.98
N GLY D 266 17.03 -24.34 -5.20
CA GLY D 266 16.94 -23.65 -3.94
C GLY D 266 16.56 -24.62 -2.84
N ARG D 267 17.25 -24.55 -1.71
CA ARG D 267 16.95 -25.42 -0.57
C ARG D 267 16.33 -24.56 0.52
N PRO D 268 15.01 -24.41 0.50
CA PRO D 268 14.28 -23.59 1.48
C PRO D 268 14.11 -24.15 2.88
N ILE D 269 13.97 -23.24 3.84
CA ILE D 269 13.72 -23.56 5.23
C ILE D 269 12.25 -23.19 5.44
N HIS D 270 11.62 -23.76 6.45
CA HIS D 270 10.22 -23.46 6.74
C HIS D 270 10.09 -23.09 8.21
N PRO D 271 10.51 -21.86 8.55
CA PRO D 271 10.48 -21.33 9.92
C PRO D 271 9.14 -20.84 10.44
N ASP D 272 8.22 -20.48 9.52
CA ASP D 272 6.97 -19.93 10.02
C ASP D 272 5.87 -21.00 10.20
N ASP D 273 6.21 -22.26 10.00
CA ASP D 273 5.23 -23.35 10.18
C ASP D 273 3.97 -23.21 9.31
N ASP D 274 4.12 -22.55 8.17
CA ASP D 274 3.02 -22.32 7.22
C ASP D 274 2.71 -23.55 6.38
N SER D 275 1.69 -23.58 5.54
CA SER D 275 1.40 -24.65 4.61
C SER D 275 2.43 -24.53 3.48
N ILE D 276 3.26 -25.56 3.32
CA ILE D 276 4.29 -25.55 2.28
C ILE D 276 3.74 -25.37 0.89
N PHE D 277 2.49 -25.79 0.65
CA PHE D 277 1.87 -25.64 -0.66
C PHE D 277 1.57 -24.19 -0.98
N GLN D 278 1.27 -23.39 0.04
CA GLN D 278 0.98 -21.97 -0.12
C GLN D 278 2.28 -21.18 -0.04
N GLN D 279 3.00 -21.35 1.07
CA GLN D 279 4.28 -20.67 1.31
C GLN D 279 5.37 -21.73 1.19
N ARG D 280 5.99 -21.80 0.02
CA ARG D 280 7.02 -22.80 -0.27
C ARG D 280 8.33 -22.73 0.53
N GLY D 281 8.62 -21.60 1.15
CA GLY D 281 9.85 -21.50 1.93
C GLY D 281 10.78 -20.35 1.58
N TYR D 282 11.86 -20.23 2.35
CA TYR D 282 12.85 -19.17 2.16
C TYR D 282 14.24 -19.76 1.96
N CYS D 283 14.99 -19.20 1.00
CA CYS D 283 16.33 -19.69 0.72
C CYS D 283 17.40 -18.63 0.97
N PRO D 284 17.98 -18.63 2.19
CA PRO D 284 19.03 -17.66 2.55
C PRO D 284 20.29 -17.89 1.72
N LEU D 285 20.47 -19.12 1.26
CA LEU D 285 21.63 -19.47 0.45
C LEU D 285 21.40 -19.12 -1.02
N GLY D 286 20.26 -18.50 -1.30
CA GLY D 286 19.93 -18.11 -2.66
C GLY D 286 19.72 -19.31 -3.57
N ARG D 287 20.12 -19.15 -4.84
CA ARG D 287 20.00 -20.22 -5.82
C ARG D 287 21.38 -20.84 -6.03
N GLU D 288 21.45 -22.13 -5.76
CA GLU D 288 22.69 -22.90 -5.86
C GLU D 288 22.70 -23.77 -7.13
N THR D 289 23.85 -24.39 -7.44
CA THR D 289 23.97 -25.23 -8.62
C THR D 289 24.02 -26.73 -8.28
N ALA D 290 23.21 -27.52 -8.99
CA ALA D 290 23.17 -28.96 -8.80
C ALA D 290 23.40 -29.63 -10.16
N ILE D 291 23.76 -30.91 -10.15
CA ILE D 291 24.00 -31.65 -11.38
C ILE D 291 23.26 -32.99 -11.39
N GLN D 292 22.41 -33.18 -12.38
CA GLN D 292 21.63 -34.41 -12.52
C GLN D 292 22.23 -35.26 -13.65
N LYS D 293 21.99 -36.57 -13.59
CA LYS D 293 22.49 -37.46 -14.63
C LYS D 293 21.37 -37.65 -15.66
N LEU D 294 21.75 -37.79 -16.93
CA LEU D 294 20.77 -37.97 -17.99
C LEU D 294 20.88 -39.34 -18.64
N TYR D 295 19.79 -39.78 -19.24
CA TYR D 295 19.75 -41.05 -19.96
C TYR D 295 18.93 -40.80 -21.21
N TRP D 296 19.28 -41.48 -22.30
CA TRP D 296 18.56 -41.31 -23.55
C TRP D 296 17.60 -42.44 -23.88
N LYS D 297 16.48 -42.07 -24.47
CA LYS D 297 15.43 -43.01 -24.86
C LYS D 297 14.64 -42.39 -26.01
N ASP D 298 14.64 -43.05 -27.16
CA ASP D 298 13.94 -42.59 -28.35
C ASP D 298 14.41 -41.19 -28.78
N GLU D 299 15.71 -40.96 -28.66
CA GLU D 299 16.35 -39.69 -29.01
C GLU D 299 15.84 -38.52 -28.18
N TRP D 300 15.53 -38.79 -26.92
CA TRP D 300 15.04 -37.79 -25.98
C TRP D 300 15.77 -37.96 -24.66
N PRO D 301 16.29 -36.86 -24.07
CA PRO D 301 17.00 -36.96 -22.80
C PRO D 301 16.04 -36.95 -21.62
N TYR D 302 16.36 -37.72 -20.58
CA TYR D 302 15.53 -37.80 -19.38
C TYR D 302 16.43 -37.72 -18.15
N VAL D 303 15.91 -37.15 -17.08
CA VAL D 303 16.67 -37.03 -15.84
C VAL D 303 16.56 -38.34 -15.06
N VAL D 304 17.72 -38.90 -14.69
CA VAL D 304 17.77 -40.14 -13.92
C VAL D 304 17.22 -39.90 -12.52
N GLY D 305 16.29 -40.76 -12.10
CA GLY D 305 15.70 -40.62 -10.78
C GLY D 305 14.46 -39.76 -10.71
N GLY D 306 14.04 -39.22 -11.84
CA GLY D 306 12.84 -38.39 -11.87
C GLY D 306 13.14 -36.93 -12.18
N LYS D 307 12.16 -36.23 -12.73
CA LYS D 307 12.33 -34.83 -13.10
C LYS D 307 12.51 -33.86 -11.94
N GLU D 308 12.13 -34.29 -10.73
CA GLU D 308 12.25 -33.45 -9.54
C GLU D 308 13.71 -33.06 -9.23
N GLY D 309 14.63 -34.01 -9.46
CA GLY D 309 16.04 -33.76 -9.18
C GLY D 309 16.42 -34.41 -7.86
N SER D 310 17.55 -35.12 -7.86
CA SER D 310 18.00 -35.83 -6.67
C SER D 310 19.27 -35.27 -6.01
N LEU D 311 19.46 -35.58 -4.74
CA LEU D 311 20.65 -35.13 -4.01
C LEU D 311 21.86 -35.96 -4.37
N GLU D 312 21.69 -37.27 -4.40
CA GLU D 312 22.76 -38.20 -4.74
C GLU D 312 22.63 -38.63 -6.20
N VAL D 313 23.68 -38.39 -6.98
CA VAL D 313 23.69 -38.72 -8.41
C VAL D 313 24.94 -39.51 -8.77
N ASP D 314 24.79 -40.53 -9.61
CA ASP D 314 25.95 -41.34 -10.03
C ASP D 314 26.98 -40.48 -10.75
N ALA D 315 28.23 -40.53 -10.29
CA ALA D 315 29.31 -39.78 -10.89
C ALA D 315 29.81 -40.49 -12.16
N PRO D 316 30.40 -39.73 -13.09
CA PRO D 316 30.92 -40.32 -14.33
C PRO D 316 32.10 -41.25 -14.05
N SER D 317 32.41 -42.12 -15.01
CA SER D 317 33.51 -43.07 -14.85
C SER D 317 34.89 -42.43 -15.05
N ILE D 318 35.19 -41.41 -14.24
CA ILE D 318 36.47 -40.75 -14.31
C ILE D 318 37.08 -40.73 -12.90
N PRO D 319 38.40 -40.97 -12.79
CA PRO D 319 39.08 -40.97 -11.49
C PRO D 319 38.86 -39.71 -10.66
N GLU D 320 38.73 -39.91 -9.36
CA GLU D 320 38.50 -38.82 -8.41
C GLU D 320 39.69 -37.85 -8.32
N THR D 321 39.38 -36.56 -8.31
CA THR D 321 40.38 -35.51 -8.20
C THR D 321 39.88 -34.46 -7.21
N ILE D 322 40.41 -34.52 -5.98
CA ILE D 322 40.01 -33.56 -4.95
C ILE D 322 40.91 -32.33 -4.99
N PHE D 323 40.35 -31.17 -4.65
CA PHE D 323 41.11 -29.93 -4.65
C PHE D 323 41.25 -29.40 -3.24
N GLU D 324 42.30 -28.63 -3.00
CA GLU D 324 42.52 -28.03 -1.69
C GLU D 324 41.54 -26.87 -1.53
N ALA D 325 41.23 -26.53 -0.27
CA ALA D 325 40.30 -25.45 0.01
C ALA D 325 40.78 -24.15 -0.62
N THR D 326 39.83 -23.40 -1.18
CA THR D 326 40.12 -22.13 -1.84
C THR D 326 40.28 -20.98 -0.84
N TYR D 327 39.96 -21.25 0.43
CA TYR D 327 40.06 -20.25 1.48
C TYR D 327 40.43 -20.87 2.81
N PRO D 328 41.21 -20.16 3.64
CA PRO D 328 41.61 -20.69 4.95
C PRO D 328 40.47 -20.45 5.94
N GLU D 329 40.37 -21.31 6.96
CA GLU D 329 39.31 -21.15 7.97
C GLU D 329 39.47 -19.76 8.60
N VAL D 330 40.72 -19.40 8.91
CA VAL D 330 41.02 -18.10 9.48
C VAL D 330 41.95 -17.37 8.53
N ASP D 331 41.44 -16.32 7.89
CA ASP D 331 42.23 -15.53 6.95
C ASP D 331 42.97 -14.45 7.73
N GLU D 332 44.29 -14.59 7.83
CA GLU D 332 45.12 -13.63 8.55
C GLU D 332 45.54 -12.45 7.67
N PHE D 333 45.02 -12.40 6.45
CA PHE D 333 45.34 -11.33 5.49
C PHE D 333 46.84 -11.14 5.28
N GLU D 334 47.56 -12.25 5.18
CA GLU D 334 49.00 -12.21 4.97
C GLU D 334 49.35 -12.08 3.49
N ASP D 335 48.40 -12.38 2.61
CA ASP D 335 48.62 -12.28 1.17
C ASP D 335 48.19 -10.89 0.70
N SER D 336 48.90 -10.35 -0.29
CA SER D 336 48.58 -9.04 -0.82
C SER D 336 47.36 -9.07 -1.75
N THR D 337 46.83 -10.27 -1.99
CA THR D 337 45.67 -10.45 -2.83
C THR D 337 44.45 -10.89 -2.01
N LEU D 338 43.31 -10.25 -2.24
CA LEU D 338 42.09 -10.62 -1.53
C LEU D 338 41.69 -12.02 -1.97
N ASN D 339 41.29 -12.84 -1.01
CA ASN D 339 40.87 -14.20 -1.29
C ASN D 339 39.78 -14.19 -2.35
N ILE D 340 39.87 -15.13 -3.29
CA ILE D 340 38.91 -15.24 -4.40
C ILE D 340 37.44 -15.36 -3.96
N ASN D 341 37.23 -15.82 -2.73
CA ASN D 341 35.87 -15.98 -2.19
C ASN D 341 35.28 -14.65 -1.72
N PHE D 342 36.11 -13.61 -1.69
CA PHE D 342 35.69 -12.28 -1.28
C PHE D 342 35.29 -11.45 -2.49
N GLN D 343 34.22 -10.68 -2.35
CA GLN D 343 33.74 -9.82 -3.43
C GLN D 343 33.30 -8.47 -2.90
N THR D 344 33.29 -7.48 -3.77
CA THR D 344 32.85 -6.14 -3.41
C THR D 344 31.56 -5.81 -4.16
N LEU D 345 30.88 -4.75 -3.74
CA LEU D 345 29.63 -4.37 -4.39
C LEU D 345 29.82 -3.45 -5.59
N ARG D 346 29.43 -3.94 -6.76
CA ARG D 346 29.46 -3.20 -8.01
C ARG D 346 30.81 -2.78 -8.54
N ILE D 347 31.63 -2.11 -7.73
CA ILE D 347 32.94 -1.64 -8.17
C ILE D 347 34.15 -2.46 -7.71
N PRO D 348 35.27 -2.35 -8.43
CA PRO D 348 36.49 -3.10 -8.07
C PRO D 348 37.12 -2.64 -6.76
N PHE D 349 37.83 -3.54 -6.11
CA PHE D 349 38.51 -3.22 -4.86
C PHE D 349 39.80 -2.49 -5.21
N THR D 350 39.83 -1.19 -4.96
CA THR D 350 41.01 -0.37 -5.26
C THR D 350 41.63 0.21 -3.99
N ASN D 351 42.74 0.93 -4.15
CA ASN D 351 43.43 1.54 -3.02
C ASN D 351 42.52 2.58 -2.36
N GLU D 352 41.57 3.08 -3.14
CA GLU D 352 40.59 4.06 -2.68
C GLU D 352 39.69 3.45 -1.61
N LEU D 353 39.24 2.21 -1.85
CA LEU D 353 38.36 1.50 -0.93
C LEU D 353 39.09 0.87 0.26
N GLY D 354 40.24 0.26 0.00
CA GLY D 354 40.98 -0.38 1.07
C GLY D 354 42.40 -0.76 0.68
N SER D 355 43.06 -1.50 1.58
CA SER D 355 44.45 -1.91 1.34
C SER D 355 44.86 -3.11 2.19
N LEU D 356 45.71 -3.96 1.61
CA LEU D 356 46.24 -5.13 2.30
C LEU D 356 47.75 -4.95 2.53
N THR D 357 48.28 -3.81 2.09
CA THR D 357 49.69 -3.50 2.24
C THR D 357 50.01 -2.39 3.24
N GLN D 358 49.14 -1.37 3.33
CA GLN D 358 49.35 -0.26 4.26
C GLN D 358 49.49 -0.74 5.70
N ALA D 359 48.62 -1.66 6.10
CA ALA D 359 48.65 -2.23 7.44
C ALA D 359 48.85 -3.73 7.27
N PRO D 360 50.12 -4.18 7.21
CA PRO D 360 50.47 -5.59 7.04
C PRO D 360 49.69 -6.54 7.95
N ASN D 361 49.25 -7.64 7.36
CA ASN D 361 48.48 -8.67 8.06
C ASN D 361 47.13 -8.12 8.56
N HIS D 362 46.58 -7.18 7.81
CA HIS D 362 45.29 -6.55 8.13
C HIS D 362 44.58 -6.13 6.85
N LEU D 363 43.26 -6.09 6.90
CA LEU D 363 42.46 -5.64 5.76
C LEU D 363 41.95 -4.26 6.17
N ARG D 364 42.58 -3.21 5.63
CA ARG D 364 42.19 -1.85 5.93
C ARG D 364 41.09 -1.40 4.99
N LEU D 365 39.99 -0.90 5.55
CA LEU D 365 38.88 -0.41 4.75
C LEU D 365 38.61 1.05 5.05
N PHE D 366 38.75 1.90 4.05
CA PHE D 366 38.51 3.32 4.21
C PHE D 366 37.02 3.60 4.12
N GLY D 367 36.47 4.22 5.17
CA GLY D 367 35.06 4.53 5.21
C GLY D 367 34.50 5.30 4.04
N HIS D 368 33.44 4.77 3.43
CA HIS D 368 32.78 5.41 2.32
C HIS D 368 31.27 5.52 2.56
N GLU D 369 30.48 5.27 1.52
CA GLU D 369 29.02 5.38 1.63
C GLU D 369 28.37 4.27 2.45
N SER D 370 27.14 4.55 2.91
CA SER D 370 26.40 3.60 3.74
C SER D 370 25.98 2.32 3.00
N LEU D 371 25.40 1.40 3.77
CA LEU D 371 24.93 0.12 3.24
C LEU D 371 23.71 0.23 2.33
N THR D 372 23.12 1.43 2.26
CA THR D 372 21.96 1.63 1.41
C THR D 372 22.34 2.23 0.05
N SER D 373 23.64 2.43 -0.17
CA SER D 373 24.14 3.02 -1.42
C SER D 373 24.44 2.03 -2.53
N THR D 374 23.99 2.36 -3.74
CA THR D 374 24.23 1.53 -4.92
C THR D 374 25.46 2.02 -5.68
N PHE D 375 26.30 2.83 -5.02
CA PHE D 375 27.48 3.37 -5.68
C PHE D 375 28.84 2.92 -5.14
N THR D 376 29.30 3.55 -4.06
CA THR D 376 30.61 3.23 -3.49
C THR D 376 30.60 2.78 -2.04
N GLN D 377 30.69 1.47 -1.82
CA GLN D 377 30.70 0.91 -0.48
C GLN D 377 32.01 0.20 -0.15
N ALA D 378 32.60 0.54 0.99
CA ALA D 378 33.84 -0.10 1.43
C ALA D 378 33.38 -1.35 2.19
N PHE D 379 32.92 -2.35 1.44
CA PHE D 379 32.39 -3.58 2.01
C PHE D 379 32.93 -4.81 1.27
N VAL D 380 33.69 -5.64 2.00
CA VAL D 380 34.26 -6.85 1.45
C VAL D 380 33.53 -8.02 2.10
N ALA D 381 32.82 -8.80 1.28
CA ALA D 381 32.03 -9.91 1.81
C ALA D 381 32.16 -11.24 1.07
N ARG D 382 31.69 -12.30 1.73
CA ARG D 382 31.70 -13.65 1.18
C ARG D 382 30.32 -14.27 1.38
N ARG D 383 30.00 -15.25 0.55
CA ARG D 383 28.69 -15.92 0.60
C ARG D 383 28.41 -16.81 1.80
N TRP D 384 27.13 -16.94 2.12
CA TRP D 384 26.67 -17.85 3.16
C TRP D 384 26.45 -19.17 2.44
N GLN D 385 27.41 -20.07 2.57
CA GLN D 385 27.35 -21.37 1.93
C GLN D 385 26.88 -22.56 2.74
N SER D 386 26.19 -22.26 3.85
CA SER D 386 25.66 -23.25 4.76
C SER D 386 24.75 -22.54 5.74
N LEU D 387 23.78 -23.27 6.30
CA LEU D 387 22.88 -22.68 7.28
C LEU D 387 23.33 -23.06 8.69
N HIS D 388 24.59 -23.44 8.81
CA HIS D 388 25.18 -23.81 10.09
C HIS D 388 26.65 -23.44 10.06
N PHE D 389 26.94 -22.17 10.33
CA PHE D 389 28.32 -21.72 10.33
C PHE D 389 28.60 -20.63 11.35
N GLU D 390 29.86 -20.24 11.45
CA GLU D 390 30.29 -19.22 12.38
C GLU D 390 31.33 -18.31 11.72
N ALA D 391 30.99 -17.03 11.59
CA ALA D 391 31.88 -16.05 10.98
C ALA D 391 32.42 -15.13 12.09
N GLU D 392 33.67 -14.69 11.96
CA GLU D 392 34.26 -13.83 12.99
C GLU D 392 35.35 -12.91 12.43
N THR D 393 35.50 -11.76 13.06
CA THR D 393 36.49 -10.76 12.65
C THR D 393 36.86 -9.89 13.85
N ALA D 394 37.98 -9.17 13.75
CA ALA D 394 38.43 -8.29 14.81
C ALA D 394 38.76 -6.96 14.15
N VAL D 395 38.20 -5.87 14.66
CA VAL D 395 38.44 -4.57 14.07
C VAL D 395 38.94 -3.58 15.12
N GLU D 396 39.92 -2.80 14.66
CA GLU D 396 40.57 -1.69 15.33
C GLU D 396 39.98 -0.44 14.66
N PHE D 397 39.08 0.23 15.36
CA PHE D 397 38.42 1.41 14.81
C PHE D 397 38.30 2.51 15.86
N TYR D 398 38.66 3.73 15.49
CA TYR D 398 38.59 4.87 16.41
C TYR D 398 37.78 6.02 15.79
N PRO D 399 36.45 5.85 15.69
CA PRO D 399 35.57 6.86 15.13
C PRO D 399 35.49 8.12 16.00
N GLU D 400 35.49 9.28 15.34
CA GLU D 400 35.42 10.56 16.03
C GLU D 400 34.05 11.23 15.95
N ASN D 401 33.23 10.78 15.00
CA ASN D 401 31.87 11.31 14.83
C ASN D 401 30.87 10.19 14.57
N PHE D 402 29.59 10.48 14.74
CA PHE D 402 28.52 9.48 14.55
C PHE D 402 28.32 9.00 13.12
N GLN D 403 28.95 9.67 12.17
CA GLN D 403 28.83 9.30 10.77
C GLN D 403 29.89 8.29 10.35
N GLN D 404 30.60 7.74 11.33
CA GLN D 404 31.65 6.77 11.07
C GLN D 404 31.34 5.46 11.80
N ALA D 405 31.25 4.37 11.05
CA ALA D 405 30.96 3.06 11.63
C ALA D 405 31.65 1.94 10.85
N ALA D 406 32.06 0.89 11.55
CA ALA D 406 32.73 -0.24 10.91
C ALA D 406 32.55 -1.51 11.73
N GLY D 407 32.25 -2.62 11.05
CA GLY D 407 32.07 -3.87 11.75
C GLY D 407 31.74 -5.06 10.89
N LEU D 408 31.00 -6.00 11.47
CA LEU D 408 30.57 -7.22 10.80
C LEU D 408 29.16 -7.01 10.23
N VAL D 409 28.96 -7.41 8.97
CA VAL D 409 27.68 -7.23 8.32
C VAL D 409 27.14 -8.38 7.47
N ASN D 410 25.93 -8.82 7.81
CA ASN D 410 25.20 -9.86 7.08
C ASN D 410 24.30 -9.10 6.12
N TYR D 411 24.51 -9.28 4.82
CA TYR D 411 23.81 -8.49 3.82
C TYR D 411 23.23 -9.23 2.60
N TYR D 412 22.09 -8.74 2.12
CA TYR D 412 21.46 -9.29 0.92
C TYR D 412 21.52 -8.18 -0.13
N ASN D 413 20.84 -7.07 0.14
CA ASN D 413 20.84 -5.92 -0.76
C ASN D 413 20.78 -4.61 0.05
N THR D 414 20.80 -3.47 -0.63
CA THR D 414 20.78 -2.18 0.05
C THR D 414 19.59 -1.93 0.97
N GLU D 415 18.53 -2.72 0.81
CA GLU D 415 17.33 -2.58 1.63
C GLU D 415 17.17 -3.69 2.66
N ASN D 416 18.05 -4.68 2.61
CA ASN D 416 17.98 -5.81 3.55
C ASN D 416 19.34 -6.22 4.11
N TRP D 417 19.57 -5.90 5.38
CA TRP D 417 20.82 -6.23 6.05
C TRP D 417 20.78 -5.95 7.55
N THR D 418 21.79 -6.44 8.25
CA THR D 418 21.95 -6.23 9.68
C THR D 418 23.45 -5.91 9.86
N ALA D 419 23.76 -5.00 10.77
CA ALA D 419 25.15 -4.63 10.96
C ALA D 419 25.44 -4.28 12.41
N LEU D 420 26.54 -4.87 12.87
CA LEU D 420 27.11 -4.74 14.21
C LEU D 420 28.39 -3.94 13.99
N GLN D 421 28.31 -2.63 14.22
CA GLN D 421 29.44 -1.76 13.99
C GLN D 421 29.93 -0.94 15.18
N VAL D 422 31.22 -0.63 15.16
CA VAL D 422 31.83 0.20 16.19
C VAL D 422 31.54 1.64 15.76
N THR D 423 30.91 2.48 16.58
CA THR D 423 30.66 3.82 16.09
C THR D 423 30.92 4.80 17.24
N HIS D 424 30.63 6.09 17.01
CA HIS D 424 30.86 7.11 18.02
C HIS D 424 29.60 7.82 18.49
N ASP D 425 29.43 7.90 19.80
CA ASP D 425 28.30 8.57 20.40
C ASP D 425 28.87 9.82 21.09
N GLU D 426 28.19 10.95 20.93
CA GLU D 426 28.64 12.21 21.53
C GLU D 426 28.80 12.16 23.04
N GLU D 427 27.88 11.48 23.72
CA GLU D 427 27.90 11.38 25.18
C GLU D 427 28.67 10.18 25.73
N LEU D 428 28.57 9.04 25.04
CA LEU D 428 29.23 7.81 25.49
C LEU D 428 30.57 7.46 24.84
N GLY D 429 30.93 8.14 23.76
CA GLY D 429 32.19 7.84 23.09
C GLY D 429 32.01 6.63 22.18
N ARG D 430 33.02 5.77 22.09
CA ARG D 430 32.91 4.59 21.24
C ARG D 430 31.87 3.60 21.78
N ILE D 431 30.97 3.19 20.90
CA ILE D 431 29.93 2.23 21.25
C ILE D 431 29.76 1.20 20.14
N LEU D 432 29.22 0.04 20.49
CA LEU D 432 28.98 -1.02 19.51
C LEU D 432 27.48 -0.99 19.23
N GLU D 433 27.13 -0.60 18.01
CA GLU D 433 25.72 -0.50 17.65
C GLU D 433 25.23 -1.51 16.62
N LEU D 434 23.97 -1.93 16.78
CA LEU D 434 23.34 -2.86 15.86
C LEU D 434 22.26 -2.12 15.08
N THR D 435 22.41 -2.09 13.76
CA THR D 435 21.45 -1.43 12.89
C THR D 435 20.80 -2.46 11.99
N ILE D 436 19.49 -2.37 11.82
CA ILE D 436 18.75 -3.32 11.00
C ILE D 436 17.97 -2.62 9.89
N CYS D 437 18.03 -3.17 8.68
CA CYS D 437 17.29 -2.63 7.56
C CYS D 437 16.45 -3.79 7.03
N ASP D 438 15.17 -3.79 7.40
CA ASP D 438 14.23 -4.82 7.02
C ASP D 438 13.32 -4.31 5.90
N ASN D 439 13.69 -4.63 4.66
CA ASN D 439 12.93 -4.20 3.48
C ASN D 439 12.70 -2.69 3.55
N PHE D 440 13.80 -1.98 3.82
CA PHE D 440 13.84 -0.52 3.96
C PHE D 440 13.17 0.06 5.21
N SER D 441 12.97 -0.79 6.21
CA SER D 441 12.41 -0.38 7.48
C SER D 441 13.59 -0.34 8.46
N PHE D 442 14.10 0.84 8.79
CA PHE D 442 15.25 0.87 9.68
C PHE D 442 14.97 0.82 11.17
N SER D 443 15.90 0.26 11.93
CA SER D 443 15.78 0.16 13.37
C SER D 443 17.06 -0.22 14.07
N GLN D 444 17.27 0.38 15.24
CA GLN D 444 18.40 0.24 16.13
C GLN D 444 17.78 -0.14 17.47
N PRO D 445 17.37 -1.41 17.60
CA PRO D 445 16.72 -2.05 18.76
C PRO D 445 17.43 -2.03 20.10
N LEU D 446 18.74 -1.81 20.16
CA LEU D 446 19.41 -1.80 21.44
C LEU D 446 19.13 -0.53 22.23
N ASN D 447 18.32 -0.64 23.27
CA ASN D 447 17.98 0.51 24.11
C ASN D 447 19.18 0.91 24.94
N ASN D 448 19.85 -0.08 25.53
CA ASN D 448 21.04 0.16 26.34
C ASN D 448 22.26 -0.01 25.43
N LYS D 449 22.87 1.12 25.06
CA LYS D 449 24.03 1.11 24.17
C LYS D 449 25.23 0.40 24.79
N ILE D 450 25.91 -0.39 23.98
CA ILE D 450 27.09 -1.13 24.40
C ILE D 450 28.31 -0.21 24.33
N VAL D 451 28.80 0.23 25.49
CA VAL D 451 29.95 1.13 25.52
C VAL D 451 31.27 0.37 25.45
N ILE D 452 32.19 0.87 24.61
CA ILE D 452 33.50 0.25 24.43
C ILE D 452 34.56 1.05 25.18
N PRO D 453 35.28 0.40 26.12
CA PRO D 453 36.33 1.07 26.89
C PRO D 453 37.40 1.64 25.97
N ARG D 454 37.99 2.77 26.36
CA ARG D 454 39.01 3.43 25.55
C ARG D 454 40.27 2.61 25.31
N GLU D 455 40.63 1.76 26.27
CA GLU D 455 41.84 0.94 26.14
C GLU D 455 41.71 -0.27 25.20
N VAL D 456 40.49 -0.55 24.73
CA VAL D 456 40.27 -1.67 23.83
C VAL D 456 40.83 -1.42 22.44
N LYS D 457 41.81 -2.21 22.04
CA LYS D 457 42.44 -2.07 20.73
C LYS D 457 41.60 -2.76 19.65
N TYR D 458 41.26 -4.03 19.86
CA TYR D 458 40.46 -4.80 18.91
C TYR D 458 39.10 -5.18 19.48
N VAL D 459 38.06 -4.99 18.68
CA VAL D 459 36.70 -5.35 19.07
C VAL D 459 36.33 -6.56 18.23
N TYR D 460 36.27 -7.72 18.89
CA TYR D 460 35.96 -8.98 18.23
C TYR D 460 34.46 -9.11 17.97
N LEU D 461 34.10 -9.39 16.72
CA LEU D 461 32.69 -9.53 16.32
C LEU D 461 32.43 -10.90 15.72
N ARG D 462 31.38 -11.56 16.19
CA ARG D 462 31.05 -12.89 15.71
C ARG D 462 29.56 -13.04 15.40
N VAL D 463 29.24 -13.97 14.51
CA VAL D 463 27.86 -14.24 14.14
C VAL D 463 27.69 -15.76 13.97
N ASN D 464 26.64 -16.29 14.60
CA ASN D 464 26.38 -17.71 14.54
C ASN D 464 25.07 -18.02 13.83
N ILE D 465 25.17 -18.61 12.63
CA ILE D 465 23.98 -18.97 11.87
C ILE D 465 23.52 -20.37 12.24
N GLU D 466 22.28 -20.47 12.72
CA GLU D 466 21.70 -21.74 13.13
C GLU D 466 20.35 -21.98 12.44
N LYS D 467 20.43 -22.33 11.16
CA LYS D 467 19.27 -22.61 10.32
C LYS D 467 18.34 -21.41 10.10
N ASP D 468 17.23 -21.36 10.85
CA ASP D 468 16.27 -20.27 10.71
C ASP D 468 16.59 -19.00 11.48
N LYS D 469 17.58 -19.06 12.37
CA LYS D 469 17.98 -17.91 13.16
C LYS D 469 19.50 -17.76 13.28
N TYR D 470 19.95 -16.52 13.50
CA TYR D 470 21.38 -16.24 13.69
C TYR D 470 21.54 -15.20 14.78
N TYR D 471 22.66 -15.27 15.51
CA TYR D 471 22.92 -14.34 16.62
C TYR D 471 24.28 -13.67 16.53
N TYR D 472 24.36 -12.45 17.04
CA TYR D 472 25.62 -11.71 17.07
C TYR D 472 26.28 -11.81 18.43
N PHE D 473 27.61 -11.84 18.43
CA PHE D 473 28.39 -11.93 19.66
C PHE D 473 29.55 -10.92 19.54
N TYR D 474 30.03 -10.44 20.69
CA TYR D 474 31.15 -9.49 20.68
C TYR D 474 32.06 -9.74 21.87
N SER D 475 33.29 -9.26 21.78
CA SER D 475 34.26 -9.46 22.84
C SER D 475 35.34 -8.38 22.78
N PHE D 476 35.86 -8.02 23.94
CA PHE D 476 36.89 -7.02 24.02
C PHE D 476 38.26 -7.65 24.29
N ASN D 477 38.30 -8.93 24.63
CA ASN D 477 39.58 -9.57 24.94
C ASN D 477 39.79 -10.96 24.32
N LYS D 478 38.91 -11.37 23.43
CA LYS D 478 38.99 -12.66 22.76
C LYS D 478 38.87 -13.90 23.66
N GLU D 479 38.36 -13.73 24.88
CA GLU D 479 38.17 -14.85 25.82
C GLU D 479 36.68 -14.85 26.16
N ASP D 480 36.25 -13.78 26.82
CA ASP D 480 34.86 -13.55 27.20
C ASP D 480 33.94 -12.96 26.14
N TRP D 481 33.05 -13.79 25.62
CA TRP D 481 32.09 -13.36 24.60
C TRP D 481 30.74 -12.94 25.20
N HIS D 482 30.13 -11.92 24.62
CA HIS D 482 28.84 -11.43 25.08
C HIS D 482 27.83 -11.59 23.95
N LYS D 483 26.67 -12.16 24.26
CA LYS D 483 25.64 -12.39 23.26
C LYS D 483 24.48 -11.38 23.25
N ILE D 484 24.38 -10.71 22.10
CA ILE D 484 23.35 -9.73 21.81
C ILE D 484 22.05 -10.53 21.75
N ASP D 485 21.26 -10.41 22.81
CA ASP D 485 20.01 -11.16 22.93
C ASP D 485 18.88 -10.78 21.97
N ILE D 486 19.10 -11.06 20.69
CA ILE D 486 18.12 -10.79 19.64
C ILE D 486 18.26 -11.91 18.60
N ALA D 487 17.23 -12.75 18.50
CA ALA D 487 17.24 -13.85 17.55
C ALA D 487 16.84 -13.35 16.17
N LEU D 488 17.85 -13.00 15.37
CA LEU D 488 17.61 -12.51 14.02
C LEU D 488 17.17 -13.65 13.11
N GLU D 489 16.23 -13.36 12.22
CA GLU D 489 15.71 -14.37 11.29
C GLU D 489 16.47 -14.43 9.99
N SER D 490 16.95 -15.63 9.66
CA SER D 490 17.71 -15.87 8.45
C SER D 490 16.87 -15.70 7.17
N LYS D 491 15.55 -15.84 7.31
CA LYS D 491 14.66 -15.70 6.15
C LYS D 491 14.67 -14.28 5.61
N LYS D 492 15.00 -13.31 6.46
CA LYS D 492 15.03 -11.93 6.03
C LYS D 492 16.18 -11.60 5.08
N LEU D 493 17.07 -12.56 4.88
CA LEU D 493 18.18 -12.39 3.97
C LEU D 493 18.06 -13.45 2.87
N SER D 494 16.83 -13.68 2.40
CA SER D 494 16.60 -14.68 1.36
C SER D 494 15.94 -14.09 0.11
N ASP D 495 16.01 -14.84 -0.99
CA ASP D 495 15.43 -14.42 -2.26
C ASP D 495 13.91 -14.29 -2.15
N ASP D 496 13.34 -15.14 -1.32
CA ASP D 496 11.89 -15.20 -1.12
C ASP D 496 11.29 -14.15 -0.18
N TYR D 497 12.13 -13.39 0.49
CA TYR D 497 11.66 -12.38 1.43
C TYR D 497 11.76 -10.93 0.94
N ILE D 498 12.87 -10.60 0.30
CA ILE D 498 13.12 -9.25 -0.19
C ILE D 498 12.15 -8.79 -1.30
N ARG D 499 11.82 -7.50 -1.28
CA ARG D 499 10.90 -6.92 -2.25
C ARG D 499 11.65 -6.44 -3.50
N GLY D 500 10.90 -6.23 -4.58
CA GLY D 500 11.50 -5.77 -5.82
C GLY D 500 11.51 -6.80 -6.94
N GLY D 501 11.72 -6.32 -8.15
CA GLY D 501 11.77 -7.21 -9.30
C GLY D 501 13.03 -8.03 -9.33
N GLY D 502 14.05 -7.57 -8.61
CA GLY D 502 15.32 -8.28 -8.54
C GLY D 502 15.51 -8.97 -7.21
N PHE D 503 15.54 -10.30 -7.23
CA PHE D 503 15.71 -11.12 -6.03
C PHE D 503 16.55 -12.33 -6.43
N PHE D 504 17.69 -12.06 -7.05
CA PHE D 504 18.54 -13.11 -7.58
C PHE D 504 19.95 -13.24 -7.00
N THR D 505 20.15 -12.94 -5.71
CA THR D 505 21.47 -13.10 -5.15
C THR D 505 21.48 -14.11 -4.00
N GLY D 506 21.73 -13.63 -2.79
CA GLY D 506 21.78 -14.51 -1.62
C GLY D 506 22.46 -13.80 -0.47
N ALA D 507 22.40 -14.38 0.72
CA ALA D 507 23.00 -13.78 1.90
C ALA D 507 24.54 -13.77 1.85
N PHE D 508 25.12 -12.68 2.32
CA PHE D 508 26.57 -12.48 2.38
C PHE D 508 26.96 -12.05 3.78
N VAL D 509 28.21 -12.29 4.14
CA VAL D 509 28.74 -11.90 5.44
C VAL D 509 30.13 -11.31 5.21
N GLY D 510 30.41 -10.17 5.81
CA GLY D 510 31.72 -9.57 5.59
C GLY D 510 32.10 -8.39 6.48
N MET D 511 33.23 -7.78 6.14
CA MET D 511 33.77 -6.64 6.87
C MET D 511 33.39 -5.36 6.16
N GLN D 512 32.99 -4.35 6.92
CA GLN D 512 32.58 -3.09 6.32
C GLN D 512 32.98 -1.85 7.12
N CYS D 513 33.08 -0.72 6.45
CA CYS D 513 33.41 0.55 7.07
C CYS D 513 32.77 1.68 6.28
N GLN D 514 32.06 2.56 6.98
CA GLN D 514 31.42 3.68 6.33
C GLN D 514 31.79 4.98 7.03
N ASP D 515 31.97 6.03 6.24
CA ASP D 515 32.29 7.35 6.75
C ASP D 515 31.50 8.33 5.91
N THR D 516 30.30 8.66 6.37
CA THR D 516 29.45 9.60 5.67
C THR D 516 29.77 11.04 6.07
N GLY D 517 30.91 11.23 6.74
CA GLY D 517 31.34 12.56 7.15
C GLY D 517 32.28 13.15 6.12
N GLY D 518 32.99 12.29 5.40
CA GLY D 518 33.92 12.74 4.38
C GLY D 518 35.39 12.52 4.72
N ASN D 519 35.67 12.02 5.93
CA ASN D 519 37.05 11.80 6.36
C ASN D 519 37.70 10.50 5.90
N HIS D 520 36.92 9.60 5.31
CA HIS D 520 37.43 8.31 4.84
C HIS D 520 38.27 7.60 5.92
N ILE D 521 37.75 7.59 7.14
CA ILE D 521 38.46 6.97 8.27
C ILE D 521 38.69 5.47 8.04
N PRO D 522 39.93 5.01 8.23
CA PRO D 522 40.27 3.60 8.04
C PRO D 522 39.83 2.70 9.20
N ALA D 523 39.57 1.44 8.88
CA ALA D 523 39.18 0.43 9.85
C ALA D 523 40.05 -0.78 9.58
N ASP D 524 40.80 -1.23 10.58
CA ASP D 524 41.69 -2.38 10.40
C ASP D 524 41.13 -3.69 10.93
N PHE D 525 40.93 -4.63 10.02
CA PHE D 525 40.41 -5.95 10.38
C PHE D 525 41.58 -6.93 10.43
N ARG D 526 41.87 -7.44 11.62
CA ARG D 526 42.98 -8.37 11.84
C ARG D 526 42.83 -9.71 11.11
N TYR D 527 41.62 -10.21 11.03
CA TYR D 527 41.36 -11.49 10.37
C TYR D 527 39.88 -11.68 10.07
N PHE D 528 39.58 -12.74 9.31
CA PHE D 528 38.20 -13.09 9.00
C PHE D 528 38.06 -14.60 8.99
N ARG D 529 37.33 -15.12 9.97
CA ARG D 529 37.12 -16.55 10.08
C ARG D 529 35.74 -16.96 9.59
N TYR D 530 35.68 -18.11 8.92
CA TYR D 530 34.45 -18.66 8.40
C TYR D 530 34.56 -20.17 8.54
N LYS D 531 33.74 -20.76 9.39
CA LYS D 531 33.78 -22.20 9.60
C LYS D 531 32.39 -22.82 9.62
N GLU D 532 32.13 -23.69 8.66
CA GLU D 532 30.85 -24.37 8.57
C GLU D 532 30.86 -25.57 9.50
N LYS D 533 29.70 -25.86 10.09
CA LYS D 533 29.51 -26.96 11.03
C LYS D 533 29.50 -28.31 10.31
#